data_7PQU
#
_entry.id   7PQU
#
_cell.length_a   1.00
_cell.length_b   1.00
_cell.length_c   1.00
_cell.angle_alpha   90.00
_cell.angle_beta   90.00
_cell.angle_gamma   90.00
#
_symmetry.space_group_name_H-M   'P 1'
#
loop_
_entity.id
_entity.type
_entity.pdbx_description
1 polymer 'Potassium voltage-gated channel subfamily C member 1'
2 non-polymer 1-(4-methylphenyl)sulfonyl-N-(1,3-oxazol-2-ylmethyl)pyrrole-3-carboxamide
3 non-polymer 'POTASSIUM ION'
4 water water
#
_entity_poly.entity_id   1
_entity_poly.type   'polypeptide(L)'
_entity_poly.pdbx_seq_one_letter_code
;MGQGDESERIVINVGGTRHQTYRSTLRTLPGTRLAWLAEPDAHSHFDYDPRADEFFFDRHPGVFAHILNYYRTGKLHCPA
DVCGPLYEEELAFWGIDETDVEPCCWMTYRQHRDAEEALDSFGGAPLDNSADDADADGPGDSGDGEDELEMTKRLALSDS
PDGRPGGFWRRWQPRIWALFEDPYSSRYARYVAFASLFFILVSITTFCLETHERFNPIVNKTEIENVRNGTQVRYYREAE
TEAFLTYIEGVCVVWFTFEFLMRVIFCPNKVEFIKNSLNIIDFVAILPFYLEVGLSGLSSKAAKDVLGFLRVVRFVRILR
IFKLTRHFVGLRVLGHTLRASTNEFLLLIIFLALGVLIFATMIYYAERIGAQPNDPSASEHTHFKNIPIGFWWAVVTMTT
LGYGDMYPQTWSGMLVGALCALAGVLTIAMPVPVIVNNFGMYYSLAMAKQKLPKKKKKHIPRPPQLGSPNYCKSVVNSPH
HSTQSDTCPLAQEEILEINRAGRKPLRGMSIGSLEVLFQ
;
_entity_poly.pdbx_strand_id   A,B,C,D
#
# COMPACT_ATOMS: atom_id res chain seq x y z
N SER A 7 0.27 -36.18 -36.68
CA SER A 7 -0.56 -37.36 -36.62
C SER A 7 -0.03 -38.38 -35.61
N GLU A 8 1.28 -38.32 -35.35
CA GLU A 8 1.92 -39.23 -34.42
C GLU A 8 2.11 -38.54 -33.08
N ARG A 9 2.17 -39.34 -32.02
CA ARG A 9 2.35 -38.86 -30.66
C ARG A 9 3.73 -39.26 -30.14
N ILE A 10 4.33 -38.37 -29.35
CA ILE A 10 5.59 -38.66 -28.67
C ILE A 10 5.48 -38.22 -27.23
N VAL A 11 6.29 -38.87 -26.38
CA VAL A 11 6.13 -38.86 -24.93
C VAL A 11 7.38 -38.24 -24.32
N ILE A 12 7.34 -36.95 -24.05
CA ILE A 12 8.43 -36.25 -23.38
C ILE A 12 8.31 -36.58 -21.89
N ASN A 13 9.18 -37.44 -21.38
CA ASN A 13 9.19 -37.81 -19.97
C ASN A 13 10.09 -36.84 -19.24
N VAL A 14 9.52 -35.75 -18.71
CA VAL A 14 10.32 -34.75 -17.99
C VAL A 14 10.32 -35.17 -16.53
N GLY A 15 11.24 -36.08 -16.20
CA GLY A 15 11.45 -36.46 -14.82
C GLY A 15 10.26 -37.12 -14.16
N GLY A 16 9.89 -38.32 -14.62
CA GLY A 16 8.88 -39.12 -13.98
C GLY A 16 7.46 -38.88 -14.42
N THR A 17 7.13 -37.66 -14.84
CA THR A 17 5.77 -37.25 -15.16
C THR A 17 5.66 -36.98 -16.65
N ARG A 18 5.28 -37.99 -17.41
CA ARG A 18 5.37 -37.90 -18.86
C ARG A 18 4.28 -37.00 -19.45
N HIS A 19 4.67 -36.17 -20.42
CA HIS A 19 3.76 -35.35 -21.19
C HIS A 19 3.69 -35.89 -22.61
N GLN A 20 2.49 -36.13 -23.12
CA GLN A 20 2.33 -36.56 -24.48
C GLN A 20 1.94 -35.38 -25.37
N THR A 21 2.41 -35.41 -26.62
CA THR A 21 1.98 -34.42 -27.61
C THR A 21 2.06 -35.03 -29.00
N TYR A 22 1.54 -34.28 -29.96
CA TYR A 22 1.74 -34.59 -31.38
C TYR A 22 2.99 -33.87 -31.87
N ARG A 23 3.79 -34.56 -32.69
CA ARG A 23 4.98 -33.93 -33.24
C ARG A 23 4.62 -32.68 -34.02
N SER A 24 3.45 -32.67 -34.65
CA SER A 24 2.95 -31.47 -35.31
C SER A 24 2.86 -30.30 -34.36
N THR A 25 2.75 -30.55 -33.04
CA THR A 25 2.80 -29.48 -32.07
C THR A 25 4.23 -29.07 -31.78
N LEU A 26 5.13 -30.05 -31.71
CA LEU A 26 6.51 -29.76 -31.35
C LEU A 26 7.25 -29.02 -32.45
N ARG A 27 6.78 -29.13 -33.70
CA ARG A 27 7.41 -28.42 -34.82
C ARG A 27 6.78 -27.05 -35.07
N THR A 28 6.25 -26.41 -34.04
CA THR A 28 5.73 -25.06 -34.21
C THR A 28 6.86 -24.04 -34.22
N LEU A 29 7.88 -24.25 -33.39
CA LEU A 29 9.06 -23.37 -33.36
C LEU A 29 10.30 -24.21 -33.66
N PRO A 30 10.81 -24.19 -34.88
CA PRO A 30 11.82 -25.18 -35.30
C PRO A 30 13.24 -24.89 -34.85
N GLY A 31 13.48 -23.83 -34.08
CA GLY A 31 14.83 -23.52 -33.65
C GLY A 31 15.20 -24.10 -32.30
N THR A 32 14.21 -24.28 -31.44
CA THR A 32 14.43 -24.69 -30.06
C THR A 32 14.79 -26.18 -29.98
N ARG A 33 15.09 -26.62 -28.76
CA ARG A 33 15.57 -27.99 -28.55
C ARG A 33 14.47 -29.01 -28.78
N LEU A 34 13.29 -28.77 -28.21
CA LEU A 34 12.19 -29.73 -28.31
C LEU A 34 11.89 -30.07 -29.76
N ALA A 35 12.00 -29.09 -30.65
CA ALA A 35 11.73 -29.34 -32.06
C ALA A 35 12.63 -30.41 -32.63
N TRP A 36 13.85 -30.53 -32.11
CA TRP A 36 14.76 -31.58 -32.58
C TRP A 36 14.21 -32.97 -32.32
N LEU A 37 13.39 -33.12 -31.26
CA LEU A 37 12.83 -34.42 -30.96
C LEU A 37 11.96 -34.94 -32.09
N ALA A 38 11.36 -34.05 -32.87
CA ALA A 38 10.36 -34.45 -33.86
C ALA A 38 10.98 -35.08 -35.11
N GLU A 39 12.21 -34.73 -35.45
CA GLU A 39 12.82 -35.29 -36.65
C GLU A 39 13.06 -36.79 -36.47
N PRO A 40 13.04 -37.56 -37.57
CA PRO A 40 13.27 -39.00 -37.44
C PRO A 40 14.74 -39.33 -37.27
N ASP A 41 15.41 -38.59 -36.40
CA ASP A 41 16.79 -38.85 -36.03
C ASP A 41 17.03 -38.69 -34.53
N ALA A 42 16.10 -38.11 -33.78
CA ALA A 42 16.29 -37.86 -32.36
C ALA A 42 16.63 -39.12 -31.57
N HIS A 43 16.27 -40.29 -32.09
CA HIS A 43 16.61 -41.54 -31.42
C HIS A 43 18.11 -41.73 -31.27
N SER A 44 18.91 -41.00 -32.05
CA SER A 44 20.36 -41.08 -31.98
C SER A 44 20.97 -39.93 -31.20
N HIS A 45 20.16 -39.09 -30.57
CA HIS A 45 20.67 -37.93 -29.87
C HIS A 45 20.33 -37.91 -28.39
N PHE A 46 19.10 -38.24 -28.01
CA PHE A 46 18.62 -38.09 -26.66
C PHE A 46 18.43 -39.44 -25.99
N ASP A 47 17.91 -39.41 -24.77
CA ASP A 47 17.72 -40.62 -23.97
C ASP A 47 16.40 -41.27 -24.37
N TYR A 48 16.44 -42.02 -25.47
CA TYR A 48 15.26 -42.70 -25.98
C TYR A 48 15.23 -44.12 -25.45
N ASP A 49 14.35 -44.37 -24.50
CA ASP A 49 14.15 -45.72 -24.00
C ASP A 49 13.42 -46.54 -25.05
N PRO A 50 14.06 -47.49 -25.73
CA PRO A 50 13.40 -48.17 -26.84
C PRO A 50 12.52 -49.32 -26.40
N ARG A 51 11.77 -49.13 -25.33
CA ARG A 51 10.68 -50.04 -24.99
C ARG A 51 9.42 -49.31 -24.54
N ALA A 52 9.51 -48.07 -24.08
CA ALA A 52 8.34 -47.24 -23.82
C ALA A 52 8.30 -46.00 -24.69
N ASP A 53 9.29 -45.84 -25.59
CA ASP A 53 9.29 -44.79 -26.61
C ASP A 53 9.20 -43.39 -26.01
N GLU A 54 9.70 -43.21 -24.79
CA GLU A 54 9.63 -41.93 -24.11
C GLU A 54 11.02 -41.30 -24.02
N PHE A 55 11.08 -40.02 -24.33
CA PHE A 55 12.34 -39.27 -24.29
C PHE A 55 12.54 -38.72 -22.89
N PHE A 56 13.56 -39.21 -22.19
CA PHE A 56 13.85 -38.74 -20.84
C PHE A 56 14.50 -37.37 -20.86
N PHE A 57 14.10 -36.51 -19.92
CA PHE A 57 14.70 -35.18 -19.91
C PHE A 57 15.03 -34.61 -18.53
N ASP A 58 14.84 -35.37 -17.45
CA ASP A 58 15.43 -35.10 -16.14
C ASP A 58 15.47 -33.60 -15.79
N ARG A 59 14.29 -32.98 -15.79
CA ARG A 59 14.18 -31.60 -15.36
C ARG A 59 12.92 -31.43 -14.53
N HIS A 60 12.76 -30.24 -13.97
CA HIS A 60 11.60 -29.92 -13.17
C HIS A 60 10.32 -30.20 -13.97
N PRO A 61 9.47 -31.11 -13.52
CA PRO A 61 8.23 -31.40 -14.25
C PRO A 61 7.07 -30.47 -13.95
N GLY A 62 7.28 -29.43 -13.17
CA GLY A 62 6.20 -28.55 -12.78
C GLY A 62 6.20 -27.23 -13.51
N VAL A 63 7.26 -26.97 -14.26
CA VAL A 63 7.28 -25.83 -15.16
C VAL A 63 7.35 -26.24 -16.62
N PHE A 64 7.84 -27.43 -16.94
CA PHE A 64 7.87 -27.84 -18.33
C PHE A 64 6.48 -27.92 -18.93
N ALA A 65 5.45 -28.06 -18.11
CA ALA A 65 4.09 -28.01 -18.61
C ALA A 65 3.63 -26.58 -18.89
N HIS A 66 4.45 -25.59 -18.58
CA HIS A 66 4.24 -24.23 -19.07
C HIS A 66 5.09 -23.90 -20.28
N ILE A 67 6.29 -24.47 -20.37
CA ILE A 67 7.05 -24.37 -21.61
C ILE A 67 6.29 -25.02 -22.75
N LEU A 68 5.90 -26.29 -22.57
CA LEU A 68 5.17 -26.96 -23.62
C LEU A 68 3.88 -26.23 -23.95
N ASN A 69 3.35 -25.45 -23.01
CA ASN A 69 2.19 -24.62 -23.32
C ASN A 69 2.67 -23.34 -23.99
N TYR A 70 3.57 -23.52 -24.95
CA TYR A 70 4.01 -22.51 -25.90
C TYR A 70 4.11 -23.08 -27.29
N TYR A 71 4.10 -24.41 -27.43
CA TYR A 71 3.95 -25.09 -28.70
C TYR A 71 2.52 -25.48 -28.94
N ARG A 72 1.70 -25.54 -27.88
CA ARG A 72 0.30 -25.90 -28.00
C ARG A 72 -0.55 -24.71 -28.44
N THR A 73 -0.47 -23.60 -27.72
CA THR A 73 -1.30 -22.43 -28.04
C THR A 73 -0.57 -21.50 -29.00
N GLY A 74 0.57 -20.98 -28.57
CA GLY A 74 1.32 -20.05 -29.40
C GLY A 74 1.94 -18.92 -28.60
N LYS A 75 1.51 -18.76 -27.36
CA LYS A 75 2.05 -17.74 -26.47
C LYS A 75 2.81 -18.40 -25.32
N LEU A 76 3.58 -17.59 -24.61
CA LEU A 76 4.41 -18.07 -23.52
C LEU A 76 4.14 -17.25 -22.28
N HIS A 77 3.67 -17.90 -21.22
CA HIS A 77 3.38 -17.24 -19.96
C HIS A 77 4.27 -17.81 -18.87
N CYS A 78 4.36 -17.07 -17.77
CA CYS A 78 5.16 -17.55 -16.65
C CYS A 78 4.26 -18.05 -15.53
N PRO A 79 4.64 -19.12 -14.85
CA PRO A 79 3.84 -19.60 -13.71
C PRO A 79 3.92 -18.62 -12.56
N ALA A 80 3.06 -18.85 -11.57
CA ALA A 80 3.10 -18.09 -10.34
C ALA A 80 3.44 -18.96 -9.13
N ASP A 81 3.83 -20.21 -9.36
CA ASP A 81 4.26 -21.10 -8.30
C ASP A 81 5.77 -21.30 -8.29
N VAL A 82 6.51 -20.55 -9.10
CA VAL A 82 7.97 -20.55 -9.08
C VAL A 82 8.44 -19.12 -9.18
N CYS A 83 9.67 -18.89 -8.72
CA CYS A 83 10.24 -17.56 -8.75
C CYS A 83 10.68 -17.20 -10.17
N GLY A 84 11.31 -16.05 -10.31
CA GLY A 84 11.87 -15.63 -11.57
C GLY A 84 12.99 -16.54 -12.04
N PRO A 85 14.10 -16.55 -11.28
CA PRO A 85 15.28 -17.30 -11.71
C PRO A 85 15.04 -18.77 -12.00
N LEU A 86 14.10 -19.43 -11.33
CA LEU A 86 13.84 -20.84 -11.64
C LEU A 86 13.30 -21.00 -13.05
N TYR A 87 12.23 -20.26 -13.36
CA TYR A 87 11.69 -20.30 -14.71
C TYR A 87 12.72 -19.85 -15.72
N GLU A 88 13.57 -18.89 -15.35
CA GLU A 88 14.57 -18.40 -16.30
C GLU A 88 15.60 -19.46 -16.62
N GLU A 89 16.04 -20.21 -15.62
CA GLU A 89 16.96 -21.32 -15.87
C GLU A 89 16.31 -22.38 -16.75
N GLU A 90 15.03 -22.66 -16.52
CA GLU A 90 14.37 -23.68 -17.33
C GLU A 90 14.20 -23.22 -18.77
N LEU A 91 13.82 -21.96 -18.96
CA LEU A 91 13.78 -21.36 -20.30
C LEU A 91 15.13 -21.50 -20.98
N ALA A 92 16.19 -21.03 -20.32
CA ALA A 92 17.52 -21.11 -20.89
C ALA A 92 17.87 -22.53 -21.32
N PHE A 93 17.54 -23.52 -20.50
CA PHE A 93 17.74 -24.90 -20.92
C PHE A 93 16.99 -25.18 -22.22
N TRP A 94 15.66 -25.09 -22.19
CA TRP A 94 14.87 -25.69 -23.26
C TRP A 94 15.04 -25.01 -24.61
N GLY A 95 15.77 -23.91 -24.68
CA GLY A 95 15.92 -23.32 -26.02
C GLY A 95 14.94 -22.19 -26.26
N ILE A 96 13.98 -22.00 -25.38
CA ILE A 96 13.07 -20.87 -25.51
C ILE A 96 13.81 -19.58 -25.20
N ASP A 97 13.38 -18.50 -25.82
CA ASP A 97 13.95 -17.19 -25.57
C ASP A 97 13.15 -16.51 -24.47
N GLU A 98 13.85 -15.80 -23.58
CA GLU A 98 13.20 -15.12 -22.48
C GLU A 98 12.63 -13.77 -22.88
N THR A 99 12.42 -13.53 -24.18
CA THR A 99 11.82 -12.30 -24.65
C THR A 99 10.51 -12.51 -25.39
N ASP A 100 10.02 -13.74 -25.46
CA ASP A 100 8.69 -14.00 -26.00
C ASP A 100 7.62 -13.97 -24.92
N VAL A 101 8.01 -13.72 -23.66
CA VAL A 101 7.06 -13.69 -22.56
C VAL A 101 6.02 -12.60 -22.81
N GLU A 102 4.76 -12.95 -22.65
CA GLU A 102 3.68 -11.99 -22.88
C GLU A 102 3.80 -10.82 -21.91
N PRO A 103 3.31 -9.64 -22.28
CA PRO A 103 3.54 -8.45 -21.45
C PRO A 103 2.79 -8.44 -20.14
N CYS A 104 1.86 -9.38 -19.92
CA CYS A 104 1.23 -9.47 -18.61
C CYS A 104 2.11 -10.22 -17.63
N CYS A 105 2.73 -11.32 -18.06
CA CYS A 105 3.60 -12.12 -17.21
C CYS A 105 5.06 -11.73 -17.31
N TRP A 106 5.36 -10.47 -17.66
CA TRP A 106 6.73 -10.03 -17.83
C TRP A 106 7.23 -9.17 -16.68
N MET A 107 6.43 -8.20 -16.21
CA MET A 107 6.89 -7.32 -15.16
C MET A 107 7.01 -8.02 -13.81
N THR A 108 6.33 -9.15 -13.62
CA THR A 108 6.46 -9.95 -12.41
C THR A 108 7.40 -11.13 -12.65
N TYR A 109 8.10 -11.11 -13.78
CA TYR A 109 9.11 -12.11 -14.07
C TYR A 109 10.50 -11.51 -14.21
N ARG A 110 10.61 -10.24 -14.57
CA ARG A 110 11.89 -9.58 -14.57
C ARG A 110 12.18 -8.99 -13.19
N GLN A 111 11.38 -8.01 -12.79
CA GLN A 111 11.59 -7.30 -11.53
N HIS A 112 13.55 -10.51 -10.02
CA HIS A 112 14.80 -10.59 -9.28
C HIS A 112 15.98 -10.28 -10.19
N ARG A 113 15.71 -10.21 -11.50
CA ARG A 113 16.79 -10.02 -12.45
C ARG A 113 17.12 -8.55 -12.63
N ASP A 114 16.14 -7.67 -12.43
CA ASP A 114 16.40 -6.24 -12.44
C ASP A 114 16.63 -5.69 -11.04
N ALA A 115 16.68 -6.55 -10.03
CA ALA A 115 16.98 -6.13 -8.66
C ALA A 115 18.34 -6.58 -8.19
N GLU A 116 19.04 -7.44 -8.94
CA GLU A 116 20.43 -7.75 -8.59
C GLU A 116 21.29 -6.50 -8.73
N GLU A 117 21.24 -5.85 -9.90
CA GLU A 117 21.72 -4.49 -10.10
C GLU A 117 23.07 -4.21 -9.46
N ALA A 118 23.94 -5.22 -9.41
CA ALA A 118 25.19 -5.15 -8.65
C ALA A 118 24.94 -4.68 -7.22
N LEU A 119 23.80 -5.09 -6.66
CA LEU A 119 23.39 -4.65 -5.33
C LEU A 119 23.71 -5.72 -4.29
N TYR A 188 44.34 -3.23 9.96
CA TYR A 188 43.44 -2.52 10.86
C TYR A 188 43.54 -1.01 10.65
N ALA A 189 43.10 -0.54 9.48
CA ALA A 189 42.95 0.88 9.21
C ALA A 189 41.51 1.34 9.40
N ARG A 190 40.66 0.49 9.97
CA ARG A 190 39.29 0.85 10.30
C ARG A 190 39.18 1.59 11.63
N TYR A 191 40.29 2.12 12.13
CA TYR A 191 40.30 2.98 13.30
C TYR A 191 40.55 4.45 12.95
N VAL A 192 41.08 4.73 11.76
CA VAL A 192 41.19 6.12 11.31
C VAL A 192 39.97 6.56 10.52
N ALA A 193 39.11 5.64 10.10
CA ALA A 193 37.84 6.05 9.50
C ALA A 193 37.02 6.89 10.48
N PHE A 194 37.02 6.50 11.75
CA PHE A 194 36.39 7.35 12.76
C PHE A 194 37.17 8.63 12.97
N ALA A 195 38.50 8.57 12.87
CA ALA A 195 39.31 9.76 12.99
C ALA A 195 39.16 10.70 11.80
N SER A 196 38.42 10.29 10.77
CA SER A 196 38.01 11.19 9.70
C SER A 196 36.55 11.60 9.83
N LEU A 197 35.69 10.69 10.29
CA LEU A 197 34.28 11.04 10.48
C LEU A 197 34.12 12.10 11.55
N PHE A 198 34.92 12.02 12.63
CA PHE A 198 34.85 13.05 13.66
C PHE A 198 35.13 14.42 13.09
N PHE A 199 36.16 14.53 12.24
CA PHE A 199 36.49 15.82 11.66
C PHE A 199 35.45 16.27 10.63
N ILE A 200 34.89 15.33 9.87
CA ILE A 200 33.79 15.67 8.97
C ILE A 200 32.65 16.31 9.75
N LEU A 201 32.24 15.69 10.85
CA LEU A 201 31.10 16.20 11.60
C LEU A 201 31.42 17.53 12.27
N VAL A 202 32.64 17.68 12.80
CA VAL A 202 32.95 18.96 13.43
C VAL A 202 33.07 20.05 12.38
N SER A 203 33.45 19.70 11.15
CA SER A 203 33.50 20.71 10.10
C SER A 203 32.10 21.13 9.68
N ILE A 204 31.19 20.16 9.57
CA ILE A 204 29.79 20.50 9.32
C ILE A 204 29.27 21.44 10.39
N THR A 205 29.58 21.14 11.66
CA THR A 205 29.07 21.97 12.74
C THR A 205 29.66 23.37 12.71
N THR A 206 30.96 23.48 12.44
CA THR A 206 31.57 24.80 12.37
C THR A 206 31.00 25.60 11.21
N PHE A 207 30.72 24.93 10.09
CA PHE A 207 30.07 25.61 8.98
C PHE A 207 28.69 26.13 9.39
N CYS A 208 27.87 25.28 10.01
CA CYS A 208 26.52 25.68 10.40
C CYS A 208 26.53 26.74 11.50
N LEU A 209 27.61 26.88 12.24
CA LEU A 209 27.70 27.91 13.28
C LEU A 209 28.38 29.18 12.83
N GLU A 210 29.07 29.17 11.68
CA GLU A 210 29.66 30.40 11.19
C GLU A 210 28.59 31.42 10.79
N THR A 211 27.39 30.95 10.42
CA THR A 211 26.34 31.83 9.95
C THR A 211 25.53 32.42 11.10
N HIS A 212 25.39 31.69 12.19
CA HIS A 212 24.59 32.15 13.33
C HIS A 212 25.06 33.51 13.81
N GLU A 213 24.11 34.37 14.16
CA GLU A 213 24.43 35.70 14.65
C GLU A 213 24.54 35.68 16.17
N ARG A 214 25.37 34.76 16.64
CA ARG A 214 25.82 34.71 18.02
C ARG A 214 27.33 34.71 18.10
N PHE A 215 27.99 34.09 17.12
CA PHE A 215 29.43 34.18 16.93
C PHE A 215 29.81 35.19 15.86
N ASN A 216 29.01 36.25 15.71
CA ASN A 216 29.31 37.33 14.77
C ASN A 216 28.95 38.66 15.42
N PRO A 217 29.72 39.10 16.40
CA PRO A 217 29.42 40.36 17.07
C PRO A 217 29.69 41.57 16.18
N GLU A 240 33.91 39.68 11.51
CA GLU A 240 33.60 39.82 12.93
C GLU A 240 33.47 38.45 13.58
N THR A 241 33.75 37.41 12.81
CA THR A 241 33.62 36.04 13.31
C THR A 241 34.63 35.78 14.42
N GLU A 242 34.16 35.10 15.47
CA GLU A 242 35.04 34.77 16.59
C GLU A 242 36.18 33.87 16.12
N ALA A 243 37.30 33.97 16.84
CA ALA A 243 38.53 33.31 16.39
C ALA A 243 38.54 31.82 16.67
N PHE A 244 37.85 31.37 17.72
CA PHE A 244 37.94 29.96 18.07
C PHE A 244 37.29 29.08 17.00
N LEU A 245 36.30 29.60 16.28
CA LEU A 245 35.65 28.81 15.23
C LEU A 245 36.58 28.62 14.04
N THR A 246 37.23 29.69 13.60
CA THR A 246 38.17 29.53 12.50
C THR A 246 39.39 28.72 12.92
N TYR A 247 39.77 28.79 14.20
CA TYR A 247 40.83 27.91 14.70
C TYR A 247 40.42 26.45 14.61
N ILE A 248 39.19 26.14 15.04
CA ILE A 248 38.69 24.76 14.96
C ILE A 248 38.71 24.28 13.51
N GLU A 249 38.11 25.06 12.61
CA GLU A 249 38.09 24.61 11.23
C GLU A 249 39.49 24.58 10.62
N GLY A 250 40.43 25.35 11.17
CA GLY A 250 41.81 25.22 10.74
C GLY A 250 42.40 23.89 11.12
N VAL A 251 42.13 23.44 12.35
CA VAL A 251 42.54 22.09 12.74
C VAL A 251 41.91 21.05 11.82
N CYS A 252 40.63 21.24 11.50
CA CYS A 252 39.95 20.28 10.62
C CYS A 252 40.63 20.23 9.25
N VAL A 253 40.93 21.39 8.67
CA VAL A 253 41.50 21.37 7.32
C VAL A 253 42.95 20.89 7.36
N VAL A 254 43.66 21.11 8.46
CA VAL A 254 45.02 20.60 8.53
C VAL A 254 45.03 19.10 8.81
N TRP A 255 43.92 18.52 9.25
CA TRP A 255 43.83 17.07 9.24
C TRP A 255 43.39 16.51 7.90
N PHE A 256 42.47 17.20 7.23
CA PHE A 256 42.02 16.72 5.93
C PHE A 256 43.12 16.83 4.89
N THR A 257 44.00 17.82 5.01
CA THR A 257 45.16 17.88 4.13
C THR A 257 46.09 16.70 4.39
N PHE A 258 46.29 16.35 5.66
CA PHE A 258 47.10 15.17 5.98
C PHE A 258 46.49 13.91 5.37
N GLU A 259 45.16 13.79 5.42
CA GLU A 259 44.54 12.61 4.83
C GLU A 259 44.58 12.66 3.30
N PHE A 260 44.65 13.86 2.73
CA PHE A 260 44.79 14.00 1.28
C PHE A 260 46.24 13.89 0.84
N LEU A 261 47.17 13.67 1.76
CA LEU A 261 48.55 13.38 1.43
C LEU A 261 48.83 11.89 1.37
N MET A 262 47.79 11.06 1.33
CA MET A 262 47.94 9.64 1.09
C MET A 262 47.12 9.15 -0.10
N ARG A 263 45.98 9.77 -0.39
CA ARG A 263 45.12 9.34 -1.48
C ARG A 263 45.64 9.79 -2.84
N VAL A 264 46.85 10.35 -2.89
CA VAL A 264 47.47 10.72 -4.17
C VAL A 264 48.88 10.13 -4.18
N ILE A 265 49.41 9.84 -3.00
CA ILE A 265 50.76 9.30 -2.88
C ILE A 265 50.79 7.80 -3.13
N PHE A 266 49.90 7.05 -2.51
CA PHE A 266 49.88 5.59 -2.62
C PHE A 266 48.72 5.08 -3.47
N CYS A 267 48.25 5.89 -4.41
CA CYS A 267 47.18 5.29 -5.19
C CYS A 267 47.68 4.83 -6.55
N PRO A 268 47.21 3.68 -7.03
CA PRO A 268 47.77 3.09 -8.25
C PRO A 268 47.51 3.90 -9.51
N ASN A 269 46.24 4.22 -9.77
CA ASN A 269 45.87 4.83 -11.03
C ASN A 269 46.01 6.34 -10.98
N LYS A 270 46.30 6.94 -12.14
CA LYS A 270 46.45 8.38 -12.30
C LYS A 270 47.44 8.96 -11.30
N ILE A 280 35.49 11.37 -8.83
CA ILE A 280 34.09 11.70 -8.56
C ILE A 280 33.98 12.32 -7.16
N ILE A 281 34.47 11.60 -6.15
CA ILE A 281 34.36 12.06 -4.77
C ILE A 281 35.63 12.80 -4.39
N ASP A 282 36.42 13.18 -5.39
CA ASP A 282 37.69 13.86 -5.14
C ASP A 282 37.73 15.29 -5.67
N PHE A 283 37.31 15.51 -6.92
CA PHE A 283 37.42 16.85 -7.49
C PHE A 283 36.43 17.82 -6.87
N VAL A 284 35.14 17.54 -7.00
CA VAL A 284 34.10 18.44 -6.50
C VAL A 284 33.64 18.03 -5.10
N ALA A 285 34.40 17.17 -4.42
CA ALA A 285 34.09 16.77 -3.06
C ALA A 285 35.22 16.96 -2.07
N ILE A 286 36.45 17.21 -2.52
CA ILE A 286 37.56 17.48 -1.62
C ILE A 286 38.05 18.89 -1.94
N LEU A 287 37.10 19.74 -2.35
CA LEU A 287 37.35 21.12 -2.72
C LEU A 287 37.64 22.05 -1.54
N PRO A 288 36.97 21.90 -0.38
CA PRO A 288 37.27 22.82 0.74
C PRO A 288 38.72 22.79 1.17
N PHE A 289 39.40 21.64 1.03
CA PHE A 289 40.84 21.62 1.28
C PHE A 289 41.56 22.60 0.36
N TYR A 290 41.19 22.62 -0.93
CA TYR A 290 41.73 23.63 -1.84
C TYR A 290 41.28 25.03 -1.45
N LEU A 291 40.17 25.14 -0.73
CA LEU A 291 39.60 26.46 -0.44
C LEU A 291 40.31 27.14 0.71
N GLU A 292 40.45 26.46 1.85
CA GLU A 292 40.91 27.14 3.06
C GLU A 292 42.31 27.70 2.91
N VAL A 293 43.13 27.09 2.05
CA VAL A 293 44.52 27.51 1.87
C VAL A 293 44.58 28.81 1.08
N GLY A 294 43.44 29.27 0.58
CA GLY A 294 43.36 30.50 -0.18
C GLY A 294 42.70 30.33 -1.53
N LEU A 310 31.12 32.66 -1.49
CA LEU A 310 30.98 31.68 -0.42
C LEU A 310 29.94 30.62 -0.72
N ARG A 311 28.97 30.90 -1.59
CA ARG A 311 27.95 29.91 -1.93
C ARG A 311 28.60 28.64 -2.47
N VAL A 312 29.24 28.74 -3.63
CA VAL A 312 29.91 27.60 -4.23
C VAL A 312 31.22 27.29 -3.51
N VAL A 313 31.74 28.24 -2.73
CA VAL A 313 32.91 27.99 -1.91
C VAL A 313 32.62 26.90 -0.88
N ARG A 314 31.57 27.07 -0.09
CA ARG A 314 31.39 26.26 1.12
C ARG A 314 30.09 25.47 1.15
N PHE A 315 29.30 25.44 0.07
CA PHE A 315 28.30 24.39 -0.02
C PHE A 315 28.96 23.02 0.04
N VAL A 316 30.13 22.90 -0.58
CA VAL A 316 30.81 21.62 -0.73
C VAL A 316 31.35 21.08 0.58
N ARG A 317 31.51 21.93 1.60
CA ARG A 317 31.97 21.43 2.89
C ARG A 317 31.03 20.38 3.44
N ILE A 318 29.73 20.48 3.14
CA ILE A 318 28.78 19.48 3.60
C ILE A 318 28.72 18.26 2.70
N LEU A 319 29.33 18.31 1.52
CA LEU A 319 29.27 17.17 0.62
C LEU A 319 30.14 16.01 1.07
N ARG A 320 31.06 16.22 2.01
CA ARG A 320 31.95 15.16 2.44
C ARG A 320 31.20 14.00 3.08
N ILE A 321 29.98 14.21 3.55
CA ILE A 321 29.24 13.12 4.17
C ILE A 321 28.80 12.10 3.13
N PHE A 322 28.67 12.52 1.87
CA PHE A 322 28.37 11.58 0.80
C PHE A 322 29.54 10.65 0.51
N LYS A 323 30.73 10.93 1.06
CA LYS A 323 31.83 9.99 0.96
C LYS A 323 31.62 8.78 1.85
N LEU A 324 31.17 9.01 3.09
CA LEU A 324 30.97 7.92 4.03
C LEU A 324 29.60 7.26 4.00
N THR A 325 28.68 7.95 3.36
CA THR A 325 27.29 7.50 3.22
C THR A 325 27.18 6.41 2.17
N ARG A 326 28.26 5.76 1.82
CA ARG A 326 28.24 4.56 0.99
C ARG A 326 28.56 3.33 1.82
N HIS A 327 29.01 3.51 3.07
CA HIS A 327 29.27 2.40 3.96
C HIS A 327 28.02 1.96 4.72
N PHE A 328 26.93 2.71 4.62
CA PHE A 328 25.65 2.36 5.22
C PHE A 328 24.80 1.67 4.16
N VAL A 329 24.12 0.59 4.54
CA VAL A 329 23.40 -0.19 3.55
C VAL A 329 22.11 0.52 3.12
N GLY A 330 21.47 1.22 4.06
CA GLY A 330 20.24 1.91 3.71
C GLY A 330 20.45 2.98 2.67
N LEU A 331 21.54 3.73 2.77
CA LEU A 331 21.80 4.78 1.79
C LEU A 331 22.31 4.22 0.48
N ARG A 332 22.98 3.07 0.49
CA ARG A 332 23.29 2.40 -0.77
C ARG A 332 22.01 1.99 -1.50
N VAL A 333 21.04 1.44 -0.77
CA VAL A 333 19.77 1.08 -1.40
C VAL A 333 19.04 2.31 -1.89
N LEU A 334 19.09 3.40 -1.13
CA LEU A 334 18.44 4.63 -1.57
C LEU A 334 19.09 5.16 -2.85
N GLY A 335 20.41 5.11 -2.91
CA GLY A 335 21.09 5.57 -4.12
C GLY A 335 20.78 4.71 -5.33
N HIS A 336 20.68 3.39 -5.13
CA HIS A 336 20.31 2.54 -6.25
C HIS A 336 18.88 2.78 -6.69
N THR A 337 17.99 3.08 -5.74
CA THR A 337 16.61 3.38 -6.08
C THR A 337 16.50 4.68 -6.86
N LEU A 338 17.18 5.73 -6.40
CA LEU A 338 17.08 7.04 -7.03
C LEU A 338 17.63 7.07 -8.44
N ARG A 339 18.15 5.96 -8.93
CA ARG A 339 18.65 5.88 -10.30
C ARG A 339 18.10 4.71 -11.09
N ALA A 340 17.51 3.71 -10.44
CA ALA A 340 16.77 2.69 -11.17
C ALA A 340 15.34 3.10 -11.45
N SER A 341 14.91 4.26 -10.97
CA SER A 341 13.55 4.77 -11.11
C SER A 341 13.59 6.23 -11.52
N THR A 342 14.37 6.54 -12.55
CA THR A 342 14.55 7.91 -12.99
C THR A 342 13.50 8.38 -13.98
N ASN A 343 12.57 7.52 -14.37
CA ASN A 343 11.43 7.95 -15.18
C ASN A 343 10.28 8.43 -14.32
N GLU A 344 10.05 7.76 -13.20
CA GLU A 344 8.99 8.14 -12.25
C GLU A 344 9.29 9.44 -11.52
N PHE A 345 10.38 10.12 -11.85
CA PHE A 345 10.61 11.48 -11.38
C PHE A 345 10.21 12.50 -12.43
N LEU A 346 10.57 12.27 -13.69
CA LEU A 346 10.02 13.08 -14.77
C LEU A 346 8.50 13.02 -14.76
N LEU A 347 7.95 11.83 -14.54
CA LEU A 347 6.50 11.68 -14.50
C LEU A 347 5.88 12.54 -13.40
N LEU A 348 6.46 12.47 -12.19
CA LEU A 348 5.91 13.23 -11.09
C LEU A 348 6.07 14.73 -11.30
N ILE A 349 7.22 15.16 -11.82
CA ILE A 349 7.44 16.57 -12.06
C ILE A 349 6.48 17.10 -13.11
N ILE A 350 6.18 16.29 -14.13
CA ILE A 350 5.27 16.76 -15.18
C ILE A 350 3.84 16.81 -14.68
N PHE A 351 3.42 15.80 -13.91
CA PHE A 351 2.11 15.86 -13.27
C PHE A 351 1.98 17.12 -12.44
N LEU A 352 2.97 17.39 -11.59
CA LEU A 352 2.90 18.53 -10.70
C LEU A 352 2.94 19.85 -11.47
N ALA A 353 3.68 19.92 -12.57
CA ALA A 353 3.74 21.16 -13.33
C ALA A 353 2.42 21.44 -14.03
N LEU A 354 1.81 20.41 -14.62
CA LEU A 354 0.48 20.59 -15.20
C LEU A 354 -0.52 21.03 -14.16
N GLY A 355 -0.54 20.35 -13.01
CA GLY A 355 -1.44 20.75 -11.95
C GLY A 355 -1.23 22.19 -11.51
N VAL A 356 0.02 22.58 -11.31
CA VAL A 356 0.32 23.93 -10.84
C VAL A 356 -0.18 24.96 -11.84
N LEU A 357 0.08 24.74 -13.13
CA LEU A 357 -0.33 25.71 -14.13
C LEU A 357 -1.85 25.82 -14.20
N ILE A 358 -2.53 24.67 -14.34
CA ILE A 358 -3.99 24.67 -14.43
C ILE A 358 -4.60 25.38 -13.23
N PHE A 359 -4.24 24.97 -12.02
CA PHE A 359 -4.92 25.50 -10.85
C PHE A 359 -4.51 26.92 -10.52
N ALA A 360 -3.30 27.34 -10.89
CA ALA A 360 -2.96 28.75 -10.75
C ALA A 360 -3.86 29.61 -11.61
N THR A 361 -4.08 29.21 -12.87
CA THR A 361 -4.98 29.98 -13.72
C THR A 361 -6.40 29.97 -13.18
N MET A 362 -6.89 28.79 -12.80
CA MET A 362 -8.25 28.67 -12.31
C MET A 362 -8.47 29.56 -11.09
N ILE A 363 -7.52 29.56 -10.14
CA ILE A 363 -7.73 30.32 -8.93
C ILE A 363 -7.61 31.81 -9.18
N TYR A 364 -6.73 32.22 -10.10
CA TYR A 364 -6.67 33.64 -10.45
C TYR A 364 -8.02 34.11 -10.97
N TYR A 365 -8.57 33.42 -11.96
CA TYR A 365 -9.81 33.89 -12.55
C TYR A 365 -10.98 33.77 -11.56
N ALA A 366 -11.02 32.69 -10.79
CA ALA A 366 -12.07 32.53 -9.78
C ALA A 366 -12.05 33.68 -8.80
N GLU A 367 -10.92 33.92 -8.15
CA GLU A 367 -10.81 35.05 -7.23
C GLU A 367 -11.11 36.38 -7.92
N ARG A 368 -10.97 36.44 -9.25
N ARG A 368 -10.97 36.44 -9.25
CA ARG A 368 -11.27 37.69 -9.94
C ARG A 368 -12.77 37.90 -10.13
N ILE A 369 -13.54 36.84 -10.39
CA ILE A 369 -14.98 37.04 -10.59
C ILE A 369 -15.70 37.41 -9.31
N GLY A 370 -15.10 37.18 -8.15
CA GLY A 370 -15.70 37.48 -6.87
C GLY A 370 -15.60 38.91 -6.41
N ALA A 371 -15.58 39.87 -7.33
CA ALA A 371 -15.52 41.29 -7.00
C ALA A 371 -14.30 41.63 -6.16
N SER A 377 -11.07 48.36 -9.28
CA SER A 377 -10.47 48.57 -10.59
C SER A 377 -9.34 47.58 -10.85
N ALA A 378 -8.92 46.89 -9.79
CA ALA A 378 -7.84 45.91 -9.88
C ALA A 378 -8.12 44.83 -8.83
N SER A 379 -7.10 44.02 -8.54
CA SER A 379 -7.18 42.96 -7.54
C SER A 379 -6.40 43.42 -6.31
N GLU A 380 -7.07 44.16 -5.44
CA GLU A 380 -6.46 44.65 -4.20
C GLU A 380 -7.12 44.06 -2.96
N HIS A 381 -8.04 43.11 -3.14
CA HIS A 381 -8.77 42.52 -2.03
C HIS A 381 -8.39 41.05 -1.80
N THR A 382 -7.28 40.61 -2.38
CA THR A 382 -6.94 39.20 -2.36
C THR A 382 -5.43 39.04 -2.50
N HIS A 383 -4.98 37.78 -2.40
CA HIS A 383 -3.57 37.47 -2.48
C HIS A 383 -3.12 37.18 -3.90
N PHE A 384 -3.92 36.43 -4.65
CA PHE A 384 -3.57 36.03 -6.01
C PHE A 384 -3.78 37.21 -6.93
N LYS A 385 -2.73 38.01 -7.08
CA LYS A 385 -2.76 39.14 -8.01
C LYS A 385 -2.18 38.79 -9.37
N ASN A 386 -1.42 37.71 -9.47
CA ASN A 386 -0.78 37.30 -10.70
C ASN A 386 -1.02 35.81 -10.92
N ILE A 387 -0.81 35.35 -12.15
CA ILE A 387 -0.77 33.92 -12.42
C ILE A 387 0.54 33.31 -11.97
N PRO A 388 1.69 33.99 -12.05
CA PRO A 388 2.92 33.40 -11.50
C PRO A 388 2.83 33.10 -10.01
N ILE A 389 2.49 34.10 -9.19
CA ILE A 389 2.50 33.91 -7.75
C ILE A 389 1.50 32.85 -7.32
N GLY A 390 0.55 32.51 -8.19
CA GLY A 390 -0.35 31.41 -7.90
C GLY A 390 0.34 30.06 -7.91
N PHE A 391 1.54 29.97 -8.49
CA PHE A 391 2.26 28.70 -8.49
C PHE A 391 2.65 28.30 -7.08
N TRP A 392 3.12 29.25 -6.28
CA TRP A 392 3.48 28.97 -4.90
C TRP A 392 2.30 28.39 -4.14
N TRP A 393 1.13 29.03 -4.26
CA TRP A 393 -0.06 28.51 -3.59
C TRP A 393 -0.42 27.13 -4.11
N ALA A 394 -0.51 26.97 -5.43
CA ALA A 394 -0.94 25.69 -5.97
C ALA A 394 0.04 24.57 -5.69
N VAL A 395 1.26 24.87 -5.25
CA VAL A 395 2.17 23.80 -4.87
C VAL A 395 2.28 23.60 -3.36
N VAL A 396 1.98 24.61 -2.55
CA VAL A 396 1.84 24.36 -1.11
C VAL A 396 0.47 23.82 -0.76
N THR A 397 -0.45 23.75 -1.71
CA THR A 397 -1.77 23.16 -1.50
C THR A 397 -1.88 21.76 -2.09
N MET A 398 -1.36 21.53 -3.30
CA MET A 398 -1.42 20.21 -3.89
C MET A 398 -0.68 19.18 -3.05
N THR A 399 0.40 19.59 -2.39
CA THR A 399 1.17 18.70 -1.52
C THR A 399 0.57 18.59 -0.12
N THR A 400 -0.62 19.16 0.09
CA THR A 400 -1.26 19.22 1.40
C THR A 400 -0.31 19.77 2.46
N LEU A 401 0.37 20.86 2.12
CA LEU A 401 1.22 21.57 3.05
C LEU A 401 0.47 22.73 3.70
N GLY A 402 0.04 23.68 2.98
CA GLY A 402 -0.78 24.72 3.56
C GLY A 402 -0.10 25.58 4.55
N TYR A 403 0.79 26.43 4.14
CA TYR A 403 1.35 27.35 5.12
C TYR A 403 0.28 28.26 5.69
N GLY A 404 -0.32 29.07 4.85
CA GLY A 404 -1.31 30.00 5.33
C GLY A 404 -0.97 31.41 4.93
N ASP A 405 0.08 31.57 4.12
CA ASP A 405 0.44 32.88 3.61
C ASP A 405 -0.52 33.34 2.53
N MET A 406 -1.03 32.40 1.74
CA MET A 406 -1.98 32.70 0.66
C MET A 406 -3.06 31.64 0.66
N TYR A 407 -4.31 32.06 0.80
CA TYR A 407 -5.45 31.17 0.79
C TYR A 407 -6.59 31.86 0.05
N PRO A 408 -7.57 31.11 -0.45
CA PRO A 408 -8.71 31.74 -1.11
C PRO A 408 -9.55 32.55 -0.15
N GLN A 409 -10.21 33.57 -0.67
CA GLN A 409 -11.05 34.43 0.15
C GLN A 409 -12.41 34.74 -0.49
N THR A 410 -12.81 34.00 -1.52
CA THR A 410 -14.14 34.10 -2.09
C THR A 410 -14.65 32.69 -2.39
N TRP A 411 -15.99 32.56 -2.45
CA TRP A 411 -16.58 31.23 -2.55
C TRP A 411 -16.10 30.48 -3.79
N SER A 412 -15.88 31.19 -4.90
CA SER A 412 -15.32 30.54 -6.08
C SER A 412 -13.88 30.12 -5.84
N GLY A 413 -13.10 30.98 -5.19
CA GLY A 413 -11.77 30.57 -4.79
C GLY A 413 -11.79 29.37 -3.87
N MET A 414 -12.79 29.29 -3.00
CA MET A 414 -12.86 28.18 -2.06
C MET A 414 -13.18 26.88 -2.79
N LEU A 415 -14.09 26.92 -3.76
CA LEU A 415 -14.35 25.73 -4.55
C LEU A 415 -13.11 25.28 -5.31
N VAL A 416 -12.39 26.23 -5.91
CA VAL A 416 -11.20 25.86 -6.68
C VAL A 416 -10.12 25.29 -5.76
N GLY A 417 -9.97 25.84 -4.55
CA GLY A 417 -9.00 25.29 -3.63
C GLY A 417 -9.37 23.90 -3.14
N ALA A 418 -10.66 23.67 -2.91
CA ALA A 418 -11.11 22.34 -2.51
C ALA A 418 -10.91 21.34 -3.64
N LEU A 419 -10.93 21.79 -4.88
CA LEU A 419 -10.57 20.91 -5.99
C LEU A 419 -9.05 20.67 -6.04
N CYS A 420 -8.28 21.72 -5.77
CA CYS A 420 -6.82 21.64 -5.87
C CYS A 420 -6.25 20.67 -4.87
N ALA A 421 -6.72 20.71 -3.62
CA ALA A 421 -6.18 19.81 -2.60
C ALA A 421 -6.32 18.35 -3.02
N LEU A 422 -7.51 17.98 -3.52
CA LEU A 422 -7.75 16.59 -3.91
C LEU A 422 -6.96 16.21 -5.16
N ALA A 423 -6.98 17.07 -6.18
CA ALA A 423 -6.20 16.76 -7.38
C ALA A 423 -4.73 16.61 -7.04
N GLY A 424 -4.23 17.38 -6.08
CA GLY A 424 -2.84 17.24 -5.68
C GLY A 424 -2.58 15.94 -4.98
N VAL A 425 -3.45 15.57 -4.03
CA VAL A 425 -3.30 14.28 -3.37
C VAL A 425 -3.24 13.16 -4.39
N LEU A 426 -4.09 13.22 -5.41
CA LEU A 426 -4.15 12.13 -6.38
C LEU A 426 -2.93 12.12 -7.29
N THR A 427 -2.59 13.27 -7.88
CA THR A 427 -1.46 13.29 -8.81
C THR A 427 -0.12 13.19 -8.12
N ILE A 428 -0.09 13.22 -6.79
CA ILE A 428 1.14 12.86 -6.08
C ILE A 428 1.12 11.39 -5.70
N ALA A 429 -0.01 10.88 -5.22
CA ALA A 429 -0.06 9.49 -4.81
C ALA A 429 -0.15 8.52 -5.97
N MET A 430 -0.18 8.99 -7.20
CA MET A 430 -0.21 8.00 -8.28
C MET A 430 1.16 7.41 -8.62
N PRO A 431 2.23 8.19 -8.82
CA PRO A 431 3.54 7.59 -9.12
C PRO A 431 4.44 7.30 -7.93
N VAL A 432 4.15 7.86 -6.76
CA VAL A 432 4.98 7.65 -5.57
C VAL A 432 4.94 6.18 -5.14
N PRO A 433 3.82 5.47 -5.24
CA PRO A 433 3.89 4.02 -4.94
C PRO A 433 4.79 3.25 -5.88
N VAL A 434 4.84 3.66 -7.16
CA VAL A 434 5.77 3.01 -8.08
C VAL A 434 7.19 3.29 -7.66
N ILE A 435 7.46 4.51 -7.19
CA ILE A 435 8.80 4.81 -6.68
C ILE A 435 9.11 3.99 -5.44
N VAL A 436 8.12 3.76 -4.59
CA VAL A 436 8.34 3.16 -3.28
C VAL A 436 8.52 1.66 -3.36
N ASN A 437 7.81 0.99 -4.28
CA ASN A 437 7.99 -0.45 -4.42
C ASN A 437 9.42 -0.81 -4.78
N ASN A 438 10.10 0.04 -5.55
CA ASN A 438 11.49 -0.21 -5.88
C ASN A 438 12.36 -0.25 -4.64
N PHE A 439 12.22 0.75 -3.77
CA PHE A 439 13.01 0.74 -2.54
C PHE A 439 12.64 -0.45 -1.69
N GLY A 440 11.36 -0.79 -1.62
CA GLY A 440 10.97 -1.96 -0.86
C GLY A 440 11.69 -3.22 -1.33
N MET A 441 11.69 -3.45 -2.64
CA MET A 441 12.32 -4.66 -3.18
C MET A 441 13.82 -4.64 -2.99
N TYR A 442 14.48 -3.51 -3.30
CA TYR A 442 15.93 -3.45 -3.19
C TYR A 442 16.37 -3.59 -1.75
N TYR A 443 15.65 -2.98 -0.81
CA TYR A 443 16.02 -3.09 0.59
C TYR A 443 15.78 -4.49 1.12
N SER A 444 14.68 -5.13 0.72
CA SER A 444 14.48 -6.52 1.08
C SER A 444 15.65 -7.38 0.59
N LEU A 445 16.10 -7.15 -0.64
CA LEU A 445 17.20 -7.94 -1.17
C LEU A 445 18.50 -7.68 -0.41
N ALA A 446 18.77 -6.40 -0.11
CA ALA A 446 20.00 -6.08 0.61
C ALA A 446 20.01 -6.69 2.00
N MET A 447 18.87 -6.68 2.68
CA MET A 447 18.81 -7.27 4.01
C MET A 447 18.91 -8.79 3.94
N ALA A 448 18.28 -9.41 2.95
CA ALA A 448 18.40 -10.86 2.79
C ALA A 448 19.83 -11.26 2.51
N LYS A 449 20.56 -10.44 1.75
N LYS A 449 20.56 -10.45 1.73
CA LYS A 449 21.96 -10.74 1.47
CA LYS A 449 21.97 -10.74 1.48
C LYS A 449 22.83 -10.47 2.69
C LYS A 449 22.81 -10.49 2.71
N GLN A 450 22.44 -9.52 3.54
CA GLN A 450 23.19 -9.27 4.77
C GLN A 450 22.98 -10.37 5.80
N LYS A 451 21.79 -10.98 5.84
CA LYS A 451 21.45 -11.98 6.83
C LYS A 451 21.81 -13.39 6.42
N LEU A 452 22.56 -13.55 5.33
CA LEU A 452 22.96 -14.87 4.85
C LEU A 452 24.46 -14.90 4.60
N PRO A 453 25.11 -16.04 4.87
CA PRO A 453 26.56 -16.19 4.67
C PRO A 453 26.96 -16.11 3.20
N SER B 7 24.96 -42.58 -14.72
CA SER B 7 24.55 -43.36 -15.88
C SER B 7 23.30 -44.19 -15.61
N GLU B 8 23.07 -44.51 -14.34
CA GLU B 8 21.92 -45.29 -13.94
C GLU B 8 20.82 -44.37 -13.41
N ARG B 9 19.58 -44.85 -13.50
CA ARG B 9 18.41 -44.11 -13.06
C ARG B 9 17.80 -44.78 -11.84
N ILE B 10 17.29 -43.97 -10.92
CA ILE B 10 16.57 -44.47 -9.76
C ILE B 10 15.30 -43.65 -9.58
N VAL B 11 14.31 -44.28 -8.95
CA VAL B 11 12.92 -43.83 -8.97
C VAL B 11 12.51 -43.52 -7.53
N ILE B 12 12.60 -42.26 -7.13
CA ILE B 12 12.16 -41.82 -5.82
C ILE B 12 10.64 -41.68 -5.89
N ASN B 13 9.91 -42.61 -5.31
CA ASN B 13 8.45 -42.57 -5.29
C ASN B 13 8.03 -41.79 -4.06
N VAL B 14 7.82 -40.49 -4.19
CA VAL B 14 7.42 -39.66 -3.05
C VAL B 14 5.89 -39.65 -3.05
N GLY B 15 5.32 -40.68 -2.45
CA GLY B 15 3.89 -40.74 -2.24
C GLY B 15 3.08 -40.75 -3.51
N GLY B 16 3.19 -41.83 -4.29
CA GLY B 16 2.33 -42.06 -5.43
C GLY B 16 2.83 -41.48 -6.74
N THR B 17 3.58 -40.38 -6.70
CA THR B 17 3.99 -39.63 -7.89
C THR B 17 5.51 -39.75 -8.03
N ARG B 18 5.95 -40.75 -8.79
CA ARG B 18 7.37 -41.08 -8.82
C ARG B 18 8.18 -40.07 -9.61
N HIS B 19 9.34 -39.71 -9.06
CA HIS B 19 10.33 -38.87 -9.73
C HIS B 19 11.54 -39.70 -10.09
N GLN B 20 11.95 -39.65 -11.35
CA GLN B 20 13.15 -40.37 -11.78
C GLN B 20 14.33 -39.41 -11.84
N THR B 21 15.52 -39.92 -11.53
CA THR B 21 16.74 -39.15 -11.71
C THR B 21 17.91 -40.08 -11.96
N TYR B 22 19.06 -39.50 -12.30
CA TYR B 22 20.31 -40.22 -12.34
C TYR B 22 20.98 -40.13 -10.98
N ARG B 23 21.57 -41.23 -10.53
CA ARG B 23 22.28 -41.21 -9.25
C ARG B 23 23.38 -40.17 -9.25
N SER B 24 23.99 -39.93 -10.42
CA SER B 24 24.97 -38.86 -10.56
C SER B 24 24.38 -37.50 -10.19
N THR B 25 23.06 -37.36 -10.25
CA THR B 25 22.43 -36.14 -9.78
C THR B 25 22.25 -36.18 -8.26
N LEU B 26 21.90 -37.34 -7.72
CA LEU B 26 21.64 -37.44 -6.30
C LEU B 26 22.91 -37.31 -5.47
N ARG B 27 24.08 -37.59 -6.05
CA ARG B 27 25.35 -37.46 -5.34
C ARG B 27 25.98 -36.09 -5.52
N THR B 28 25.17 -35.04 -5.72
CA THR B 28 25.73 -33.70 -5.79
C THR B 28 26.02 -33.15 -4.40
N LEU B 29 25.17 -33.46 -3.42
CA LEU B 29 25.38 -33.06 -2.03
C LEU B 29 25.42 -34.30 -1.16
N PRO B 30 26.60 -34.79 -0.78
CA PRO B 30 26.72 -36.12 -0.19
C PRO B 30 26.37 -36.21 1.28
N GLY B 31 25.94 -35.13 1.92
CA GLY B 31 25.61 -35.19 3.33
C GLY B 31 24.15 -35.47 3.63
N THR B 32 23.28 -35.08 2.70
CA THR B 32 21.84 -35.15 2.91
C THR B 32 21.34 -36.59 2.79
N ARG B 33 20.04 -36.77 3.04
CA ARG B 33 19.45 -38.10 3.07
C ARG B 33 19.39 -38.73 1.69
N LEU B 34 18.91 -37.96 0.71
CA LEU B 34 18.73 -38.50 -0.64
C LEU B 34 20.02 -39.09 -1.18
N ALA B 35 21.16 -38.48 -0.84
CA ALA B 35 22.44 -38.98 -1.30
C ALA B 35 22.69 -40.41 -0.85
N TRP B 36 22.15 -40.79 0.31
CA TRP B 36 22.30 -42.16 0.79
C TRP B 36 21.66 -43.16 -0.15
N LEU B 37 20.61 -42.74 -0.88
CA LEU B 37 19.94 -43.65 -1.80
C LEU B 37 20.88 -44.15 -2.88
N ALA B 38 21.89 -43.33 -3.24
CA ALA B 38 22.72 -43.63 -4.39
C ALA B 38 23.73 -44.74 -4.13
N GLU B 39 24.17 -44.94 -2.89
CA GLU B 39 25.16 -45.96 -2.61
C GLU B 39 24.56 -47.35 -2.84
N PRO B 40 25.40 -48.32 -3.21
CA PRO B 40 24.87 -49.68 -3.44
C PRO B 40 24.60 -50.43 -2.14
N ASP B 41 23.97 -49.74 -1.19
CA ASP B 41 23.54 -50.33 0.06
C ASP B 41 22.15 -49.88 0.47
N ALA B 42 21.60 -48.83 -0.15
CA ALA B 42 20.31 -48.29 0.25
C ALA B 42 19.20 -49.33 0.23
N HIS B 43 19.36 -50.42 -0.53
CA HIS B 43 18.36 -51.48 -0.54
C HIS B 43 18.17 -52.11 0.82
N SER B 44 19.11 -51.92 1.73
CA SER B 44 19.03 -52.46 3.08
C SER B 44 18.61 -51.42 4.10
N HIS B 45 18.24 -50.22 3.66
CA HIS B 45 17.89 -49.14 4.58
C HIS B 45 16.48 -48.62 4.40
N PHE B 46 16.03 -48.41 3.17
CA PHE B 46 14.77 -47.75 2.90
C PHE B 46 13.75 -48.73 2.34
N ASP B 47 12.58 -48.20 1.97
CA ASP B 47 11.47 -49.02 1.48
C ASP B 47 11.68 -49.28 0.00
N TYR B 48 12.52 -50.27 -0.31
CA TYR B 48 12.84 -50.62 -1.68
C TYR B 48 11.92 -51.76 -2.12
N ASP B 49 10.93 -51.43 -2.93
CA ASP B 49 10.08 -52.45 -3.52
C ASP B 49 10.86 -53.22 -4.57
N PRO B 50 11.23 -54.48 -4.31
CA PRO B 50 12.11 -55.17 -5.27
C PRO B 50 11.36 -55.81 -6.42
N ARG B 51 10.38 -55.10 -6.97
CA ARG B 51 9.81 -55.46 -8.27
C ARG B 51 9.59 -54.28 -9.18
N ALA B 52 9.49 -53.05 -8.65
CA ALA B 52 9.47 -51.84 -9.46
C ALA B 52 10.66 -50.95 -9.18
N ASP B 53 11.57 -51.36 -8.28
CA ASP B 53 12.84 -50.69 -8.05
C ASP B 53 12.67 -49.24 -7.62
N GLU B 54 11.55 -48.92 -6.98
CA GLU B 54 11.26 -47.56 -6.57
C GLU B 54 11.34 -47.43 -5.06
N PHE B 55 12.00 -46.36 -4.61
CA PHE B 55 12.17 -46.10 -3.19
C PHE B 55 10.99 -45.29 -2.69
N PHE B 56 10.18 -45.89 -1.82
CA PHE B 56 9.01 -45.20 -1.27
C PHE B 56 9.42 -44.18 -0.22
N PHE B 57 8.76 -43.01 -0.23
CA PHE B 57 9.13 -42.01 0.76
C PHE B 57 7.97 -41.24 1.38
N ASP B 58 6.72 -41.58 1.06
CA ASP B 58 5.53 -41.17 1.82
C ASP B 58 5.63 -39.74 2.37
N ARG B 59 5.80 -38.79 1.46
CA ARG B 59 5.78 -37.39 1.83
C ARG B 59 5.03 -36.60 0.78
N HIS B 60 4.84 -35.32 1.07
CA HIS B 60 4.16 -34.42 0.14
C HIS B 60 4.85 -34.46 -1.22
N PRO B 61 4.17 -34.88 -2.28
CA PRO B 61 4.78 -34.93 -3.61
C PRO B 61 4.75 -33.62 -4.38
N GLY B 62 4.31 -32.54 -3.76
CA GLY B 62 4.18 -31.28 -4.48
C GLY B 62 5.25 -30.29 -4.12
N VAL B 63 6.05 -30.60 -3.11
CA VAL B 63 7.23 -29.82 -2.80
C VAL B 63 8.51 -30.60 -3.01
N PHE B 64 8.49 -31.93 -2.95
CA PHE B 64 9.70 -32.68 -3.19
C PHE B 64 10.25 -32.45 -4.58
N ALA B 65 9.42 -32.01 -5.51
CA ALA B 65 9.92 -31.64 -6.84
C ALA B 65 10.60 -30.28 -6.83
N HIS B 66 10.59 -29.56 -5.71
CA HIS B 66 11.44 -28.40 -5.52
C HIS B 66 12.69 -28.71 -4.73
N ILE B 67 12.62 -29.65 -3.79
CA ILE B 67 13.83 -30.15 -3.15
C ILE B 67 14.73 -30.79 -4.18
N LEU B 68 14.20 -31.75 -4.93
CA LEU B 68 15.03 -32.40 -5.95
C LEU B 68 15.55 -31.40 -6.96
N ASN B 69 14.88 -30.26 -7.12
CA ASN B 69 15.40 -29.21 -7.98
C ASN B 69 16.41 -28.39 -7.18
N TYR B 70 17.27 -29.11 -6.48
CA TYR B 70 18.48 -28.60 -5.81
C TYR B 70 19.65 -29.52 -6.04
N TYR B 71 19.40 -30.75 -6.48
CA TYR B 71 20.42 -31.66 -6.97
C TYR B 71 20.55 -31.59 -8.47
N ARG B 72 19.52 -31.09 -9.15
CA ARG B 72 19.54 -30.99 -10.60
C ARG B 72 20.29 -29.75 -11.07
N THR B 73 19.91 -28.57 -10.58
CA THR B 73 20.55 -27.32 -11.01
C THR B 73 21.74 -26.99 -10.11
N GLY B 74 21.47 -26.78 -8.82
CA GLY B 74 22.53 -26.41 -7.90
C GLY B 74 22.08 -25.39 -6.88
N LYS B 75 20.94 -24.77 -7.11
CA LYS B 75 20.38 -23.79 -6.20
C LYS B 75 19.09 -24.32 -5.58
N LEU B 76 18.63 -23.67 -4.54
CA LEU B 76 17.44 -24.08 -3.81
C LEU B 76 16.49 -22.91 -3.68
N HIS B 77 15.29 -23.07 -4.23
CA HIS B 77 14.27 -22.04 -4.19
C HIS B 77 13.05 -22.55 -3.42
N CYS B 78 12.21 -21.63 -3.00
CA CYS B 78 11.01 -22.02 -2.30
C CYS B 78 9.79 -21.88 -3.20
N PRO B 79 8.83 -22.79 -3.12
CA PRO B 79 7.61 -22.65 -3.92
C PRO B 79 6.78 -21.49 -3.42
N ALA B 80 5.77 -21.15 -4.21
CA ALA B 80 4.80 -20.13 -3.83
C ALA B 80 3.40 -20.72 -3.66
N ASP B 81 3.26 -22.03 -3.73
CA ASP B 81 1.99 -22.70 -3.49
C ASP B 81 1.92 -23.38 -2.14
N VAL B 82 2.91 -23.16 -1.27
CA VAL B 82 2.89 -23.65 0.10
C VAL B 82 3.38 -22.54 0.99
N CYS B 83 3.02 -22.61 2.27
CA CYS B 83 3.42 -21.61 3.23
C CYS B 83 4.88 -21.82 3.64
N GLY B 84 5.34 -21.01 4.58
CA GLY B 84 6.67 -21.18 5.12
C GLY B 84 6.84 -22.49 5.85
N PRO B 85 6.12 -22.66 6.96
CA PRO B 85 6.33 -23.86 7.79
C PRO B 85 6.18 -25.18 7.07
N LEU B 86 5.36 -25.28 6.03
CA LEU B 86 5.25 -26.54 5.31
C LEU B 86 6.57 -26.88 4.61
N TYR B 87 7.08 -25.95 3.82
CA TYR B 87 8.36 -26.17 3.16
C TYR B 87 9.45 -26.37 4.19
N GLU B 88 9.37 -25.69 5.33
CA GLU B 88 10.41 -25.83 6.33
C GLU B 88 10.42 -27.22 6.94
N GLU B 89 9.25 -27.79 7.21
CA GLU B 89 9.18 -29.16 7.70
C GLU B 89 9.72 -30.13 6.67
N GLU B 90 9.42 -29.90 5.39
CA GLU B 90 9.91 -30.82 4.36
C GLU B 90 11.42 -30.73 4.21
N LEU B 91 11.97 -29.51 4.24
CA LEU B 91 13.41 -29.32 4.28
C LEU B 91 14.03 -30.08 5.44
N ALA B 92 13.52 -29.83 6.65
CA ALA B 92 14.05 -30.50 7.84
C ALA B 92 14.07 -32.01 7.67
N PHE B 93 12.99 -32.57 7.11
CA PHE B 93 13.00 -34.00 6.82
C PHE B 93 14.17 -34.35 5.90
N TRP B 94 14.17 -33.81 4.68
CA TRP B 94 15.03 -34.39 3.65
C TRP B 94 16.51 -34.18 3.90
N GLY B 95 16.89 -33.45 4.93
CA GLY B 95 18.35 -33.33 5.13
C GLY B 95 18.90 -32.04 4.54
N ILE B 96 18.11 -31.31 3.79
CA ILE B 96 18.55 -30.03 3.27
C ILE B 96 18.61 -29.03 4.42
N ASP B 97 19.52 -28.07 4.30
CA ASP B 97 19.64 -27.00 5.28
C ASP B 97 18.79 -25.84 4.85
N GLU B 98 18.14 -25.19 5.82
CA GLU B 98 17.27 -24.07 5.53
C GLU B 98 18.04 -22.76 5.38
N THR B 99 19.35 -22.83 5.15
CA THR B 99 20.16 -21.63 4.93
C THR B 99 20.81 -21.59 3.55
N ASP B 100 20.54 -22.55 2.69
CA ASP B 100 20.96 -22.48 1.30
C ASP B 100 19.94 -21.81 0.40
N VAL B 101 18.81 -21.38 0.96
CA VAL B 101 17.76 -20.75 0.19
C VAL B 101 18.31 -19.48 -0.47
N GLU B 102 18.06 -19.33 -1.77
CA GLU B 102 18.56 -18.17 -2.48
C GLU B 102 17.96 -16.89 -1.90
N PRO B 103 18.65 -15.76 -2.04
CA PRO B 103 18.19 -14.54 -1.35
C PRO B 103 16.92 -13.94 -1.93
N CYS B 104 16.46 -14.41 -3.09
CA CYS B 104 15.18 -13.94 -3.60
C CYS B 104 14.02 -14.63 -2.91
N CYS B 105 14.13 -15.96 -2.71
CA CYS B 105 13.08 -16.75 -2.08
C CYS B 105 13.29 -16.90 -0.58
N TRP B 106 13.97 -15.96 0.07
CA TRP B 106 14.26 -16.06 1.48
C TRP B 106 13.40 -15.14 2.34
N MET B 107 13.23 -13.88 1.93
CA MET B 107 12.47 -12.96 2.76
C MET B 107 10.98 -13.26 2.76
N THR B 108 10.48 -14.01 1.78
CA THR B 108 9.10 -14.45 1.76
C THR B 108 8.98 -15.89 2.24
N TYR B 109 10.06 -16.41 2.81
CA TYR B 109 10.06 -17.73 3.41
C TYR B 109 10.36 -17.69 4.90
N ARG B 110 11.07 -16.67 5.38
CA ARG B 110 11.26 -16.50 6.80
C ARG B 110 10.10 -15.71 7.38
N GLN B 111 9.99 -14.44 6.99
CA GLN B 111 8.98 -13.53 7.53
N HIS B 112 6.64 -16.68 8.49
CA HIS B 112 5.90 -16.97 9.71
C HIS B 112 6.86 -17.33 10.84
N ARG B 113 8.13 -17.53 10.48
CA ARG B 113 9.10 -17.97 11.47
C ARG B 113 9.68 -16.79 12.24
N ASP B 114 9.74 -15.62 11.62
CA ASP B 114 10.15 -14.42 12.32
C ASP B 114 8.97 -13.62 12.83
N ALA B 115 7.75 -14.15 12.71
CA ALA B 115 6.57 -13.50 13.24
C ALA B 115 5.98 -14.23 14.44
N GLU B 116 6.45 -15.44 14.75
CA GLU B 116 6.03 -16.09 15.99
C GLU B 116 6.52 -15.29 17.19
N GLU B 117 7.81 -14.99 17.24
CA GLU B 117 8.39 -13.97 18.11
C GLU B 117 7.86 -14.01 19.53
N ALA B 118 7.52 -15.20 20.04
CA ALA B 118 6.82 -15.35 21.31
C ALA B 118 5.57 -14.46 21.35
N LEU B 119 4.92 -14.30 20.20
CA LEU B 119 3.77 -13.42 20.08
C LEU B 119 2.47 -14.21 20.13
N TYR B 188 -10.51 -15.01 41.70
CA TYR B 188 -11.17 -13.83 41.17
C TYR B 188 -10.56 -12.55 41.73
N ALA B 189 -9.30 -12.30 41.35
CA ALA B 189 -8.64 -11.05 41.63
C ALA B 189 -8.69 -10.09 40.45
N ARG B 190 -9.48 -10.42 39.43
CA ARG B 190 -9.69 -9.55 38.28
C ARG B 190 -10.75 -8.50 38.54
N TYR B 191 -11.08 -8.26 39.80
CA TYR B 191 -11.96 -7.16 40.20
C TYR B 191 -11.21 -6.01 40.86
N VAL B 192 -9.99 -6.25 41.35
CA VAL B 192 -9.16 -5.16 41.85
C VAL B 192 -8.29 -4.56 40.77
N ALA B 193 -8.14 -5.21 39.62
CA ALA B 193 -7.45 -4.59 38.50
C ALA B 193 -8.14 -3.30 38.09
N PHE B 194 -9.47 -3.30 38.08
CA PHE B 194 -10.20 -2.06 37.85
C PHE B 194 -10.04 -1.10 39.02
N ALA B 195 -9.97 -1.63 40.25
CA ALA B 195 -9.75 -0.79 41.40
C ALA B 195 -8.34 -0.21 41.45
N SER B 196 -7.46 -0.61 40.53
CA SER B 196 -6.19 0.06 40.33
C SER B 196 -6.20 0.96 39.10
N LEU B 197 -6.89 0.54 38.03
CA LEU B 197 -6.97 1.38 36.84
C LEU B 197 -7.70 2.68 37.13
N PHE B 198 -8.74 2.63 37.95
CA PHE B 198 -9.45 3.85 38.31
C PHE B 198 -8.51 4.85 38.97
N PHE B 199 -7.67 4.38 39.88
CA PHE B 199 -6.75 5.29 40.55
C PHE B 199 -5.64 5.74 39.63
N ILE B 200 -5.18 4.89 38.71
CA ILE B 200 -4.21 5.32 37.71
C ILE B 200 -4.77 6.50 36.92
N LEU B 201 -6.00 6.35 36.42
CA LEU B 201 -6.59 7.39 35.59
C LEU B 201 -6.84 8.67 36.39
N VAL B 202 -7.31 8.54 37.63
CA VAL B 202 -7.56 9.77 38.39
C VAL B 202 -6.24 10.44 38.75
N SER B 203 -5.16 9.67 38.88
CA SER B 203 -3.87 10.28 39.16
C SER B 203 -3.34 11.01 37.94
N ILE B 204 -3.51 10.41 36.75
CA ILE B 204 -3.17 11.12 35.52
C ILE B 204 -3.94 12.43 35.42
N THR B 205 -5.24 12.40 35.74
CA THR B 205 -6.04 13.60 35.63
C THR B 205 -5.62 14.66 36.63
N THR B 206 -5.33 14.26 37.87
CA THR B 206 -4.88 15.24 38.85
C THR B 206 -3.54 15.83 38.46
N PHE B 207 -2.66 15.02 37.88
CA PHE B 207 -1.41 15.55 37.38
C PHE B 207 -1.65 16.59 36.30
N CYS B 208 -2.47 16.26 35.30
CA CYS B 208 -2.74 17.18 34.20
C CYS B 208 -3.49 18.42 34.64
N LEU B 209 -4.17 18.40 35.78
CA LEU B 209 -4.88 19.57 36.29
C LEU B 209 -4.08 20.36 37.30
N GLU B 210 -2.98 19.83 37.83
CA GLU B 210 -2.16 20.62 38.74
C GLU B 210 -1.49 21.78 38.01
N THR B 211 -1.26 21.65 36.71
CA THR B 211 -0.56 22.68 35.94
C THR B 211 -1.49 23.79 35.48
N HIS B 212 -2.75 23.46 35.21
CA HIS B 212 -3.71 24.45 34.71
C HIS B 212 -3.79 25.65 35.64
N GLU B 213 -3.89 26.84 35.05
CA GLU B 213 -3.97 28.07 35.83
C GLU B 213 -5.44 28.42 36.07
N ARG B 214 -6.16 27.45 36.59
CA ARG B 214 -7.50 27.61 37.13
C ARG B 214 -7.57 27.13 38.56
N PHE B 215 -6.81 26.09 38.90
CA PHE B 215 -6.61 25.64 40.26
C PHE B 215 -5.29 26.15 40.85
N ASN B 216 -4.84 27.33 40.41
CA ASN B 216 -3.64 27.95 40.95
C ASN B 216 -3.88 29.45 41.10
N PRO B 217 -4.71 29.85 42.06
CA PRO B 217 -4.98 31.27 42.25
C PRO B 217 -3.79 32.04 42.80
N GLU B 240 0.14 27.66 45.74
CA GLU B 240 -1.17 28.28 45.63
C GLU B 240 -2.19 27.26 45.12
N THR B 241 -1.74 26.02 44.99
CA THR B 241 -2.61 24.96 44.47
C THR B 241 -3.75 24.68 45.44
N GLU B 242 -4.95 24.50 44.88
CA GLU B 242 -6.11 24.22 45.70
C GLU B 242 -5.92 22.89 46.46
N ALA B 243 -6.58 22.80 47.61
CA ALA B 243 -6.34 21.68 48.52
C ALA B 243 -7.04 20.40 48.08
N PHE B 244 -8.17 20.50 47.38
CA PHE B 244 -8.89 19.29 47.05
C PHE B 244 -8.12 18.42 46.05
N LEU B 245 -7.28 19.04 45.21
CA LEU B 245 -6.51 18.26 44.25
C LEU B 245 -5.41 17.45 44.96
N THR B 246 -4.68 18.09 45.88
CA THR B 246 -3.68 17.33 46.61
C THR B 246 -4.32 16.31 47.54
N TYR B 247 -5.53 16.59 48.04
CA TYR B 247 -6.25 15.58 48.80
C TYR B 247 -6.57 14.36 47.93
N ILE B 248 -7.08 14.61 46.71
CA ILE B 248 -7.38 13.51 45.80
C ILE B 248 -6.13 12.68 45.53
N GLU B 249 -5.05 13.34 45.13
CA GLU B 249 -3.85 12.57 44.84
C GLU B 249 -3.28 11.92 46.09
N GLY B 250 -3.59 12.44 47.27
CA GLY B 250 -3.21 11.75 48.49
C GLY B 250 -3.96 10.46 48.66
N VAL B 251 -5.26 10.47 48.37
CA VAL B 251 -6.02 9.22 48.37
C VAL B 251 -5.43 8.24 47.36
N CYS B 252 -5.08 8.74 46.17
CA CYS B 252 -4.49 7.88 45.16
C CYS B 252 -3.19 7.24 45.65
N VAL B 253 -2.31 8.04 46.25
CA VAL B 253 -1.03 7.47 46.66
C VAL B 253 -1.20 6.56 47.86
N VAL B 254 -2.19 6.82 48.71
CA VAL B 254 -2.42 5.92 49.84
C VAL B 254 -3.09 4.63 49.40
N TRP B 255 -3.69 4.60 48.20
CA TRP B 255 -4.10 3.31 47.65
C TRP B 255 -2.96 2.60 46.94
N PHE B 256 -2.13 3.35 46.22
CA PHE B 256 -1.01 2.72 45.53
C PHE B 256 0.02 2.17 46.51
N THR B 257 0.19 2.81 47.66
CA THR B 257 1.04 2.24 48.69
C THR B 257 0.46 0.93 49.21
N PHE B 258 -0.86 0.88 49.41
CA PHE B 258 -1.50 -0.35 49.82
C PHE B 258 -1.28 -1.45 48.80
N GLU B 259 -1.35 -1.12 47.50
CA GLU B 259 -1.12 -2.14 46.48
C GLU B 259 0.36 -2.52 46.40
N PHE B 260 1.24 -1.61 46.79
CA PHE B 260 2.67 -1.90 46.84
C PHE B 260 3.07 -2.61 48.12
N LEU B 261 2.12 -2.86 49.02
CA LEU B 261 2.36 -3.68 50.20
C LEU B 261 1.99 -5.14 49.98
N MET B 262 1.80 -5.56 48.73
CA MET B 262 1.63 -6.95 48.39
C MET B 262 2.62 -7.44 47.35
N ARG B 263 3.08 -6.58 46.45
CA ARG B 263 4.01 -6.98 45.41
C ARG B 263 5.44 -7.11 45.91
N VAL B 264 5.65 -7.01 47.22
CA VAL B 264 6.97 -7.23 47.80
C VAL B 264 6.82 -8.23 48.94
N ILE B 265 5.61 -8.37 49.45
CA ILE B 265 5.33 -9.26 50.57
C ILE B 265 5.14 -10.69 50.10
N PHE B 266 4.33 -10.90 49.07
CA PHE B 266 4.03 -12.25 48.58
C PHE B 266 4.71 -12.56 47.25
N CYS B 267 5.84 -11.91 46.97
CA CYS B 267 6.42 -12.30 45.69
C CYS B 267 7.59 -13.26 45.90
N PRO B 268 7.72 -14.27 45.04
CA PRO B 268 8.72 -15.31 45.26
C PRO B 268 10.16 -14.82 45.17
N ASN B 269 10.51 -14.19 44.05
CA ASN B 269 11.89 -13.84 43.77
C ASN B 269 12.27 -12.51 44.40
N LYS B 270 13.55 -12.39 44.75
CA LYS B 270 14.11 -11.17 45.33
C LYS B 270 13.31 -10.71 46.55
N ILE B 280 11.65 -3.88 36.29
CA ILE B 280 11.47 -3.05 35.10
C ILE B 280 10.31 -2.09 35.32
N ILE B 281 9.15 -2.61 35.64
CA ILE B 281 7.95 -1.81 35.83
C ILE B 281 7.79 -1.46 37.30
N ASP B 282 8.85 -1.64 38.07
CA ASP B 282 8.81 -1.39 39.50
C ASP B 282 9.72 -0.25 39.94
N PHE B 283 10.97 -0.24 39.50
CA PHE B 283 11.91 0.78 39.98
C PHE B 283 11.58 2.15 39.42
N VAL B 284 11.64 2.30 38.10
CA VAL B 284 11.42 3.58 37.45
C VAL B 284 9.95 3.74 37.02
N ALA B 285 9.05 2.90 37.53
CA ALA B 285 7.64 3.02 37.22
C ALA B 285 6.74 3.07 38.45
N ILE B 286 7.24 2.76 39.64
CA ILE B 286 6.45 2.87 40.86
C ILE B 286 7.16 3.90 41.73
N LEU B 287 7.79 4.87 41.09
CA LEU B 287 8.54 5.94 41.73
C LEU B 287 7.67 6.99 42.41
N PRO B 288 6.52 7.40 41.84
CA PRO B 288 5.71 8.42 42.52
C PRO B 288 5.27 8.03 43.92
N PHE B 289 5.09 6.73 44.18
CA PHE B 289 4.84 6.30 45.55
C PHE B 289 6.00 6.70 46.46
N TYR B 290 7.24 6.49 46.00
CA TYR B 290 8.40 6.98 46.74
C TYR B 290 8.43 8.50 46.80
N LEU B 291 7.77 9.17 45.86
CA LEU B 291 7.86 10.62 45.77
C LEU B 291 6.94 11.32 46.77
N GLU B 292 5.66 10.96 46.78
CA GLU B 292 4.69 11.74 47.55
C GLU B 292 5.00 11.73 49.04
N VAL B 293 5.65 10.68 49.53
CA VAL B 293 5.93 10.56 50.96
C VAL B 293 7.07 11.50 51.35
N GLY B 294 7.67 12.16 50.37
CA GLY B 294 8.75 13.09 50.64
C GLY B 294 10.00 12.80 49.83
N LEU B 310 10.64 18.77 39.66
CA LEU B 310 9.33 18.23 39.31
C LEU B 310 9.33 17.52 37.96
N ARG B 311 10.21 17.94 37.05
CA ARG B 311 10.30 17.25 35.75
C ARG B 311 10.41 15.74 35.99
N VAL B 312 11.59 15.29 36.43
CA VAL B 312 11.82 13.87 36.65
C VAL B 312 11.04 13.35 37.84
N VAL B 313 10.58 14.25 38.71
CA VAL B 313 9.71 13.84 39.82
C VAL B 313 8.41 13.23 39.29
N ARG B 314 7.71 13.95 38.42
CA ARG B 314 6.32 13.59 38.11
C ARG B 314 6.07 13.32 36.64
N PHE B 315 7.09 13.28 35.78
CA PHE B 315 6.89 12.64 34.49
C PHE B 315 6.44 11.20 34.68
N VAL B 316 7.00 10.53 35.70
CA VAL B 316 6.79 9.10 35.91
C VAL B 316 5.37 8.79 36.36
N ARG B 317 4.64 9.77 36.89
CA ARG B 317 3.26 9.51 37.28
C ARG B 317 2.43 9.02 36.11
N ILE B 318 2.76 9.46 34.89
CA ILE B 318 2.03 9.00 33.71
C ILE B 318 2.54 7.68 33.18
N LEU B 319 3.69 7.20 33.67
CA LEU B 319 4.23 5.94 33.16
C LEU B 319 3.48 4.73 33.64
N ARG B 320 2.62 4.87 34.66
CA ARG B 320 1.91 3.72 35.20
C ARG B 320 0.97 3.10 34.19
N ILE B 321 0.58 3.83 33.15
CA ILE B 321 -0.32 3.25 32.16
C ILE B 321 0.39 2.19 31.32
N PHE B 322 1.72 2.27 31.22
CA PHE B 322 2.48 1.24 30.54
C PHE B 322 2.49 -0.07 31.31
N LYS B 323 2.04 -0.06 32.57
CA LYS B 323 1.87 -1.31 33.30
C LYS B 323 0.67 -2.08 32.80
N LEU B 324 -0.45 -1.39 32.56
CA LEU B 324 -1.66 -2.06 32.12
C LEU B 324 -1.82 -2.21 30.62
N THR B 325 -1.01 -1.46 29.91
CA THR B 325 -1.00 -1.43 28.44
C THR B 325 -0.29 -2.67 27.89
N ARG B 326 -0.15 -3.71 28.66
CA ARG B 326 0.32 -5.01 28.18
C ARG B 326 -0.84 -6.00 28.17
N HIS B 327 -1.98 -5.66 28.77
CA HIS B 327 -3.15 -6.51 28.74
C HIS B 327 -4.01 -6.29 27.49
N PHE B 328 -3.68 -5.27 26.69
CA PHE B 328 -4.36 -5.01 25.43
C PHE B 328 -3.54 -5.63 24.31
N VAL B 329 -4.22 -6.28 23.36
CA VAL B 329 -3.47 -7.01 22.33
C VAL B 329 -2.88 -6.05 21.32
N GLY B 330 -3.57 -4.96 21.01
CA GLY B 330 -3.04 -4.01 20.04
C GLY B 330 -1.73 -3.39 20.48
N LEU B 331 -1.62 -3.05 21.77
CA LEU B 331 -0.39 -2.46 22.25
C LEU B 331 0.72 -3.48 22.43
N ARG B 332 0.38 -4.74 22.70
CA ARG B 332 1.39 -5.79 22.66
C ARG B 332 1.98 -5.92 21.26
N VAL B 333 1.13 -5.91 20.23
CA VAL B 333 1.62 -5.97 18.86
C VAL B 333 2.45 -4.75 18.53
N LEU B 334 2.02 -3.57 18.99
CA LEU B 334 2.80 -2.36 18.73
C LEU B 334 4.16 -2.44 19.39
N GLY B 335 4.23 -2.95 20.62
CA GLY B 335 5.50 -3.08 21.29
C GLY B 335 6.42 -4.07 20.61
N HIS B 336 5.86 -5.18 20.11
CA HIS B 336 6.69 -6.13 19.39
C HIS B 336 7.18 -5.54 18.08
N THR B 337 6.36 -4.72 17.42
CA THR B 337 6.77 -4.09 16.18
C THR B 337 7.89 -3.08 16.41
N LEU B 338 7.74 -2.24 17.43
CA LEU B 338 8.72 -1.19 17.71
C LEU B 338 10.08 -1.72 18.11
N ARG B 339 10.23 -3.03 18.20
CA ARG B 339 11.52 -3.63 18.52
C ARG B 339 11.95 -4.72 17.55
N ALA B 340 11.04 -5.26 16.73
CA ALA B 340 11.46 -6.12 15.64
C ALA B 340 11.85 -5.35 14.39
N SER B 341 11.70 -4.03 14.41
CA SER B 341 12.00 -3.16 13.28
C SER B 341 12.80 -1.96 13.74
N THR B 342 13.88 -2.21 14.49
CA THR B 342 14.69 -1.14 15.05
C THR B 342 15.76 -0.63 14.11
N ASN B 343 15.90 -1.22 12.92
CA ASN B 343 16.80 -0.67 11.92
C ASN B 343 16.11 0.38 11.06
N GLU B 344 14.84 0.16 10.74
CA GLU B 344 14.05 1.10 9.95
C GLU B 344 13.72 2.37 10.71
N PHE B 345 14.22 2.53 11.93
CA PHE B 345 14.16 3.81 12.62
C PHE B 345 15.46 4.60 12.49
N LEU B 346 16.60 3.92 12.62
CA LEU B 346 17.86 4.56 12.26
C LEU B 346 17.84 5.01 10.81
N LEU B 347 17.29 4.18 9.94
CA LEU B 347 17.21 4.54 8.52
C LEU B 347 16.39 5.80 8.32
N LEU B 348 15.23 5.88 8.95
CA LEU B 348 14.37 7.05 8.78
C LEU B 348 15.01 8.29 9.39
N ILE B 349 15.63 8.16 10.56
CA ILE B 349 16.26 9.30 11.21
C ILE B 349 17.41 9.81 10.37
N ILE B 350 18.16 8.91 9.73
CA ILE B 350 19.30 9.35 8.93
C ILE B 350 18.83 10.02 7.65
N PHE B 351 17.82 9.44 6.99
CA PHE B 351 17.22 10.11 5.83
C PHE B 351 16.78 11.51 6.19
N LEU B 352 16.04 11.65 7.30
CA LEU B 352 15.51 12.96 7.67
C LEU B 352 16.62 13.92 8.06
N ALA B 353 17.70 13.43 8.69
CA ALA B 353 18.78 14.34 9.07
C ALA B 353 19.53 14.84 7.83
N LEU B 354 19.81 13.96 6.88
CA LEU B 354 20.42 14.40 5.63
C LEU B 354 19.54 15.42 4.93
N GLY B 355 18.25 15.13 4.80
CA GLY B 355 17.34 16.07 4.17
C GLY B 355 17.33 17.41 4.87
N VAL B 356 17.24 17.40 6.21
CA VAL B 356 17.17 18.65 6.96
C VAL B 356 18.43 19.47 6.72
N LEU B 357 19.60 18.84 6.79
CA LEU B 357 20.84 19.60 6.60
C LEU B 357 20.94 20.18 5.20
N ILE B 358 20.75 19.34 4.18
CA ILE B 358 20.84 19.80 2.80
C ILE B 358 19.89 20.96 2.56
N PHE B 359 18.61 20.79 2.88
CA PHE B 359 17.64 21.80 2.52
C PHE B 359 17.73 23.04 3.39
N ALA B 360 18.20 22.93 4.63
CA ALA B 360 18.47 24.12 5.42
C ALA B 360 19.53 24.97 4.76
N THR B 361 20.63 24.35 4.32
CA THR B 361 21.66 25.11 3.63
C THR B 361 21.14 25.73 2.34
N MET B 362 20.44 24.92 1.53
CA MET B 362 19.94 25.40 0.25
C MET B 362 19.01 26.60 0.44
N ILE B 363 18.12 26.54 1.43
CA ILE B 363 17.16 27.62 1.59
C ILE B 363 17.82 28.86 2.16
N TYR B 364 18.83 28.69 3.04
CA TYR B 364 19.56 29.86 3.51
C TYR B 364 20.18 30.60 2.33
N TYR B 365 20.94 29.89 1.51
CA TYR B 365 21.65 30.57 0.43
C TYR B 365 20.67 31.12 -0.60
N ALA B 366 19.62 30.37 -0.93
CA ALA B 366 18.61 30.84 -1.88
C ALA B 366 17.99 32.14 -1.40
N GLU B 367 17.43 32.14 -0.19
CA GLU B 367 16.88 33.38 0.36
C GLU B 367 17.91 34.49 0.44
N ARG B 368 19.20 34.15 0.46
N ARG B 368 19.20 34.15 0.46
CA ARG B 368 20.22 35.19 0.51
C ARG B 368 20.47 35.83 -0.85
N ILE B 369 20.42 35.06 -1.95
CA ILE B 369 20.67 35.66 -3.25
C ILE B 369 19.55 36.58 -3.70
N GLY B 370 18.38 36.49 -3.08
CA GLY B 370 17.23 37.29 -3.45
C GLY B 370 17.18 38.68 -2.85
N ALA B 371 18.34 39.30 -2.61
CA ALA B 371 18.43 40.65 -2.07
C ALA B 371 17.72 40.78 -0.73
N SER B 377 22.60 44.96 4.19
CA SER B 377 23.93 44.59 4.69
C SER B 377 23.89 43.25 5.41
N ALA B 378 22.68 42.78 5.69
CA ALA B 378 22.48 41.50 6.38
C ALA B 378 21.18 40.90 5.89
N SER B 379 20.67 39.90 6.61
CA SER B 379 19.41 39.24 6.28
C SER B 379 18.36 39.72 7.28
N GLU B 380 17.73 40.84 6.97
CA GLU B 380 16.68 41.42 7.80
C GLU B 380 15.33 41.43 7.12
N HIS B 381 15.23 40.84 5.92
CA HIS B 381 14.00 40.83 5.15
C HIS B 381 13.37 39.46 5.07
N THR B 382 13.80 38.52 5.92
CA THR B 382 13.38 37.14 5.79
C THR B 382 13.46 36.45 7.14
N HIS B 383 13.01 35.20 7.17
CA HIS B 383 12.99 34.41 8.40
C HIS B 383 14.28 33.63 8.60
N PHE B 384 14.79 33.01 7.53
CA PHE B 384 15.98 32.17 7.61
C PHE B 384 17.19 33.07 7.70
N LYS B 385 17.56 33.41 8.94
CA LYS B 385 18.77 34.18 9.18
C LYS B 385 19.98 33.31 9.50
N ASN B 386 19.76 32.05 9.85
CA ASN B 386 20.83 31.13 10.20
C ASN B 386 20.61 29.81 9.49
N ILE B 387 21.66 29.01 9.43
CA ILE B 387 21.52 27.63 8.97
C ILE B 387 20.91 26.75 10.07
N PRO B 388 21.19 26.97 11.37
CA PRO B 388 20.48 26.16 12.37
C PRO B 388 18.97 26.32 12.34
N ILE B 389 18.46 27.56 12.41
CA ILE B 389 17.02 27.78 12.49
C ILE B 389 16.32 27.25 11.25
N GLY B 390 17.06 27.05 10.16
CA GLY B 390 16.47 26.42 9.00
C GLY B 390 16.10 24.97 9.20
N PHE B 391 16.62 24.34 10.26
CA PHE B 391 16.26 22.95 10.52
C PHE B 391 14.80 22.83 10.90
N TRP B 392 14.31 23.76 11.72
CA TRP B 392 12.90 23.74 12.10
C TRP B 392 12.02 23.81 10.87
N TRP B 393 12.31 24.75 9.96
CA TRP B 393 11.52 24.85 8.73
C TRP B 393 11.63 23.58 7.91
N ALA B 394 12.85 23.12 7.65
CA ALA B 394 13.01 21.96 6.79
C ALA B 394 12.42 20.69 7.38
N VAL B 395 12.08 20.68 8.66
CA VAL B 395 11.41 19.50 9.22
C VAL B 395 9.90 19.69 9.39
N VAL B 396 9.41 20.93 9.52
CA VAL B 396 7.96 21.13 9.44
C VAL B 396 7.47 21.20 8.01
N THR B 397 8.38 21.18 7.03
CA THR B 397 8.01 21.14 5.62
C THR B 397 8.17 19.76 5.00
N MET B 398 9.27 19.06 5.31
CA MET B 398 9.46 17.71 4.77
C MET B 398 8.36 16.76 5.21
N THR B 399 7.85 16.94 6.43
CA THR B 399 6.75 16.13 6.95
C THR B 399 5.39 16.60 6.48
N THR B 400 5.34 17.56 5.57
CA THR B 400 4.10 18.19 5.10
C THR B 400 3.25 18.66 6.27
N LEU B 401 3.89 19.31 7.22
CA LEU B 401 3.18 19.92 8.35
C LEU B 401 2.89 21.39 8.07
N GLY B 402 3.85 22.21 7.90
CA GLY B 402 3.59 23.58 7.50
C GLY B 402 2.89 24.39 8.52
N TYR B 403 3.51 24.75 9.59
CA TYR B 403 2.83 25.65 10.51
C TYR B 403 2.54 26.99 9.85
N GLY B 404 3.58 27.71 9.46
CA GLY B 404 3.38 29.01 8.86
C GLY B 404 4.17 30.06 9.61
N ASP B 405 4.99 29.63 10.56
CA ASP B 405 5.84 30.56 11.28
C ASP B 405 7.02 31.00 10.42
N MET B 406 7.52 30.12 9.56
CA MET B 406 8.64 30.42 8.67
C MET B 406 8.34 29.82 7.31
N TYR B 407 8.32 30.65 6.28
CA TYR B 407 8.09 30.23 4.91
C TYR B 407 8.99 31.03 4.00
N PRO B 408 9.25 30.55 2.79
CA PRO B 408 10.07 31.31 1.85
C PRO B 408 9.36 32.58 1.40
N GLN B 409 10.17 33.60 1.06
CA GLN B 409 9.62 34.88 0.61
C GLN B 409 10.33 35.42 -0.63
N THR B 410 11.11 34.61 -1.33
CA THR B 410 11.69 35.00 -2.61
C THR B 410 11.58 33.82 -3.57
N TRP B 411 11.59 34.13 -4.87
CA TRP B 411 11.32 33.10 -5.88
C TRP B 411 12.29 31.93 -5.78
N SER B 412 13.56 32.20 -5.44
CA SER B 412 14.51 31.11 -5.23
C SER B 412 14.16 30.31 -3.98
N GLY B 413 13.77 31.00 -2.92
CA GLY B 413 13.27 30.31 -1.76
C GLY B 413 12.05 29.47 -2.07
N MET B 414 11.19 29.97 -2.96
CA MET B 414 9.99 29.23 -3.30
C MET B 414 10.31 27.97 -4.08
N LEU B 415 11.25 28.05 -5.02
CA LEU B 415 11.67 26.83 -5.72
C LEU B 415 12.28 25.82 -4.77
N VAL B 416 13.12 26.27 -3.83
CA VAL B 416 13.75 25.34 -2.90
C VAL B 416 12.71 24.72 -1.97
N GLY B 417 11.71 25.48 -1.55
CA GLY B 417 10.66 24.91 -0.73
C GLY B 417 9.80 23.91 -1.47
N ALA B 418 9.51 24.19 -2.74
CA ALA B 418 8.76 23.25 -3.55
C ALA B 418 9.55 21.97 -3.79
N LEU B 419 10.88 22.05 -3.78
CA LEU B 419 11.69 20.84 -3.82
C LEU B 419 11.66 20.12 -2.47
N CYS B 420 11.70 20.88 -1.38
CA CYS B 420 11.77 20.29 -0.06
C CYS B 420 10.53 19.48 0.27
N ALA B 421 9.35 20.01 -0.04
CA ALA B 421 8.12 19.29 0.27
C ALA B 421 8.11 17.91 -0.36
N LEU B 422 8.49 17.83 -1.64
CA LEU B 422 8.46 16.55 -2.35
C LEU B 422 9.55 15.61 -1.85
N ALA B 423 10.78 16.12 -1.68
CA ALA B 423 11.83 15.26 -1.17
C ALA B 423 11.48 14.72 0.21
N GLY B 424 10.77 15.52 1.01
CA GLY B 424 10.35 15.03 2.32
C GLY B 424 9.29 13.94 2.21
N VAL B 425 8.28 14.17 1.36
CA VAL B 425 7.28 13.13 1.15
C VAL B 425 7.94 11.82 0.75
N LEU B 426 8.95 11.89 -0.14
CA LEU B 426 9.56 10.66 -0.62
C LEU B 426 10.43 9.99 0.44
N THR B 427 11.32 10.76 1.08
CA THR B 427 12.22 10.16 2.06
C THR B 427 11.52 9.81 3.36
N ILE B 428 10.26 10.19 3.52
CA ILE B 428 9.48 9.65 4.62
C ILE B 428 8.69 8.42 4.18
N ALA B 429 8.09 8.46 3.00
CA ALA B 429 7.30 7.33 2.53
C ALA B 429 8.15 6.18 2.05
N MET B 430 9.47 6.28 2.05
CA MET B 430 10.22 5.10 1.60
C MET B 430 10.37 4.01 2.67
N PRO B 431 10.78 4.32 3.91
CA PRO B 431 10.90 3.26 4.93
C PRO B 431 9.67 3.02 5.80
N VAL B 432 8.71 3.93 5.81
CA VAL B 432 7.51 3.78 6.63
C VAL B 432 6.69 2.58 6.17
N PRO B 433 6.56 2.28 4.87
CA PRO B 433 5.88 1.03 4.49
C PRO B 433 6.57 -0.21 5.01
N VAL B 434 7.90 -0.20 5.07
CA VAL B 434 8.61 -1.34 5.66
C VAL B 434 8.28 -1.46 7.13
N ILE B 435 8.18 -0.33 7.82
CA ILE B 435 7.77 -0.35 9.23
C ILE B 435 6.34 -0.87 9.37
N VAL B 436 5.47 -0.51 8.43
CA VAL B 436 4.04 -0.78 8.57
C VAL B 436 3.69 -2.23 8.25
N ASN B 437 4.38 -2.84 7.29
CA ASN B 437 4.11 -4.24 6.98
C ASN B 437 4.35 -5.14 8.17
N ASN B 438 5.32 -4.79 9.03
CA ASN B 438 5.57 -5.58 10.22
C ASN B 438 4.37 -5.57 11.15
N PHE B 439 3.82 -4.39 11.43
CA PHE B 439 2.64 -4.33 12.27
C PHE B 439 1.48 -5.06 11.63
N GLY B 440 1.32 -4.93 10.31
CA GLY B 440 0.26 -5.65 9.64
C GLY B 440 0.36 -7.14 9.88
N MET B 441 1.55 -7.70 9.68
CA MET B 441 1.72 -9.15 9.83
C MET B 441 1.54 -9.58 11.29
N TYR B 442 2.16 -8.87 12.22
CA TYR B 442 2.07 -9.27 13.62
C TYR B 442 0.64 -9.16 14.13
N TYR B 443 -0.08 -8.11 13.73
CA TYR B 443 -1.45 -7.95 14.17
C TYR B 443 -2.35 -9.01 13.55
N SER B 444 -2.15 -9.33 12.28
CA SER B 444 -2.89 -10.43 11.68
C SER B 444 -2.67 -11.71 12.45
N LEU B 445 -1.43 -11.99 12.84
CA LEU B 445 -1.14 -13.21 13.57
C LEU B 445 -1.79 -13.20 14.95
N ALA B 446 -1.72 -12.07 15.65
CA ALA B 446 -2.32 -11.98 16.97
C ALA B 446 -3.83 -12.18 16.92
N MET B 447 -4.48 -11.59 15.91
CA MET B 447 -5.92 -11.75 15.78
C MET B 447 -6.29 -13.18 15.39
N ALA B 448 -5.50 -13.80 14.50
CA ALA B 448 -5.77 -15.19 14.14
C ALA B 448 -5.61 -16.10 15.34
N LYS B 449 -4.64 -15.81 16.21
N LYS B 449 -4.64 -15.82 16.21
CA LYS B 449 -4.47 -16.61 17.42
CA LYS B 449 -4.48 -16.62 17.41
C LYS B 449 -5.57 -16.34 18.43
C LYS B 449 -5.60 -16.35 18.42
N GLN B 450 -6.13 -15.12 18.44
CA GLN B 450 -7.22 -14.82 19.34
C GLN B 450 -8.52 -15.48 18.89
N LYS B 451 -8.72 -15.61 17.58
CA LYS B 451 -9.97 -16.14 17.03
C LYS B 451 -9.97 -17.64 16.89
N LEU B 452 -8.97 -18.34 17.43
CA LEU B 452 -8.88 -19.78 17.35
C LEU B 452 -8.66 -20.37 18.73
N PRO B 453 -9.23 -21.55 19.01
CA PRO B 453 -9.08 -22.22 20.31
C PRO B 453 -7.66 -22.69 20.58
N SER C 7 2.11 -50.75 8.53
CA SER C 7 3.00 -51.64 7.80
C SER C 7 2.50 -51.90 6.38
N GLU C 8 1.19 -51.77 6.19
CA GLU C 8 0.59 -51.99 4.88
C GLU C 8 0.34 -50.66 4.20
N ARG C 9 0.30 -50.69 2.87
CA ARG C 9 0.08 -49.51 2.05
C ARG C 9 -1.28 -49.59 1.36
N ILE C 10 -1.94 -48.44 1.23
CA ILE C 10 -3.19 -48.35 0.50
C ILE C 10 -3.13 -47.13 -0.42
N VAL C 11 -3.92 -47.21 -1.49
CA VAL C 11 -3.78 -46.34 -2.65
C VAL C 11 -5.06 -45.55 -2.82
N ILE C 12 -5.09 -44.33 -2.28
CA ILE C 12 -6.23 -43.42 -2.44
C ILE C 12 -6.12 -42.82 -3.84
N ASN C 13 -6.95 -43.27 -4.77
CA ASN C 13 -6.96 -42.73 -6.12
C ASN C 13 -7.92 -41.56 -6.16
N VAL C 14 -7.42 -40.35 -5.95
CA VAL C 14 -8.27 -39.17 -5.95
C VAL C 14 -8.28 -38.65 -7.39
N GLY C 15 -9.15 -39.23 -8.20
CA GLY C 15 -9.36 -38.75 -9.55
C GLY C 15 -8.15 -38.82 -10.44
N GLY C 16 -7.71 -40.05 -10.76
CA GLY C 16 -6.67 -40.28 -11.74
C GLY C 16 -5.26 -40.26 -11.22
N THR C 17 -4.99 -39.50 -10.15
CA THR C 17 -3.63 -39.29 -9.64
C THR C 17 -3.53 -39.94 -8.26
N ARG C 18 -3.08 -41.19 -8.23
CA ARG C 18 -3.15 -41.98 -7.01
C ARG C 18 -2.10 -41.53 -5.99
N HIS C 19 -2.52 -41.46 -4.73
CA HIS C 19 -1.64 -41.19 -3.60
C HIS C 19 -1.53 -42.45 -2.76
N GLN C 20 -0.31 -42.88 -2.47
CA GLN C 20 -0.10 -44.04 -1.61
C GLN C 20 0.23 -43.57 -0.20
N THR C 21 -0.20 -44.35 0.79
CA THR C 21 0.18 -44.11 2.17
C THR C 21 0.16 -45.41 2.95
N TYR C 22 0.65 -45.36 4.19
CA TYR C 22 0.48 -46.45 5.14
C TYR C 22 -0.79 -46.21 5.94
N ARG C 23 -1.53 -47.29 6.18
CA ARG C 23 -2.75 -47.16 6.97
C ARG C 23 -2.45 -46.59 8.35
N SER C 24 -1.26 -46.89 8.89
CA SER C 24 -0.82 -46.28 10.14
C SER C 24 -0.79 -44.77 10.05
N THR C 25 -0.70 -44.22 8.84
CA THR C 25 -0.81 -42.77 8.67
C THR C 25 -2.27 -42.34 8.65
N LEU C 26 -3.12 -43.13 8.01
CA LEU C 26 -4.52 -42.75 7.87
C LEU C 26 -5.27 -42.84 9.18
N ARG C 27 -4.79 -43.63 10.13
CA ARG C 27 -5.43 -43.75 11.44
C ARG C 27 -4.87 -42.77 12.45
N THR C 28 -4.38 -41.61 12.01
CA THR C 28 -3.93 -40.59 12.95
C THR C 28 -5.11 -39.82 13.54
N LEU C 29 -6.13 -39.55 12.72
CA LEU C 29 -7.36 -38.90 13.19
C LEU C 29 -8.54 -39.80 12.92
N PRO C 30 -9.04 -40.53 13.91
CA PRO C 30 -10.00 -41.62 13.65
C PRO C 30 -11.43 -41.19 13.44
N GLY C 31 -11.74 -39.89 13.43
CA GLY C 31 -13.11 -39.47 13.23
C GLY C 31 -13.46 -39.16 11.80
N THR C 32 -12.48 -38.76 11.01
CA THR C 32 -12.70 -38.30 9.65
C THR C 32 -12.99 -39.46 8.70
N ARG C 33 -13.28 -39.12 7.46
CA ARG C 33 -13.69 -40.13 6.48
C ARG C 33 -12.54 -41.03 6.08
N LEU C 34 -11.38 -40.45 5.78
CA LEU C 34 -10.24 -41.22 5.32
C LEU C 34 -9.90 -42.34 6.30
N ALA C 35 -10.04 -42.07 7.59
CA ALA C 35 -9.74 -43.08 8.60
C ALA C 35 -10.58 -44.33 8.42
N TRP C 36 -11.80 -44.18 7.90
CA TRP C 36 -12.65 -45.35 7.65
C TRP C 36 -12.03 -46.29 6.62
N LEU C 37 -11.22 -45.76 5.71
CA LEU C 37 -10.59 -46.61 4.70
C LEU C 37 -9.69 -47.65 5.33
N ALA C 38 -9.12 -47.35 6.50
CA ALA C 38 -8.09 -48.20 7.08
C ALA C 38 -8.66 -49.47 7.72
N GLU C 39 -9.90 -49.46 8.18
CA GLU C 39 -10.47 -50.64 8.81
C GLU C 39 -10.64 -51.76 7.78
N PRO C 40 -10.56 -53.02 8.22
CA PRO C 40 -10.72 -54.14 7.27
C PRO C 40 -12.17 -54.37 6.91
N ASP C 41 -12.89 -53.29 6.63
CA ASP C 41 -14.26 -53.36 6.15
C ASP C 41 -14.53 -52.37 5.02
N ALA C 42 -13.64 -51.40 4.78
CA ALA C 42 -13.87 -50.38 3.76
C ALA C 42 -14.15 -50.95 2.39
N HIS C 43 -13.72 -52.19 2.12
CA HIS C 43 -14.02 -52.82 0.84
C HIS C 43 -15.51 -52.97 0.59
N SER C 44 -16.33 -52.87 1.64
CA SER C 44 -17.77 -52.96 1.50
C SER C 44 -18.46 -51.61 1.53
N HIS C 45 -17.69 -50.52 1.53
CA HIS C 45 -18.28 -49.19 1.63
C HIS C 45 -17.95 -48.29 0.45
N PHE C 46 -16.72 -48.28 -0.02
CA PHE C 46 -16.26 -47.34 -1.03
C PHE C 46 -16.01 -48.03 -2.36
N ASP C 47 -15.51 -47.27 -3.32
CA ASP C 47 -15.28 -47.77 -4.68
C ASP C 47 -13.92 -48.47 -4.71
N TYR C 48 -13.91 -49.72 -4.26
CA TYR C 48 -12.69 -50.51 -4.21
C TYR C 48 -12.60 -51.35 -5.47
N ASP C 49 -11.72 -50.95 -6.39
CA ASP C 49 -11.45 -51.73 -7.57
C ASP C 49 -10.67 -52.98 -7.17
N PRO C 50 -11.25 -54.17 -7.20
CA PRO C 50 -10.54 -55.34 -6.69
C PRO C 50 -9.62 -55.98 -7.70
N ARG C 51 -8.88 -55.16 -8.45
CA ARG C 51 -7.76 -55.64 -9.24
C ARG C 51 -6.53 -54.74 -9.15
N ALA C 52 -6.70 -53.45 -8.81
CA ALA C 52 -5.58 -52.58 -8.52
C ALA C 52 -5.60 -52.08 -7.07
N ASP C 53 -6.57 -52.53 -6.27
CA ASP C 53 -6.61 -52.28 -4.83
C ASP C 53 -6.60 -50.79 -4.50
N GLU C 54 -7.13 -49.96 -5.38
CA GLU C 54 -7.13 -48.52 -5.19
C GLU C 54 -8.55 -48.02 -4.92
N PHE C 55 -8.68 -47.17 -3.91
CA PHE C 55 -9.97 -46.61 -3.53
C PHE C 55 -10.21 -45.34 -4.34
N PHE C 56 -11.22 -45.38 -5.21
CA PHE C 56 -11.55 -44.23 -6.05
C PHE C 56 -12.27 -43.15 -5.24
N PHE C 57 -11.93 -41.89 -5.49
CA PHE C 57 -12.59 -40.84 -4.72
C PHE C 57 -12.97 -39.59 -5.52
N ASP C 58 -12.76 -39.57 -6.83
CA ASP C 58 -13.39 -38.60 -7.74
C ASP C 58 -13.49 -37.20 -7.15
N ARG C 59 -12.36 -36.63 -6.78
CA ARG C 59 -12.32 -35.25 -6.30
C ARG C 59 -11.08 -34.57 -6.85
N HIS C 60 -11.00 -33.28 -6.61
CA HIS C 60 -9.86 -32.48 -7.04
C HIS C 60 -8.57 -33.11 -6.55
N PRO C 61 -7.67 -33.55 -7.43
CA PRO C 61 -6.40 -34.15 -6.98
C PRO C 61 -5.30 -33.17 -6.67
N GLY C 62 -5.58 -31.87 -6.69
CA GLY C 62 -4.54 -30.89 -6.48
C GLY C 62 -4.60 -30.25 -5.11
N VAL C 63 -5.66 -30.53 -4.36
CA VAL C 63 -5.73 -30.13 -2.96
C VAL C 63 -5.75 -31.31 -2.02
N PHE C 64 -6.19 -32.50 -2.47
CA PHE C 64 -6.17 -33.65 -1.59
C PHE C 64 -4.76 -33.99 -1.12
N ALA C 65 -3.74 -33.57 -1.85
CA ALA C 65 -2.37 -33.75 -1.40
C ALA C 65 -1.98 -32.75 -0.33
N HIS C 66 -2.85 -31.79 -0.01
CA HIS C 66 -2.70 -30.97 1.19
C HIS C 66 -3.55 -31.46 2.35
N ILE C 67 -4.72 -32.03 2.08
CA ILE C 67 -5.48 -32.72 3.12
C ILE C 67 -4.67 -33.87 3.66
N LEU C 68 -4.22 -34.77 2.79
CA LEU C 68 -3.43 -35.89 3.26
C LEU C 68 -2.18 -35.44 3.97
N ASN C 69 -1.70 -34.23 3.69
CA ASN C 69 -0.58 -33.69 4.44
C ASN C 69 -1.11 -33.06 5.72
N TYR C 70 -1.99 -33.81 6.39
CA TYR C 70 -2.47 -33.57 7.74
C TYR C 70 -2.51 -34.86 8.52
N TYR C 71 -2.44 -36.01 7.86
CA TYR C 71 -2.24 -37.30 8.49
C TYR C 71 -0.78 -37.68 8.48
N ARG C 72 0.02 -37.07 7.61
CA ARG C 72 1.43 -37.37 7.51
C ARG C 72 2.24 -36.62 8.58
N THR C 73 2.10 -35.30 8.65
CA THR C 73 2.87 -34.50 9.61
C THR C 73 2.10 -34.35 10.92
N GLY C 74 0.93 -33.72 10.86
CA GLY C 74 0.15 -33.50 12.05
C GLY C 74 -0.54 -32.15 12.06
N LYS C 75 -0.13 -31.27 11.15
CA LYS C 75 -0.74 -29.95 11.03
C LYS C 75 -1.48 -29.86 9.70
N LEU C 76 -2.30 -28.82 9.57
CA LEU C 76 -3.12 -28.61 8.39
C LEU C 76 -2.90 -27.20 7.88
N HIS C 77 -2.43 -27.09 6.65
CA HIS C 77 -2.18 -25.81 6.01
C HIS C 77 -3.06 -25.66 4.79
N CYS C 78 -3.21 -24.44 4.33
CA CYS C 78 -3.99 -24.19 3.12
C CYS C 78 -3.09 -23.90 1.94
N PRO C 79 -3.42 -24.39 0.75
CA PRO C 79 -2.62 -24.07 -0.43
C PRO C 79 -2.77 -22.61 -0.80
N ALA C 80 -1.92 -22.17 -1.72
CA ALA C 80 -2.00 -20.84 -2.28
C ALA C 80 -2.32 -20.85 -3.76
N ASP C 81 -2.64 -22.01 -4.32
CA ASP C 81 -3.05 -22.14 -5.71
C ASP C 81 -4.54 -22.37 -5.86
N VAL C 82 -5.31 -22.26 -4.78
CA VAL C 82 -6.77 -22.33 -4.82
C VAL C 82 -7.31 -21.25 -3.92
N CYS C 83 -8.56 -20.86 -4.17
CA CYS C 83 -9.19 -19.83 -3.37
C CYS C 83 -9.63 -20.39 -2.02
N GLY C 84 -10.31 -19.57 -1.24
CA GLY C 84 -10.87 -20.01 0.02
C GLY C 84 -11.94 -21.07 -0.17
N PRO C 85 -13.05 -20.68 -0.80
CA PRO C 85 -14.19 -21.61 -0.92
C PRO C 85 -13.87 -22.96 -1.54
N LEU C 86 -12.91 -23.04 -2.45
CA LEU C 86 -12.58 -24.35 -3.02
C LEU C 86 -12.00 -25.27 -1.95
N TYR C 87 -10.98 -24.81 -1.25
CA TYR C 87 -10.41 -25.61 -0.18
C TYR C 87 -11.45 -25.89 0.89
N GLU C 88 -12.35 -24.94 1.14
CA GLU C 88 -13.35 -25.14 2.17
C GLU C 88 -14.32 -26.24 1.79
N GLU C 89 -14.75 -26.28 0.54
CA GLU C 89 -15.60 -27.38 0.08
C GLU C 89 -14.90 -28.71 0.18
N GLU C 90 -13.60 -28.75 -0.15
CA GLU C 90 -12.88 -30.01 -0.08
C GLU C 90 -12.71 -30.48 1.36
N LEU C 91 -12.38 -29.55 2.26
CA LEU C 91 -12.37 -29.84 3.69
C LEU C 91 -13.69 -30.42 4.14
N ALA C 92 -14.78 -29.71 3.86
CA ALA C 92 -16.11 -30.17 4.26
C ALA C 92 -16.38 -31.59 3.78
N PHE C 93 -16.00 -31.89 2.54
CA PHE C 93 -16.13 -33.27 2.06
C PHE C 93 -15.35 -34.22 2.96
N TRP C 94 -14.02 -34.05 3.01
CA TRP C 94 -13.20 -35.14 3.55
C TRP C 94 -13.37 -35.38 5.03
N GLY C 95 -14.15 -34.58 5.73
CA GLY C 95 -14.31 -34.88 7.15
C GLY C 95 -13.39 -34.07 8.02
N ILE C 96 -12.46 -33.35 7.44
CA ILE C 96 -11.59 -32.47 8.21
C ILE C 96 -12.41 -31.28 8.71
N ASP C 97 -12.02 -30.74 9.85
CA ASP C 97 -12.66 -29.56 10.40
C ASP C 97 -11.91 -28.33 9.93
N GLU C 98 -12.67 -27.28 9.62
CA GLU C 98 -12.06 -26.04 9.12
C GLU C 98 -11.55 -25.16 10.25
N THR C 99 -11.35 -25.71 11.45
CA THR C 99 -10.80 -24.96 12.57
C THR C 99 -9.47 -25.50 13.06
N ASP C 100 -8.91 -26.52 12.42
CA ASP C 100 -7.56 -26.97 12.71
C ASP C 100 -6.51 -26.26 11.87
N VAL C 101 -6.92 -25.35 11.00
CA VAL C 101 -6.00 -24.64 10.14
C VAL C 101 -5.01 -23.85 10.99
N GLU C 102 -3.73 -23.97 10.68
CA GLU C 102 -2.71 -23.28 11.46
C GLU C 102 -2.91 -21.77 11.35
N PRO C 103 -2.45 -21.01 12.35
CA PRO C 103 -2.77 -19.57 12.37
C PRO C 103 -2.04 -18.76 11.32
N CYS C 104 -1.07 -19.34 10.61
CA CYS C 104 -0.45 -18.62 9.51
C CYS C 104 -1.31 -18.68 8.25
N CYS C 105 -1.87 -19.87 7.96
CA CYS C 105 -2.70 -20.07 6.79
C CYS C 105 -4.18 -19.86 7.07
N TRP C 106 -4.53 -19.07 8.08
CA TRP C 106 -5.93 -18.88 8.46
C TRP C 106 -6.49 -17.53 8.02
N MET C 107 -5.74 -16.45 8.22
CA MET C 107 -6.26 -15.14 7.87
C MET C 107 -6.37 -14.92 6.37
N THR C 108 -5.63 -15.69 5.57
CA THR C 108 -5.74 -15.64 4.11
C THR C 108 -6.61 -16.77 3.59
N TYR C 109 -7.30 -17.46 4.50
CA TYR C 109 -8.26 -18.48 4.15
C TYR C 109 -9.67 -18.15 4.58
N ARG C 110 -9.83 -17.34 5.61
CA ARG C 110 -11.15 -16.85 5.98
C ARG C 110 -11.49 -15.60 5.20
N GLN C 111 -10.74 -14.53 5.47
CA GLN C 111 -11.00 -13.23 4.86
N HIS C 112 -12.82 -15.04 1.73
CA HIS C 112 -14.08 -14.73 1.06
C HIS C 112 -15.26 -15.07 1.96
N ARG C 113 -14.98 -15.77 3.06
CA ARG C 113 -16.05 -16.22 3.93
C ARG C 113 -16.45 -15.15 4.93
N ASP C 114 -15.52 -14.28 5.30
CA ASP C 114 -15.85 -13.14 6.13
C ASP C 114 -16.13 -11.88 5.32
N ALA C 115 -16.15 -11.99 4.00
CA ALA C 115 -16.49 -10.87 3.13
C ALA C 115 -17.84 -11.02 2.46
N GLU C 116 -18.48 -12.18 2.55
CA GLU C 116 -19.85 -12.30 2.06
C GLU C 116 -20.78 -11.41 2.89
N GLU C 117 -20.74 -11.57 4.21
CA GLU C 117 -21.29 -10.61 5.18
C GLU C 117 -22.66 -10.07 4.79
N ALA C 118 -23.48 -10.90 4.14
CA ALA C 118 -24.74 -10.46 3.55
C ALA C 118 -24.53 -9.24 2.67
N LEU C 119 -23.39 -9.19 2.00
CA LEU C 119 -23.02 -8.03 1.18
C LEU C 119 -23.30 -8.31 -0.29
N TYR C 188 -44.23 1.05 -10.74
CA TYR C 188 -43.38 2.20 -11.03
C TYR C 188 -43.56 3.28 -9.99
N ALA C 189 -43.12 2.99 -8.76
CA ALA C 189 -43.03 3.99 -7.70
C ALA C 189 -41.63 4.55 -7.56
N ARG C 190 -40.74 4.25 -8.51
CA ARG C 190 -39.40 4.79 -8.55
C ARG C 190 -39.35 6.17 -9.18
N TYR C 191 -40.50 6.84 -9.30
CA TYR C 191 -40.56 8.23 -9.73
C TYR C 191 -40.87 9.19 -8.61
N VAL C 192 -41.39 8.70 -7.48
CA VAL C 192 -41.58 9.55 -6.30
C VAL C 192 -40.37 9.51 -5.38
N ALA C 193 -39.45 8.56 -5.57
CA ALA C 193 -38.20 8.59 -4.82
C ALA C 193 -37.44 9.89 -5.12
N PHE C 194 -37.43 10.32 -6.36
CA PHE C 194 -36.86 11.63 -6.68
C PHE C 194 -37.71 12.76 -6.11
N ALA C 195 -39.03 12.58 -6.09
CA ALA C 195 -39.91 13.58 -5.50
C ALA C 195 -39.79 13.64 -3.99
N SER C 196 -39.01 12.74 -3.39
CA SER C 196 -38.62 12.87 -1.99
C SER C 196 -37.19 13.36 -1.82
N LEU C 197 -36.30 12.92 -2.70
CA LEU C 197 -34.92 13.39 -2.64
C LEU C 197 -34.82 14.89 -2.87
N PHE C 198 -35.63 15.41 -3.80
CA PHE C 198 -35.63 16.84 -4.05
C PHE C 198 -35.97 17.61 -2.78
N PHE C 199 -36.99 17.15 -2.05
CA PHE C 199 -37.37 17.85 -0.82
C PHE C 199 -36.35 17.64 0.28
N ILE C 200 -35.72 16.47 0.35
CA ILE C 200 -34.63 16.28 1.31
C ILE C 200 -33.54 17.31 1.08
N LEU C 201 -33.11 17.46 -0.18
CA LEU C 201 -32.01 18.37 -0.47
C LEU C 201 -32.41 19.83 -0.23
N VAL C 202 -33.63 20.20 -0.60
CA VAL C 202 -34.02 21.59 -0.37
C VAL C 202 -34.18 21.86 1.13
N SER C 203 -34.52 20.84 1.91
CA SER C 203 -34.61 21.03 3.36
C SER C 203 -33.23 21.18 3.97
N ILE C 204 -32.26 20.38 3.50
CA ILE C 204 -30.87 20.58 3.92
C ILE C 204 -30.42 22.00 3.62
N THR C 205 -30.73 22.48 2.41
CA THR C 205 -30.28 23.82 2.02
C THR C 205 -30.94 24.91 2.86
N THR C 206 -32.24 24.78 3.11
CA THR C 206 -32.92 25.77 3.94
C THR C 206 -32.37 25.76 5.36
N PHE C 207 -32.04 24.58 5.88
CA PHE C 207 -31.40 24.50 7.19
C PHE C 207 -30.07 25.24 7.19
N CYS C 208 -29.22 24.95 6.21
CA CYS C 208 -27.90 25.57 6.14
C CYS C 208 -27.96 27.06 5.87
N LEU C 209 -29.07 27.56 5.33
CA LEU C 209 -29.21 29.00 5.08
C LEU C 209 -29.96 29.73 6.19
N GLU C 210 -30.62 29.02 7.10
CA GLU C 210 -31.27 29.69 8.22
C GLU C 210 -30.25 30.34 9.15
N THR C 211 -29.03 29.80 9.20
CA THR C 211 -28.00 30.28 10.11
C THR C 211 -27.25 31.48 9.54
N HIS C 212 -27.08 31.54 8.23
CA HIS C 212 -26.33 32.60 7.60
C HIS C 212 -26.87 33.97 7.99
N GLU C 213 -25.97 34.92 8.22
CA GLU C 213 -26.37 36.27 8.61
C GLU C 213 -26.50 37.14 7.35
N ARG C 214 -27.28 36.63 6.42
CA ARG C 214 -27.76 37.38 5.26
C ARG C 214 -29.26 37.35 5.17
N PHE C 215 -29.88 36.24 5.60
CA PHE C 215 -31.32 36.13 5.77
C PHE C 215 -31.73 36.31 7.22
N ASN C 216 -30.98 37.10 7.99
CA ASN C 216 -31.32 37.41 9.38
C ASN C 216 -31.02 38.88 9.63
N PRO C 217 -31.85 39.79 9.07
CA PRO C 217 -31.62 41.22 9.28
C PRO C 217 -31.93 41.65 10.71
N GLU C 240 -35.99 37.18 13.30
CA GLU C 240 -35.71 38.14 12.24
C GLU C 240 -35.51 37.43 10.92
N THR C 241 -35.73 36.12 10.93
CA THR C 241 -35.54 35.31 9.73
C THR C 241 -36.54 35.69 8.66
N GLU C 242 -36.06 35.78 7.41
CA GLU C 242 -36.94 36.13 6.30
C GLU C 242 -38.02 35.08 6.13
N ALA C 243 -39.17 35.51 5.59
CA ALA C 243 -40.35 34.66 5.55
C ALA C 243 -40.30 33.62 4.43
N PHE C 244 -39.59 33.90 3.34
CA PHE C 244 -39.62 32.96 2.23
C PHE C 244 -38.92 31.65 2.60
N LEU C 245 -37.93 31.71 3.50
CA LEU C 245 -37.24 30.49 3.89
C LEU C 245 -38.13 29.58 4.74
N THR C 246 -38.84 30.16 5.71
CA THR C 246 -39.75 29.33 6.50
C THR C 246 -40.93 28.88 5.65
N TYR C 247 -41.34 29.66 4.64
CA TYR C 247 -42.36 29.19 3.71
C TYR C 247 -41.86 27.97 2.94
N ILE C 248 -40.63 28.03 2.43
CA ILE C 248 -40.06 26.90 1.70
C ILE C 248 -40.04 25.66 2.58
N GLU C 249 -39.46 25.78 3.78
CA GLU C 249 -39.40 24.61 4.64
C GLU C 249 -40.79 24.17 5.09
N GLY C 250 -41.78 25.07 5.08
CA GLY C 250 -43.14 24.65 5.33
C GLY C 250 -43.68 23.76 4.22
N VAL C 251 -43.40 24.13 2.97
CA VAL C 251 -43.74 23.25 1.86
C VAL C 251 -43.05 21.89 2.02
N CYS C 252 -41.77 21.92 2.40
CA CYS C 252 -41.04 20.67 2.57
C CYS C 252 -41.69 19.79 3.63
N VAL C 253 -42.04 20.38 4.78
CA VAL C 253 -42.59 19.54 5.85
C VAL C 253 -44.01 19.11 5.52
N VAL C 254 -44.75 19.90 4.74
CA VAL C 254 -46.08 19.46 4.35
C VAL C 254 -46.02 18.39 3.26
N TRP C 255 -44.89 18.24 2.58
CA TRP C 255 -44.73 17.07 1.73
C TRP C 255 -44.24 15.86 2.50
N PHE C 256 -43.35 16.07 3.46
CA PHE C 256 -42.85 14.94 4.25
C PHE C 256 -43.95 14.37 5.13
N THR C 257 -44.87 15.20 5.60
CA THR C 257 -46.03 14.68 6.33
C THR C 257 -46.89 13.82 5.41
N PHE C 258 -47.10 14.27 4.17
CA PHE C 258 -47.84 13.47 3.22
C PHE C 258 -47.17 12.13 2.97
N GLU C 259 -45.84 12.12 2.89
CA GLU C 259 -45.15 10.85 2.68
C GLU C 259 -45.17 9.99 3.95
N PHE C 260 -45.28 10.61 5.11
CA PHE C 260 -45.42 9.89 6.36
C PHE C 260 -46.86 9.46 6.64
N LEU C 261 -47.79 9.78 5.75
CA LEU C 261 -49.15 9.27 5.83
C LEU C 261 -49.35 8.03 4.99
N MET C 262 -48.26 7.39 4.57
CA MET C 262 -48.34 6.08 3.92
C MET C 262 -47.48 5.03 4.60
N ARG C 263 -46.37 5.43 5.22
CA ARG C 263 -45.48 4.47 5.88
C ARG C 263 -46.00 4.02 7.23
N VAL C 264 -47.23 4.38 7.58
CA VAL C 264 -47.85 3.91 8.82
C VAL C 264 -49.22 3.36 8.46
N ILE C 265 -49.75 3.77 7.32
CA ILE C 265 -51.08 3.35 6.89
C ILE C 265 -51.04 1.98 6.22
N PHE C 266 -50.11 1.79 5.28
CA PHE C 266 -50.02 0.55 4.53
C PHE C 266 -48.83 -0.32 4.93
N CYS C 267 -48.38 -0.18 6.18
CA CYS C 267 -47.26 -1.07 6.48
C CYS C 267 -47.73 -2.26 7.30
N PRO C 268 -47.19 -3.46 7.01
CA PRO C 268 -47.70 -4.68 7.66
C PRO C 268 -47.47 -4.74 9.15
N ASN C 269 -46.22 -4.58 9.58
CA ASN C 269 -45.85 -4.81 10.97
C ASN C 269 -46.08 -3.55 11.81
N LYS C 270 -46.37 -3.77 13.09
CA LYS C 270 -46.59 -2.70 14.06
C LYS C 270 -47.63 -1.69 13.57
N ILE C 280 -35.84 2.30 13.19
CA ILE C 280 -34.47 2.79 13.18
C ILE C 280 -34.42 4.11 12.42
N ILE C 281 -34.88 4.10 11.17
CA ILE C 281 -34.82 5.28 10.32
C ILE C 281 -36.13 6.04 10.42
N ASP C 282 -36.93 5.72 11.44
CA ASP C 282 -38.23 6.36 11.62
C ASP C 282 -38.32 7.20 12.88
N PHE C 283 -37.90 6.68 14.03
CA PHE C 283 -38.07 7.40 15.28
C PHE C 283 -37.14 8.61 15.36
N VAL C 284 -35.84 8.37 15.33
CA VAL C 284 -34.85 9.43 15.47
C VAL C 284 -34.38 9.95 14.09
N ALA C 285 -35.12 9.62 13.03
CA ALA C 285 -34.80 10.11 11.70
C ALA C 285 -35.95 10.79 10.99
N ILE C 286 -37.19 10.66 11.49
CA ILE C 286 -38.33 11.35 10.89
C ILE C 286 -38.87 12.28 11.97
N LEU C 287 -37.97 12.78 12.81
CA LEU C 287 -38.28 13.66 13.92
C LEU C 287 -38.64 15.09 13.49
N PRO C 288 -37.97 15.68 12.48
CA PRO C 288 -38.35 17.06 12.12
C PRO C 288 -39.80 17.22 11.71
N PHE C 289 -40.42 16.18 11.15
CA PHE C 289 -41.85 16.24 10.91
C PHE C 289 -42.61 16.46 12.21
N TYR C 290 -42.23 15.74 13.27
CA TYR C 290 -42.80 15.99 14.59
C TYR C 290 -42.42 17.37 15.12
N LEU C 291 -41.34 17.94 14.61
CA LEU C 291 -40.84 19.20 15.15
C LEU C 291 -41.59 20.41 14.61
N GLU C 292 -41.71 20.51 13.28
CA GLU C 292 -42.22 21.74 12.69
C GLU C 292 -43.65 22.03 13.11
N VAL C 293 -44.43 21.00 13.45
CA VAL C 293 -45.83 21.18 13.80
C VAL C 293 -45.95 21.75 15.21
N GLY C 294 -44.81 21.89 15.90
CA GLY C 294 -44.80 22.44 17.25
C GLY C 294 -44.10 21.55 18.25
N LEU C 310 -32.67 24.02 19.78
CA LEU C 310 -32.48 23.87 18.34
C LEU C 310 -31.38 22.87 17.99
N ARG C 311 -30.41 22.71 18.87
CA ARG C 311 -29.33 21.72 18.61
C ARG C 311 -29.96 20.36 18.26
N VAL C 312 -30.55 19.69 19.26
CA VAL C 312 -31.16 18.38 19.05
C VAL C 312 -32.46 18.49 18.26
N VAL C 313 -33.03 19.70 18.20
CA VAL C 313 -34.21 19.91 17.35
C VAL C 313 -33.88 19.66 15.88
N ARG C 314 -32.84 20.30 15.36
CA ARG C 314 -32.65 20.37 13.92
C ARG C 314 -31.31 19.81 13.45
N PHE C 315 -30.50 19.19 14.32
CA PHE C 315 -29.44 18.34 13.80
C PHE C 315 -30.04 17.24 12.93
N VAL C 316 -31.20 16.71 13.35
CA VAL C 316 -31.81 15.55 12.71
C VAL C 316 -32.33 15.86 11.31
N ARG C 317 -32.56 17.13 10.99
CA ARG C 317 -33.02 17.46 9.65
C ARG C 317 -32.03 16.99 8.60
N ILE C 318 -30.74 16.95 8.93
CA ILE C 318 -29.73 16.46 7.98
C ILE C 318 -29.60 14.94 8.00
N LEU C 319 -30.21 14.27 8.97
CA LEU C 319 -30.06 12.82 9.04
C LEU C 319 -30.89 12.10 7.97
N ARG C 320 -31.83 12.78 7.32
CA ARG C 320 -32.67 12.13 6.34
C ARG C 320 -31.88 11.60 5.15
N ILE C 321 -30.67 12.10 4.92
CA ILE C 321 -29.89 11.62 3.78
C ILE C 321 -29.38 10.20 4.04
N PHE C 322 -29.25 9.82 5.30
CA PHE C 322 -28.89 8.44 5.63
C PHE C 322 -30.01 7.47 5.30
N LYS C 323 -31.21 7.95 5.00
CA LYS C 323 -32.27 7.08 4.52
C LYS C 323 -32.00 6.64 3.08
N LEU C 324 -31.58 7.57 2.22
CA LEU C 324 -31.36 7.26 0.82
C LEU C 324 -29.96 6.77 0.48
N THR C 325 -29.06 6.99 1.42
CA THR C 325 -27.64 6.62 1.29
C THR C 325 -27.47 5.12 1.52
N ARG C 326 -28.51 4.33 1.39
CA ARG C 326 -28.41 2.88 1.38
C ARG C 326 -28.68 2.36 -0.03
N HIS C 327 -29.15 3.22 -0.94
CA HIS C 327 -29.37 2.82 -2.32
C HIS C 327 -28.12 2.98 -3.17
N PHE C 328 -27.06 3.58 -2.63
CA PHE C 328 -25.78 3.70 -3.30
C PHE C 328 -24.88 2.57 -2.83
N VAL C 329 -24.16 1.95 -3.77
CA VAL C 329 -23.37 0.77 -3.40
C VAL C 329 -22.13 1.17 -2.62
N GLY C 330 -21.52 2.31 -2.96
CA GLY C 330 -20.33 2.73 -2.25
C GLY C 330 -20.57 2.97 -0.78
N LEU C 331 -21.71 3.59 -0.44
CA LEU C 331 -22.00 3.84 0.96
C LEU C 331 -22.46 2.60 1.68
N ARG C 332 -23.08 1.64 0.99
CA ARG C 332 -23.33 0.34 1.62
C ARG C 332 -22.03 -0.34 1.99
N VAL C 333 -21.04 -0.33 1.09
CA VAL C 333 -19.74 -0.92 1.40
C VAL C 333 -19.08 -0.17 2.55
N LEU C 334 -19.18 1.16 2.56
CA LEU C 334 -18.59 1.93 3.66
C LEU C 334 -19.24 1.58 4.98
N GLY C 335 -20.57 1.43 4.99
CA GLY C 335 -21.24 1.07 6.23
C GLY C 335 -20.87 -0.32 6.71
N HIS C 336 -20.72 -1.27 5.78
CA HIS C 336 -20.29 -2.61 6.19
C HIS C 336 -18.86 -2.59 6.72
N THR C 337 -18.01 -1.75 6.13
CA THR C 337 -16.63 -1.63 6.61
C THR C 337 -16.58 -1.03 8.01
N LEU C 338 -17.32 0.05 8.24
CA LEU C 338 -17.28 0.75 9.52
C LEU C 338 -17.80 -0.09 10.67
N ARG C 339 -18.26 -1.30 10.41
CA ARG C 339 -18.73 -2.19 11.46
C ARG C 339 -18.12 -3.56 11.42
N ALA C 340 -17.49 -3.97 10.32
CA ALA C 340 -16.68 -5.18 10.32
C ALA C 340 -15.27 -4.95 10.83
N SER C 341 -14.90 -3.70 11.11
CA SER C 341 -13.57 -3.31 11.56
C SER C 341 -13.68 -2.37 12.74
N THR C 342 -14.46 -2.76 13.74
CA THR C 342 -14.72 -1.91 14.90
C THR C 342 -13.65 -2.06 15.99
N ASN C 343 -12.68 -2.95 15.83
CA ASN C 343 -11.56 -3.02 16.75
C ASN C 343 -10.45 -2.07 16.36
N GLU C 344 -10.20 -1.94 15.06
CA GLU C 344 -9.18 -1.03 14.53
C GLU C 344 -9.55 0.43 14.70
N PHE C 345 -10.67 0.74 15.34
CA PHE C 345 -10.97 2.10 15.76
C PHE C 345 -10.62 2.33 17.22
N LEU C 346 -10.93 1.39 18.09
CA LEU C 346 -10.41 1.45 19.45
C LEU C 346 -8.89 1.47 19.44
N LEU C 347 -8.29 0.67 18.56
CA LEU C 347 -6.83 0.65 18.46
C LEU C 347 -6.28 2.01 18.09
N LEU C 348 -6.86 2.63 17.06
CA LEU C 348 -6.37 3.94 16.62
C LEU C 348 -6.60 5.01 17.68
N ILE C 349 -7.77 4.99 18.32
CA ILE C 349 -8.06 5.98 19.34
C ILE C 349 -7.10 5.84 20.53
N ILE C 350 -6.74 4.61 20.88
CA ILE C 350 -5.86 4.41 22.02
C ILE C 350 -4.43 4.83 21.66
N PHE C 351 -3.97 4.47 20.46
CA PHE C 351 -2.68 4.96 19.99
C PHE C 351 -2.61 6.48 20.06
N LEU C 352 -3.64 7.14 19.52
CA LEU C 352 -3.63 8.60 19.47
C LEU C 352 -3.72 9.21 20.86
N ALA C 353 -4.46 8.58 21.77
CA ALA C 353 -4.56 9.13 23.13
C ALA C 353 -3.25 9.01 23.88
N LEU C 354 -2.57 7.87 23.77
CA LEU C 354 -1.25 7.73 24.36
C LEU C 354 -0.29 8.75 23.79
N GLY C 355 -0.26 8.89 22.47
CA GLY C 355 0.61 9.87 21.85
C GLY C 355 0.32 11.28 22.34
N VAL C 356 -0.95 11.65 22.38
CA VAL C 356 -1.32 13.00 22.78
C VAL C 356 -0.86 13.27 24.21
N LEU C 357 -1.10 12.33 25.12
CA LEU C 357 -0.71 12.55 26.51
C LEU C 357 0.80 12.67 26.66
N ILE C 358 1.53 11.70 26.11
CA ILE C 358 2.99 11.71 26.21
C ILE C 358 3.55 13.01 25.67
N PHE C 359 3.19 13.37 24.43
CA PHE C 359 3.83 14.52 23.81
C PHE C 359 3.35 15.84 24.37
N ALA C 360 2.12 15.90 24.90
CA ALA C 360 1.70 17.11 25.59
C ALA C 360 2.58 17.35 26.81
N THR C 361 2.83 16.30 27.59
CA THR C 361 3.70 16.47 28.77
C THR C 361 5.12 16.85 28.33
N MET C 362 5.66 16.14 27.34
CA MET C 362 7.02 16.41 26.90
C MET C 362 7.18 17.85 26.44
N ILE C 363 6.22 18.35 25.65
CA ILE C 363 6.37 19.69 25.12
C ILE C 363 6.16 20.74 26.19
N TYR C 364 5.28 20.49 27.16
CA TYR C 364 5.17 21.42 28.27
C TYR C 364 6.50 21.57 28.99
N TYR C 365 7.09 20.46 29.40
CA TYR C 365 8.33 20.56 30.18
C TYR C 365 9.47 21.10 29.34
N ALA C 366 9.56 20.69 28.07
CA ALA C 366 10.60 21.19 27.18
C ALA C 366 10.51 22.70 27.05
N GLU C 367 9.36 23.21 26.65
CA GLU C 367 9.18 24.66 26.57
C GLU C 367 9.42 25.34 27.90
N ARG C 368 9.30 24.62 29.02
N ARG C 368 9.30 24.62 29.02
CA ARG C 368 9.55 25.24 30.31
C ARG C 368 11.04 25.37 30.62
N ILE C 369 11.86 24.39 30.22
CA ILE C 369 13.30 24.50 30.52
C ILE C 369 13.98 25.58 29.72
N GLY C 370 13.37 26.06 28.64
CA GLY C 370 13.94 27.07 27.77
C GLY C 370 13.77 28.50 28.24
N ALA C 371 13.70 28.73 29.54
CA ALA C 371 13.56 30.08 30.12
C ALA C 371 12.32 30.78 29.61
N SER C 377 8.80 34.25 36.02
CA SER C 377 8.22 33.61 37.20
C SER C 377 7.14 32.61 36.80
N ALA C 378 6.73 32.66 35.54
CA ALA C 378 5.72 31.76 35.02
C ALA C 378 6.02 31.51 33.55
N SER C 379 5.04 30.97 32.82
CA SER C 379 5.17 30.70 31.39
C SER C 379 4.34 31.76 30.65
N GLU C 380 4.96 32.90 30.38
CA GLU C 380 4.31 33.98 29.65
C GLU C 380 4.98 34.26 28.32
N HIS C 381 5.95 33.44 27.92
CA HIS C 381 6.70 33.65 26.68
C HIS C 381 6.38 32.58 25.65
N THR C 382 5.30 31.83 25.83
CA THR C 382 5.04 30.68 24.98
C THR C 382 3.54 30.39 24.97
N HIS C 383 3.15 29.42 24.15
CA HIS C 383 1.76 29.04 24.01
C HIS C 383 1.35 27.96 24.99
N PHE C 384 2.19 26.94 25.16
CA PHE C 384 1.89 25.81 26.02
C PHE C 384 2.05 26.24 27.47
N LYS C 385 0.96 26.75 28.03
CA LYS C 385 0.95 27.11 29.45
C LYS C 385 0.39 26.02 30.34
N ASN C 386 -0.30 25.04 29.77
CA ASN C 386 -0.90 23.95 30.52
C ASN C 386 -0.58 22.64 29.83
N ILE C 387 -0.75 21.55 30.55
CA ILE C 387 -0.71 20.22 29.94
C ILE C 387 -2.01 19.91 29.19
N PRO C 388 -3.18 20.36 29.64
CA PRO C 388 -4.38 20.15 28.82
C PRO C 388 -4.31 20.78 27.44
N ILE C 389 -4.03 22.09 27.36
CA ILE C 389 -4.04 22.78 26.08
C ILE C 389 -3.01 22.22 25.13
N GLY C 390 -2.02 21.49 25.65
CA GLY C 390 -1.08 20.80 24.79
C GLY C 390 -1.69 19.67 24.00
N PHE C 391 -2.88 19.21 24.39
CA PHE C 391 -3.53 18.14 23.64
C PHE C 391 -3.93 18.62 22.25
N TRP C 392 -4.45 19.85 22.16
CA TRP C 392 -4.82 20.40 20.87
C TRP C 392 -3.62 20.43 19.93
N TRP C 393 -2.48 20.94 20.42
CA TRP C 393 -1.28 20.96 19.59
C TRP C 393 -0.85 19.57 19.21
N ALA C 394 -0.73 18.67 20.19
CA ALA C 394 -0.23 17.34 19.89
C ALA C 394 -1.15 16.55 18.98
N VAL C 395 -2.40 16.99 18.79
CA VAL C 395 -3.26 16.29 17.84
C VAL C 395 -3.38 17.01 16.49
N VAL C 396 -3.15 18.33 16.43
CA VAL C 396 -3.01 18.97 15.12
C VAL C 396 -1.62 18.81 14.55
N THR C 397 -0.69 18.24 15.30
CA THR C 397 0.65 17.95 14.81
C THR C 397 0.85 16.48 14.46
N MET C 398 0.36 15.57 15.30
CA MET C 398 0.49 14.14 15.00
C MET C 398 -0.21 13.77 13.71
N THR C 399 -1.31 14.42 13.39
CA THR C 399 -2.05 14.19 12.16
C THR C 399 -1.47 14.95 10.97
N THR C 400 -0.32 15.58 11.15
CA THR C 400 0.31 16.44 10.13
C THR C 400 -0.68 17.46 9.59
N LEU C 401 -1.41 18.09 10.49
CA LEU C 401 -2.32 19.18 10.13
C LEU C 401 -1.64 20.54 10.29
N GLY C 402 -1.24 20.91 11.45
CA GLY C 402 -0.47 22.13 11.60
C GLY C 402 -1.21 23.37 11.29
N TYR C 403 -2.14 23.78 12.09
CA TYR C 403 -2.76 25.07 11.82
C TYR C 403 -1.75 26.19 11.91
N GLY C 404 -1.17 26.38 13.09
CA GLY C 404 -0.23 27.47 13.27
C GLY C 404 -0.64 28.36 14.41
N ASP C 405 -1.69 27.95 15.13
CA ASP C 405 -2.10 28.70 16.30
C ASP C 405 -1.16 28.48 17.48
N MET C 406 -0.58 27.28 17.58
CA MET C 406 0.36 26.95 18.64
C MET C 406 1.50 26.15 18.05
N TYR C 407 2.71 26.63 18.18
CA TYR C 407 3.91 25.95 17.70
C TYR C 407 5.01 26.13 18.74
N PRO C 408 6.03 25.29 18.70
CA PRO C 408 7.15 25.46 19.63
C PRO C 408 7.95 26.73 19.33
N GLN C 409 8.56 27.28 20.37
CA GLN C 409 9.35 28.49 20.23
C GLN C 409 10.69 28.43 20.95
N THR C 410 11.14 27.25 21.36
CA THR C 410 12.48 27.07 21.91
C THR C 410 13.06 25.78 21.33
N TRP C 411 14.40 25.70 21.32
CA TRP C 411 15.08 24.59 20.64
C TRP C 411 14.65 23.23 21.20
N SER C 412 14.40 23.15 22.50
CA SER C 412 13.90 21.90 23.08
C SER C 412 12.47 21.64 22.61
N GLY C 413 11.65 22.67 22.56
CA GLY C 413 10.33 22.52 21.98
C GLY C 413 10.40 22.08 20.54
N MET C 414 11.39 22.58 19.80
CA MET C 414 11.50 22.23 18.39
C MET C 414 11.89 20.77 18.22
N LEU C 415 12.81 20.28 19.04
CA LEU C 415 13.14 18.85 18.99
C LEU C 415 11.94 17.98 19.33
N VAL C 416 11.18 18.38 20.36
CA VAL C 416 10.02 17.57 20.75
C VAL C 416 8.95 17.59 19.65
N GLY C 417 8.76 18.73 18.99
CA GLY C 417 7.81 18.79 17.90
C GLY C 417 8.24 17.96 16.70
N ALA C 418 9.54 17.97 16.39
CA ALA C 418 10.04 17.15 15.30
C ALA C 418 9.91 15.67 15.62
N LEU C 419 9.92 15.31 16.90
CA LEU C 419 9.62 13.94 17.28
C LEU C 419 8.13 13.64 17.16
N CYS C 420 7.30 14.61 17.53
CA CYS C 420 5.85 14.41 17.55
C CYS C 420 5.30 14.18 16.15
N ALA C 421 5.76 14.96 15.17
CA ALA C 421 5.26 14.81 13.81
C ALA C 421 5.47 13.40 13.30
N LEU C 422 6.67 12.86 13.50
CA LEU C 422 6.99 11.51 13.00
C LEU C 422 6.26 10.44 13.79
N ALA C 423 6.23 10.54 15.12
CA ALA C 423 5.50 9.55 15.89
C ALA C 423 4.02 9.55 15.51
N GLY C 424 3.48 10.72 15.18
CA GLY C 424 2.09 10.77 14.74
C GLY C 424 1.88 10.10 13.40
N VAL C 425 2.75 10.42 12.44
CA VAL C 425 2.66 9.75 11.14
C VAL C 425 2.68 8.24 11.32
N LEU C 426 3.54 7.73 12.19
CA LEU C 426 3.67 6.29 12.33
C LEU C 426 2.46 5.68 13.05
N THR C 427 2.07 6.24 14.19
CA THR C 427 0.95 5.67 14.94
C THR C 427 -0.38 5.93 14.30
N ILE C 428 -0.45 6.74 13.24
CA ILE C 428 -1.65 6.80 12.43
C ILE C 428 -1.58 5.83 11.26
N ALA C 429 -0.43 5.75 10.59
CA ALA C 429 -0.31 4.88 9.45
C ALA C 429 -0.16 3.41 9.83
N MET C 430 -0.14 3.07 11.11
CA MET C 430 -0.04 1.64 11.39
C MET C 430 -1.37 0.89 11.30
N PRO C 431 -2.48 1.35 11.90
CA PRO C 431 -3.75 0.62 11.77
C PRO C 431 -4.66 1.06 10.62
N VAL C 432 -4.41 2.21 10.00
CA VAL C 432 -5.24 2.69 8.90
C VAL C 432 -5.14 1.76 7.70
N PRO C 433 -3.98 1.17 7.36
CA PRO C 433 -3.97 0.17 6.29
C PRO C 433 -4.83 -1.04 6.59
N VAL C 434 -4.89 -1.47 7.85
CA VAL C 434 -5.75 -2.58 8.21
C VAL C 434 -7.21 -2.18 8.01
N ILE C 435 -7.55 -0.93 8.33
CA ILE C 435 -8.90 -0.45 8.07
C ILE C 435 -9.19 -0.41 6.58
N VAL C 436 -8.19 -0.04 5.78
CA VAL C 436 -8.40 0.23 4.36
C VAL C 436 -8.51 -1.05 3.54
N ASN C 437 -7.76 -2.08 3.90
CA ASN C 437 -7.85 -3.34 3.18
C ASN C 437 -9.26 -3.92 3.22
N ASN C 438 -9.97 -3.70 4.33
CA ASN C 438 -11.34 -4.18 4.43
C ASN C 438 -12.23 -3.52 3.40
N PHE C 439 -12.16 -2.19 3.28
CA PHE C 439 -12.96 -1.52 2.26
C PHE C 439 -12.55 -1.98 0.88
N GLY C 440 -11.25 -2.14 0.64
CA GLY C 440 -10.81 -2.64 -0.65
C GLY C 440 -11.47 -3.95 -1.02
N MET C 441 -11.43 -4.91 -0.09
CA MET C 441 -11.98 -6.23 -0.37
C MET C 441 -13.50 -6.17 -0.54
N TYR C 442 -14.19 -5.49 0.36
CA TYR C 442 -15.65 -5.45 0.28
C TYR C 442 -16.12 -4.74 -0.98
N TYR C 443 -15.43 -3.66 -1.37
CA TYR C 443 -15.82 -2.93 -2.57
C TYR C 443 -15.52 -3.75 -3.82
N SER C 444 -14.38 -4.45 -3.85
CA SER C 444 -14.12 -5.35 -4.96
C SER C 444 -15.24 -6.38 -5.08
N LEU C 445 -15.67 -6.95 -3.96
CA LEU C 445 -16.73 -7.96 -4.01
C LEU C 445 -18.05 -7.36 -4.49
N ALA C 446 -18.40 -6.17 -3.99
CA ALA C 446 -19.65 -5.53 -4.40
C ALA C 446 -19.64 -5.23 -5.90
N MET C 447 -18.50 -4.76 -6.42
CA MET C 447 -18.45 -4.46 -7.85
C MET C 447 -18.47 -5.73 -8.68
N ALA C 448 -17.79 -6.78 -8.22
CA ALA C 448 -17.84 -8.05 -8.94
C ALA C 448 -19.25 -8.61 -8.98
N LYS C 449 -20.00 -8.43 -7.89
N LYS C 449 -20.00 -8.45 -7.88
CA LYS C 449 -21.38 -8.90 -7.87
CA LYS C 449 -21.39 -8.90 -7.87
C LYS C 449 -22.29 -8.02 -8.72
C LYS C 449 -22.27 -8.02 -8.75
N GLN C 450 -21.94 -6.72 -8.85
CA GLN C 450 -22.73 -5.84 -9.70
C GLN C 450 -22.48 -6.12 -11.18
N LYS C 451 -21.27 -6.53 -11.54
CA LYS C 451 -20.89 -6.74 -12.94
C LYS C 451 -21.18 -8.15 -13.43
N LEU C 452 -21.89 -8.95 -12.66
CA LEU C 452 -22.22 -10.32 -13.04
C LEU C 452 -23.72 -10.56 -12.88
N PRO C 453 -24.31 -11.36 -13.78
CA PRO C 453 -25.75 -11.66 -13.73
C PRO C 453 -26.14 -12.48 -12.50
N SER D 7 -22.56 -44.36 -13.39
CA SER D 7 -22.10 -45.67 -12.89
C SER D 7 -20.82 -46.10 -13.59
N GLU D 8 -20.59 -45.61 -14.80
CA GLU D 8 -19.41 -45.95 -15.56
C GLU D 8 -18.37 -44.83 -15.44
N ARG D 9 -17.10 -45.21 -15.63
CA ARG D 9 -15.98 -44.30 -15.54
C ARG D 9 -15.36 -44.10 -16.91
N ILE D 10 -14.91 -42.88 -17.17
CA ILE D 10 -14.18 -42.56 -18.39
C ILE D 10 -12.96 -41.73 -18.04
N VAL D 11 -11.95 -41.82 -18.91
CA VAL D 11 -10.59 -41.39 -18.61
C VAL D 11 -10.21 -40.29 -19.59
N ILE D 12 -10.38 -39.04 -19.17
CA ILE D 12 -9.97 -37.89 -19.97
C ILE D 12 -8.47 -37.74 -19.81
N ASN D 13 -7.70 -38.12 -20.83
CA ASN D 13 -6.25 -38.00 -20.80
C ASN D 13 -5.88 -36.63 -21.33
N VAL D 14 -5.74 -35.65 -20.45
CA VAL D 14 -5.40 -34.28 -20.88
C VAL D 14 -3.88 -34.20 -20.85
N GLY D 15 -3.26 -34.65 -21.94
CA GLY D 15 -1.84 -34.50 -22.12
C GLY D 15 -1.00 -35.22 -21.09
N GLY D 16 -1.04 -36.55 -21.09
CA GLY D 16 -0.17 -37.36 -20.28
C GLY D 16 -0.66 -37.68 -18.90
N THR D 17 -1.46 -36.81 -18.30
CA THR D 17 -1.90 -36.92 -16.91
C THR D 17 -3.40 -37.18 -16.88
N ARG D 18 -3.78 -38.45 -16.85
CA ARG D 18 -5.18 -38.81 -17.05
C ARG D 18 -6.03 -38.49 -15.82
N HIS D 19 -7.22 -37.94 -16.07
CA HIS D 19 -8.22 -37.69 -15.05
C HIS D 19 -9.38 -38.66 -15.26
N GLN D 20 -9.78 -39.37 -14.22
CA GLN D 20 -10.93 -40.26 -14.31
C GLN D 20 -12.16 -39.57 -13.71
N THR D 21 -13.32 -39.87 -14.28
CA THR D 21 -14.59 -39.41 -13.70
C THR D 21 -15.69 -40.37 -14.07
N TYR D 22 -16.86 -40.16 -13.46
CA TYR D 22 -18.08 -40.83 -13.86
C TYR D 22 -18.79 -39.99 -14.93
N ARG D 23 -19.32 -40.65 -15.95
CA ARG D 23 -20.05 -39.92 -16.98
C ARG D 23 -21.20 -39.12 -16.37
N SER D 24 -21.81 -39.65 -15.31
CA SER D 24 -22.82 -38.92 -14.57
C SER D 24 -22.31 -37.57 -14.07
N THR D 25 -21.00 -37.43 -13.92
CA THR D 25 -20.43 -36.13 -13.59
C THR D 25 -20.29 -35.27 -14.83
N LEU D 26 -19.89 -35.87 -15.94
CA LEU D 26 -19.66 -35.10 -17.15
C LEU D 26 -20.95 -34.58 -17.77
N ARG D 27 -22.09 -35.21 -17.47
CA ARG D 27 -23.37 -34.74 -17.98
C ARG D 27 -24.07 -33.77 -17.04
N THR D 28 -23.31 -33.00 -16.27
CA THR D 28 -23.93 -31.99 -15.42
C THR D 28 -24.27 -30.74 -16.24
N LEU D 29 -23.43 -30.37 -17.19
CA LEU D 29 -23.68 -29.25 -18.09
C LEU D 29 -23.68 -29.75 -19.53
N PRO D 30 -24.84 -29.97 -20.13
CA PRO D 30 -24.90 -30.71 -21.39
C PRO D 30 -24.58 -29.90 -22.64
N GLY D 31 -24.21 -28.64 -22.51
CA GLY D 31 -23.90 -27.84 -23.69
C GLY D 31 -22.44 -27.83 -24.07
N THR D 32 -21.56 -28.01 -23.08
CA THR D 32 -20.13 -27.87 -23.28
C THR D 32 -19.56 -29.08 -24.01
N ARG D 33 -18.26 -29.01 -24.30
CA ARG D 33 -17.61 -30.04 -25.10
C ARG D 33 -17.49 -31.35 -24.34
N LEU D 34 -17.03 -31.28 -23.09
CA LEU D 34 -16.80 -32.50 -22.31
C LEU D 34 -18.05 -33.35 -22.24
N ALA D 35 -19.23 -32.72 -22.17
CA ALA D 35 -20.47 -33.46 -22.10
C ALA D 35 -20.65 -34.37 -23.33
N TRP D 36 -20.11 -33.97 -24.48
CA TRP D 36 -20.21 -34.80 -25.67
C TRP D 36 -19.49 -36.13 -25.48
N LEU D 37 -18.47 -36.16 -24.64
CA LEU D 37 -17.73 -37.40 -24.42
C LEU D 37 -18.63 -38.48 -23.83
N ALA D 38 -19.67 -38.09 -23.09
CA ALA D 38 -20.47 -39.04 -22.34
C ALA D 38 -21.43 -39.84 -23.21
N GLU D 39 -21.87 -39.29 -24.34
CA GLU D 39 -22.81 -40.01 -25.18
C GLU D 39 -22.15 -41.24 -25.79
N PRO D 40 -22.93 -42.28 -26.08
CA PRO D 40 -22.33 -43.50 -26.68
C PRO D 40 -22.06 -43.32 -28.17
N ASP D 41 -21.48 -42.17 -28.52
CA ASP D 41 -21.04 -41.91 -29.88
C ASP D 41 -19.68 -41.22 -29.94
N ALA D 42 -19.17 -40.71 -28.81
CA ALA D 42 -17.91 -39.98 -28.79
C ALA D 42 -16.75 -40.78 -29.38
N HIS D 43 -16.85 -42.11 -29.40
CA HIS D 43 -15.80 -42.92 -29.99
C HIS D 43 -15.60 -42.62 -31.47
N SER D 44 -16.57 -41.98 -32.11
CA SER D 44 -16.48 -41.62 -33.51
C SER D 44 -16.13 -40.15 -33.72
N HIS D 45 -15.82 -39.43 -32.66
CA HIS D 45 -15.54 -38.01 -32.77
C HIS D 45 -14.15 -37.62 -32.30
N PHE D 46 -13.69 -38.15 -31.18
CA PHE D 46 -12.46 -37.71 -30.55
C PHE D 46 -11.38 -38.78 -30.66
N ASP D 47 -10.23 -38.51 -30.03
CA ASP D 47 -9.08 -39.40 -30.10
C ASP D 47 -9.25 -40.49 -29.05
N TYR D 48 -10.03 -41.50 -29.40
CA TYR D 48 -10.29 -42.62 -28.49
C TYR D 48 -9.32 -43.74 -28.79
N ASP D 49 -8.34 -43.91 -27.92
CA ASP D 49 -7.42 -45.03 -28.04
C ASP D 49 -8.14 -46.31 -27.66
N PRO D 50 -8.46 -47.21 -28.60
CA PRO D 50 -9.29 -48.36 -28.25
C PRO D 50 -8.48 -49.52 -27.68
N ARG D 51 -7.53 -49.21 -26.80
CA ARG D 51 -6.92 -50.24 -25.96
C ARG D 51 -6.74 -49.80 -24.51
N ALA D 52 -6.71 -48.50 -24.22
CA ALA D 52 -6.74 -47.99 -22.87
C ALA D 52 -7.98 -47.16 -22.58
N ASP D 53 -8.88 -47.02 -23.56
CA ASP D 53 -10.18 -46.40 -23.37
C ASP D 53 -10.09 -44.97 -22.87
N GLU D 54 -9.01 -44.27 -23.18
CA GLU D 54 -8.78 -42.93 -22.71
C GLU D 54 -8.90 -41.93 -23.86
N PHE D 55 -9.63 -40.85 -23.61
CA PHE D 55 -9.84 -39.81 -24.61
C PHE D 55 -8.70 -38.80 -24.53
N PHE D 56 -7.87 -38.73 -25.57
CA PHE D 56 -6.76 -37.80 -25.60
C PHE D 56 -7.23 -36.38 -25.85
N PHE D 57 -6.63 -35.41 -25.15
CA PHE D 57 -7.06 -34.04 -25.37
C PHE D 57 -5.96 -32.99 -25.41
N ASP D 58 -4.68 -33.39 -25.33
CA ASP D 58 -3.54 -32.56 -25.70
C ASP D 58 -3.71 -31.08 -25.29
N ARG D 59 -3.90 -30.85 -24.01
CA ARG D 59 -3.97 -29.50 -23.49
C ARG D 59 -3.24 -29.43 -22.16
N HIS D 60 -3.11 -28.22 -21.63
CA HIS D 60 -2.46 -28.01 -20.36
C HIS D 60 -3.13 -28.88 -19.29
N PRO D 61 -2.39 -29.80 -18.67
CA PRO D 61 -3.00 -30.65 -17.63
C PRO D 61 -3.01 -30.04 -16.24
N GLY D 62 -2.63 -28.78 -16.09
CA GLY D 62 -2.55 -28.19 -14.78
C GLY D 62 -3.68 -27.22 -14.49
N VAL D 63 -4.48 -26.92 -15.51
CA VAL D 63 -5.70 -26.16 -15.32
C VAL D 63 -6.94 -26.98 -15.63
N PHE D 64 -6.85 -28.02 -16.45
CA PHE D 64 -8.02 -28.83 -16.72
C PHE D 64 -8.55 -29.49 -15.46
N ALA D 65 -7.74 -29.64 -14.43
CA ALA D 65 -8.22 -30.14 -13.16
C ALA D 65 -8.96 -29.08 -12.37
N HIS D 66 -9.01 -27.84 -12.85
CA HIS D 66 -9.92 -26.82 -12.34
C HIS D 66 -11.17 -26.67 -13.19
N ILE D 67 -11.06 -26.88 -14.49
CA ILE D 67 -12.26 -26.97 -15.32
C ILE D 67 -13.12 -28.14 -14.87
N LEU D 68 -12.53 -29.33 -14.82
CA LEU D 68 -13.30 -30.49 -14.39
C LEU D 68 -13.85 -30.29 -12.99
N ASN D 69 -13.23 -29.44 -12.18
CA ASN D 69 -13.81 -29.12 -10.88
C ASN D 69 -14.85 -28.04 -11.06
N TYR D 70 -15.70 -28.24 -12.07
CA TYR D 70 -16.93 -27.51 -12.31
C TYR D 70 -18.05 -28.45 -12.69
N TYR D 71 -17.74 -29.68 -13.05
CA TYR D 71 -18.71 -30.75 -13.21
C TYR D 71 -18.81 -31.60 -11.94
N ARG D 72 -17.80 -31.53 -11.08
CA ARG D 72 -17.78 -32.30 -9.85
C ARG D 72 -18.59 -31.61 -8.76
N THR D 73 -18.28 -30.35 -8.46
CA THR D 73 -18.98 -29.63 -7.39
C THR D 73 -20.19 -28.89 -7.94
N GLY D 74 -19.96 -27.95 -8.85
CA GLY D 74 -21.05 -27.17 -9.40
C GLY D 74 -20.68 -25.72 -9.62
N LYS D 75 -19.55 -25.29 -9.05
CA LYS D 75 -19.06 -23.94 -9.22
C LYS D 75 -17.76 -23.95 -10.00
N LEU D 76 -17.35 -22.78 -10.45
CA LEU D 76 -16.16 -22.63 -11.29
C LEU D 76 -15.27 -21.56 -10.68
N HIS D 77 -14.05 -21.94 -10.31
CA HIS D 77 -13.08 -21.03 -9.73
C HIS D 77 -11.87 -20.95 -10.63
N CYS D 78 -11.07 -19.91 -10.43
CA CYS D 78 -9.86 -19.75 -11.21
C CYS D 78 -8.64 -20.11 -10.37
N PRO D 79 -7.63 -20.75 -10.96
CA PRO D 79 -6.41 -21.04 -10.21
C PRO D 79 -5.64 -19.77 -9.92
N ALA D 80 -4.63 -19.90 -9.07
CA ALA D 80 -3.73 -18.82 -8.77
C ALA D 80 -2.30 -19.11 -9.22
N ASP D 81 -2.10 -20.21 -9.95
CA ASP D 81 -0.80 -20.56 -10.51
C ASP D 81 -0.72 -20.30 -12.01
N VAL D 82 -1.73 -19.67 -12.59
CA VAL D 82 -1.72 -19.26 -13.98
C VAL D 82 -2.29 -17.86 -14.07
N CYS D 83 -1.93 -17.16 -15.14
CA CYS D 83 -2.40 -15.81 -15.33
C CYS D 83 -3.86 -15.81 -15.80
N GLY D 84 -4.38 -14.63 -16.11
CA GLY D 84 -5.70 -14.50 -16.65
C GLY D 84 -5.83 -15.15 -18.02
N PRO D 85 -5.12 -14.61 -19.01
CA PRO D 85 -5.28 -15.09 -20.38
C PRO D 85 -5.06 -16.58 -20.58
N LEU D 86 -4.20 -17.22 -19.78
CA LEU D 86 -4.03 -18.67 -19.94
C LEU D 86 -5.31 -19.42 -19.59
N TYR D 87 -5.86 -19.15 -18.41
CA TYR D 87 -7.11 -19.77 -18.03
C TYR D 87 -8.22 -19.40 -18.99
N GLU D 88 -8.18 -18.18 -19.51
CA GLU D 88 -9.24 -17.74 -20.42
C GLU D 88 -9.19 -18.52 -21.73
N GLU D 89 -7.99 -18.75 -22.27
CA GLU D 89 -7.87 -19.57 -23.46
C GLU D 89 -8.34 -20.99 -23.21
N GLU D 90 -8.02 -21.54 -22.03
CA GLU D 90 -8.45 -22.91 -21.75
C GLU D 90 -9.97 -23.00 -21.59
N LEU D 91 -10.57 -22.03 -20.90
CA LEU D 91 -12.02 -21.92 -20.84
C LEU D 91 -12.63 -21.89 -22.23
N ALA D 92 -12.15 -20.95 -23.07
CA ALA D 92 -12.67 -20.82 -24.43
C ALA D 92 -12.61 -22.14 -25.17
N PHE D 93 -11.50 -22.88 -25.04
CA PHE D 93 -11.44 -24.20 -25.63
C PHE D 93 -12.57 -25.08 -25.12
N TRP D 94 -12.57 -25.37 -23.82
CA TRP D 94 -13.38 -26.47 -23.33
C TRP D 94 -14.88 -26.24 -23.44
N GLY D 95 -15.31 -25.07 -23.84
CA GLY D 95 -16.77 -24.91 -23.95
C GLY D 95 -17.38 -24.25 -22.74
N ILE D 96 -16.61 -24.07 -21.68
CA ILE D 96 -17.11 -23.35 -20.52
C ILE D 96 -17.24 -21.87 -20.86
N ASP D 97 -18.19 -21.21 -20.21
CA ASP D 97 -18.38 -19.78 -20.38
C ASP D 97 -17.57 -19.04 -19.33
N GLU D 98 -16.98 -17.92 -19.73
CA GLU D 98 -16.15 -17.13 -18.83
C GLU D 98 -16.99 -16.21 -17.96
N THR D 99 -18.28 -16.46 -17.82
CA THR D 99 -19.15 -15.66 -16.96
C THR D 99 -19.78 -16.47 -15.82
N ASP D 100 -19.43 -17.74 -15.68
CA ASP D 100 -19.85 -18.52 -14.52
C ASP D 100 -18.85 -18.46 -13.40
N VAL D 101 -17.75 -17.72 -13.58
CA VAL D 101 -16.71 -17.61 -12.56
C VAL D 101 -17.31 -17.00 -11.31
N GLU D 102 -17.04 -17.62 -10.15
CA GLU D 102 -17.58 -17.13 -8.91
C GLU D 102 -17.06 -15.73 -8.62
N PRO D 103 -17.80 -14.92 -7.85
CA PRO D 103 -17.41 -13.51 -7.68
C PRO D 103 -16.17 -13.30 -6.85
N CYS D 104 -15.66 -14.33 -6.18
CA CYS D 104 -14.39 -14.18 -5.47
C CYS D 104 -13.21 -14.29 -6.43
N CYS D 105 -13.26 -15.25 -7.35
CA CYS D 105 -12.19 -15.47 -8.32
C CYS D 105 -12.42 -14.72 -9.62
N TRP D 106 -13.16 -13.62 -9.61
CA TRP D 106 -13.47 -12.88 -10.82
C TRP D 106 -12.68 -11.59 -10.96
N MET D 107 -12.56 -10.80 -9.89
CA MET D 107 -11.85 -9.54 -10.00
C MET D 107 -10.35 -9.71 -10.18
N THR D 108 -9.80 -10.86 -9.80
CA THR D 108 -8.39 -11.17 -10.02
C THR D 108 -8.22 -12.03 -11.27
N TYR D 109 -9.29 -12.18 -12.04
CA TYR D 109 -9.23 -12.89 -13.31
C TYR D 109 -9.56 -12.01 -14.49
N ARG D 110 -10.32 -10.94 -14.28
CA ARG D 110 -10.54 -9.97 -15.34
C ARG D 110 -9.44 -8.92 -15.33
N GLN D 111 -9.39 -8.13 -14.27
CA GLN D 111 -8.43 -7.03 -14.16
N HIS D 112 -5.95 -8.89 -16.75
CA HIS D 112 -5.21 -8.38 -17.90
C HIS D 112 -6.18 -8.06 -19.03
N ARG D 113 -7.43 -8.49 -18.88
CA ARG D 113 -8.40 -8.31 -19.96
C ARG D 113 -9.06 -6.94 -19.89
N ASP D 114 -9.16 -6.36 -18.70
CA ASP D 114 -9.64 -5.00 -18.58
C ASP D 114 -8.50 -3.99 -18.51
N ALA D 115 -7.26 -4.43 -18.70
CA ALA D 115 -6.12 -3.53 -18.75
C ALA D 115 -5.53 -3.40 -20.13
N GLU D 116 -5.94 -4.22 -21.10
CA GLU D 116 -5.52 -3.99 -22.47
C GLU D 116 -6.05 -2.67 -22.98
N GLU D 117 -7.37 -2.47 -22.87
CA GLU D 117 -8.02 -1.16 -22.98
C GLU D 117 -7.50 -0.32 -24.15
N ALA D 118 -7.12 -0.97 -25.25
CA ALA D 118 -6.43 -0.31 -26.36
C ALA D 118 -5.23 0.49 -25.85
N LEU D 119 -4.57 -0.02 -24.82
CA LEU D 119 -3.47 0.69 -24.19
C LEU D 119 -2.13 0.14 -24.68
N TYR D 188 10.49 12.77 -42.44
CA TYR D 188 11.10 13.45 -41.31
C TYR D 188 10.40 14.78 -41.03
N ALA D 189 9.14 14.70 -40.58
CA ALA D 189 8.41 15.85 -40.09
C ALA D 189 8.44 15.93 -38.57
N ARG D 190 9.27 15.11 -37.93
CA ARG D 190 9.46 15.15 -36.49
C ARG D 190 10.47 16.21 -36.06
N TYR D 191 10.76 17.15 -36.94
CA TYR D 191 11.57 18.32 -36.60
C TYR D 191 10.76 19.60 -36.48
N VAL D 192 9.54 19.63 -37.02
CA VAL D 192 8.65 20.77 -36.80
C VAL D 192 7.77 20.58 -35.59
N ALA D 193 7.67 19.36 -35.05
CA ALA D 193 6.97 19.18 -33.79
C ALA D 193 7.61 20.01 -32.68
N PHE D 194 8.94 20.07 -32.66
CA PHE D 194 9.61 20.98 -31.73
C PHE D 194 9.39 22.43 -32.13
N ALA D 195 9.31 22.73 -33.42
CA ALA D 195 9.03 24.07 -33.87
C ALA D 195 7.59 24.50 -33.59
N SER D 196 6.76 23.59 -33.09
CA SER D 196 5.45 23.95 -32.55
C SER D 196 5.44 23.95 -31.03
N LEU D 197 6.17 23.03 -30.41
CA LEU D 197 6.23 23.00 -28.95
C LEU D 197 6.89 24.26 -28.40
N PHE D 198 7.93 24.75 -29.09
CA PHE D 198 8.57 25.99 -28.66
C PHE D 198 7.57 27.13 -28.61
N PHE D 199 6.73 27.26 -29.65
CA PHE D 199 5.76 28.33 -29.67
C PHE D 199 4.64 28.11 -28.66
N ILE D 200 4.24 26.86 -28.43
CA ILE D 200 3.27 26.58 -27.38
C ILE D 200 3.79 27.08 -26.04
N LEU D 201 5.04 26.74 -25.72
CA LEU D 201 5.58 27.12 -24.41
C LEU D 201 5.76 28.64 -24.30
N VAL D 202 6.21 29.29 -25.38
CA VAL D 202 6.39 30.73 -25.27
C VAL D 202 5.03 31.42 -25.20
N SER D 203 3.98 30.82 -25.78
CA SER D 203 2.66 31.41 -25.65
C SER D 203 2.12 31.26 -24.24
N ILE D 204 2.33 30.09 -23.62
CA ILE D 204 1.99 29.92 -22.21
C ILE D 204 2.69 30.97 -21.37
N THR D 205 3.99 31.19 -21.62
CA THR D 205 4.74 32.14 -20.81
C THR D 205 4.24 33.56 -21.01
N THR D 206 3.96 33.95 -22.25
CA THR D 206 3.44 35.29 -22.48
C THR D 206 2.07 35.48 -21.84
N PHE D 207 1.25 34.44 -21.85
CA PHE D 207 -0.02 34.51 -21.15
C PHE D 207 0.18 34.73 -19.66
N CYS D 208 1.05 33.92 -19.05
CA CYS D 208 1.29 34.02 -17.61
C CYS D 208 1.97 35.32 -17.21
N LEU D 209 2.63 36.00 -18.15
CA LEU D 209 3.26 37.28 -17.86
C LEU D 209 2.42 38.49 -18.22
N GLU D 210 1.34 38.31 -18.98
CA GLU D 210 0.45 39.44 -19.27
C GLU D 210 -0.25 39.93 -18.01
N THR D 211 -0.45 39.04 -17.04
CA THR D 211 -1.18 39.38 -15.82
C THR D 211 -0.30 40.07 -14.79
N HIS D 212 0.97 39.71 -14.74
CA HIS D 212 1.89 40.25 -13.74
C HIS D 212 1.89 41.77 -13.79
N GLU D 213 1.94 42.39 -12.62
CA GLU D 213 1.95 43.85 -12.52
C GLU D 213 3.40 44.35 -12.49
N ARG D 214 4.15 43.90 -13.47
CA ARG D 214 5.47 44.43 -13.80
C ARG D 214 5.55 44.88 -15.24
N PHE D 215 4.83 44.19 -16.13
CA PHE D 215 4.63 44.62 -17.51
C PHE D 215 3.27 45.30 -17.70
N ASN D 216 2.78 45.98 -16.67
CA ASN D 216 1.53 46.75 -16.75
C ASN D 216 1.71 48.04 -15.98
N PRO D 217 2.49 48.98 -16.52
CA PRO D 217 2.69 50.26 -15.83
C PRO D 217 1.45 51.13 -15.85
N GLU D 240 -2.31 49.12 -20.84
CA GLU D 240 -1.03 49.63 -20.37
C GLU D 240 0.04 48.56 -20.55
N THR D 241 -0.33 47.44 -21.17
CA THR D 241 0.58 46.33 -21.37
C THR D 241 1.72 46.73 -22.30
N GLU D 242 2.93 46.33 -21.93
CA GLU D 242 4.10 46.63 -22.76
C GLU D 242 3.96 46.00 -24.13
N ALA D 243 4.60 46.63 -25.12
CA ALA D 243 4.40 46.24 -26.51
C ALA D 243 5.16 44.98 -26.90
N PHE D 244 6.30 44.71 -26.26
CA PHE D 244 7.10 43.56 -26.68
C PHE D 244 6.38 42.25 -26.40
N LEU D 245 5.53 42.21 -25.37
CA LEU D 245 4.81 40.98 -25.07
C LEU D 245 3.75 40.69 -26.11
N THR D 246 2.97 41.70 -26.50
CA THR D 246 1.99 41.47 -27.55
C THR D 246 2.66 41.22 -28.89
N TYR D 247 3.84 41.80 -29.12
CA TYR D 247 4.61 41.47 -30.33
C TYR D 247 5.00 39.98 -30.32
N ILE D 248 5.51 39.49 -29.19
CA ILE D 248 5.90 38.09 -29.08
C ILE D 248 4.70 37.21 -29.38
N GLU D 249 3.58 37.44 -28.68
CA GLU D 249 2.43 36.58 -28.91
C GLU D 249 1.87 36.77 -30.31
N GLY D 250 2.12 37.90 -30.96
CA GLY D 250 1.76 38.05 -32.35
C GLY D 250 2.58 37.13 -33.25
N VAL D 251 3.88 37.03 -32.99
CA VAL D 251 4.70 36.05 -33.71
C VAL D 251 4.16 34.65 -33.46
N CYS D 252 3.81 34.34 -32.22
CA CYS D 252 3.29 33.02 -31.91
C CYS D 252 2.02 32.72 -32.69
N VAL D 253 1.09 33.66 -32.73
CA VAL D 253 -0.18 33.39 -33.41
C VAL D 253 0.01 33.37 -34.92
N VAL D 254 0.98 34.12 -35.43
CA VAL D 254 1.22 34.07 -36.87
C VAL D 254 1.98 32.80 -37.26
N TRP D 255 2.59 32.10 -36.30
CA TRP D 255 3.07 30.77 -36.62
C TRP D 255 1.98 29.71 -36.47
N PHE D 256 1.13 29.86 -35.46
CA PHE D 256 0.06 28.89 -35.28
C PHE D 256 -0.96 28.96 -36.40
N THR D 257 -1.18 30.14 -36.96
CA THR D 257 -2.02 30.25 -38.15
C THR D 257 -1.39 29.53 -39.33
N PHE D 258 -0.08 29.67 -39.50
CA PHE D 258 0.62 28.94 -40.55
C PHE D 258 0.47 27.43 -40.37
N GLU D 259 0.55 26.96 -39.13
CA GLU D 259 0.39 25.52 -38.90
C GLU D 259 -1.07 25.09 -39.08
N PHE D 260 -2.01 26.01 -38.87
CA PHE D 260 -3.42 25.73 -39.11
C PHE D 260 -3.80 25.90 -40.57
N LEU D 261 -2.85 26.25 -41.43
CA LEU D 261 -3.08 26.28 -42.86
C LEU D 261 -2.63 24.99 -43.54
N MET D 262 -2.40 23.93 -42.76
CA MET D 262 -2.16 22.61 -43.30
C MET D 262 -3.11 21.55 -42.76
N ARG D 263 -3.59 21.71 -41.53
CA ARG D 263 -4.48 20.72 -40.93
C ARG D 263 -5.91 20.84 -41.44
N VAL D 264 -6.14 21.67 -42.45
CA VAL D 264 -7.47 21.78 -43.06
C VAL D 264 -7.29 21.64 -44.57
N ILE D 265 -6.08 21.89 -45.05
CA ILE D 265 -5.78 21.83 -46.47
C ILE D 265 -5.52 20.41 -46.93
N PHE D 266 -4.68 19.66 -46.20
CA PHE D 266 -4.31 18.32 -46.60
C PHE D 266 -4.94 17.26 -45.71
N CYS D 267 -6.09 17.55 -45.12
CA CYS D 267 -6.63 16.46 -44.32
C CYS D 267 -7.75 15.75 -45.06
N PRO D 268 -7.82 14.42 -44.96
CA PRO D 268 -8.78 13.66 -45.77
C PRO D 268 -10.23 13.92 -45.42
N ASN D 269 -10.59 13.76 -44.16
CA ASN D 269 -11.99 13.81 -43.75
C ASN D 269 -12.44 15.24 -43.48
N LYS D 270 -13.73 15.48 -43.71
CA LYS D 270 -14.36 16.77 -43.48
C LYS D 270 -13.61 17.90 -44.18
N ILE D 280 -12.08 17.49 -31.84
CA ILE D 280 -11.93 17.47 -30.38
C ILE D 280 -10.83 18.45 -29.99
N ILE D 281 -9.64 18.27 -30.54
CA ILE D 281 -8.49 19.08 -30.20
C ILE D 281 -8.38 20.23 -31.18
N ASP D 282 -9.45 20.49 -31.93
CA ASP D 282 -9.44 21.54 -32.94
C ASP D 282 -10.41 22.67 -32.65
N PHE D 283 -11.65 22.36 -32.29
CA PHE D 283 -12.65 23.42 -32.11
C PHE D 283 -12.37 24.21 -30.84
N VAL D 284 -12.41 23.55 -29.69
CA VAL D 284 -12.24 24.23 -28.40
C VAL D 284 -10.79 24.18 -27.94
N ALA D 285 -9.86 23.84 -28.83
CA ALA D 285 -8.45 23.82 -28.50
C ALA D 285 -7.57 24.63 -29.45
N ILE D 286 -8.08 25.05 -30.60
CA ILE D 286 -7.31 25.89 -31.51
C ILE D 286 -8.09 27.21 -31.62
N LEU D 287 -8.76 27.58 -30.54
CA LEU D 287 -9.58 28.78 -30.44
C LEU D 287 -8.76 30.08 -30.37
N PRO D 288 -7.62 30.13 -29.65
CA PRO D 288 -6.87 31.39 -29.59
C PRO D 288 -6.45 31.92 -30.95
N PHE D 289 -6.20 31.03 -31.93
CA PHE D 289 -5.96 31.49 -33.28
C PHE D 289 -7.15 32.30 -33.79
N TYR D 290 -8.37 31.80 -33.56
CA TYR D 290 -9.56 32.57 -33.89
C TYR D 290 -9.67 33.83 -33.05
N LEU D 291 -9.03 33.85 -31.89
CA LEU D 291 -9.19 34.97 -30.97
C LEU D 291 -8.33 36.17 -31.36
N GLU D 292 -7.03 35.94 -31.56
CA GLU D 292 -6.11 37.08 -31.71
C GLU D 292 -6.44 37.92 -32.92
N VAL D 293 -7.06 37.34 -33.95
CA VAL D 293 -7.35 38.06 -35.17
C VAL D 293 -8.54 38.99 -34.96
N GLY D 294 -9.16 38.92 -33.79
CA GLY D 294 -10.28 39.78 -33.48
C GLY D 294 -11.51 39.00 -33.01
N LEU D 310 -12.25 37.85 -21.28
CA LEU D 310 -10.91 37.26 -21.30
C LEU D 310 -10.85 35.90 -20.61
N ARG D 311 -11.75 35.62 -19.69
CA ARG D 311 -11.75 34.32 -19.01
C ARG D 311 -11.83 33.18 -20.02
N VAL D 312 -12.96 33.08 -20.71
CA VAL D 312 -13.14 32.05 -21.73
C VAL D 312 -12.36 32.38 -22.99
N VAL D 313 -11.95 33.63 -23.16
CA VAL D 313 -11.08 33.99 -24.28
C VAL D 313 -9.75 33.26 -24.20
N ARG D 314 -9.06 33.37 -23.06
CA ARG D 314 -7.66 32.97 -22.99
C ARG D 314 -7.36 31.89 -21.96
N PHE D 315 -8.36 31.31 -21.30
CA PHE D 315 -8.11 30.03 -20.63
C PHE D 315 -7.60 29.01 -21.63
N VAL D 316 -8.14 29.04 -22.85
CA VAL D 316 -7.86 28.01 -23.86
C VAL D 316 -6.44 28.10 -24.38
N ARG D 317 -5.77 29.23 -24.22
CA ARG D 317 -4.38 29.33 -24.68
C ARG D 317 -3.51 28.28 -24.00
N ILE D 318 -3.83 27.91 -22.76
CA ILE D 318 -3.06 26.88 -22.07
C ILE D 318 -3.51 25.48 -22.42
N LEU D 319 -4.63 25.32 -23.11
CA LEU D 319 -5.10 23.98 -23.43
C LEU D 319 -4.29 23.32 -24.54
N ARG D 320 -3.48 24.08 -25.27
CA ARG D 320 -2.72 23.50 -26.37
C ARG D 320 -1.73 22.44 -25.90
N ILE D 321 -1.35 22.44 -24.62
CA ILE D 321 -0.42 21.44 -24.15
C ILE D 321 -1.06 20.06 -24.11
N PHE D 322 -2.38 20.00 -23.98
CA PHE D 322 -3.08 18.73 -24.06
C PHE D 322 -3.05 18.13 -25.45
N LYS D 323 -2.62 18.89 -26.46
CA LYS D 323 -2.40 18.32 -27.78
C LYS D 323 -1.15 17.46 -27.80
N LEU D 324 -0.06 17.93 -27.19
CA LEU D 324 1.19 17.20 -27.22
C LEU D 324 1.38 16.19 -26.09
N THR D 325 0.54 16.35 -25.07
CA THR D 325 0.57 15.51 -23.87
C THR D 325 -0.08 14.15 -24.16
N ARG D 326 -0.18 13.75 -25.41
CA ARG D 326 -0.57 12.40 -25.78
C ARG D 326 0.63 11.65 -26.33
N HIS D 327 1.74 12.34 -26.60
CA HIS D 327 2.95 11.68 -27.05
C HIS D 327 3.82 11.19 -25.91
N PHE D 328 3.47 11.52 -24.67
CA PHE D 328 4.15 11.02 -23.49
C PHE D 328 3.39 9.83 -22.95
N VAL D 329 4.11 8.77 -22.55
CA VAL D 329 3.42 7.54 -22.16
C VAL D 329 2.80 7.69 -20.78
N GLY D 330 3.44 8.44 -19.88
CA GLY D 330 2.89 8.61 -18.55
C GLY D 330 1.53 9.31 -18.56
N LEU D 331 1.39 10.32 -19.41
CA LEU D 331 0.12 11.03 -19.46
C LEU D 331 -0.94 10.25 -20.23
N ARG D 332 -0.55 9.40 -21.18
CA ARG D 332 -1.51 8.48 -21.77
C ARG D 332 -2.07 7.53 -20.72
N VAL D 333 -1.19 6.98 -19.88
CA VAL D 333 -1.65 6.09 -18.81
C VAL D 333 -2.55 6.85 -17.83
N LEU D 334 -2.17 8.10 -17.51
CA LEU D 334 -3.01 8.87 -16.60
C LEU D 334 -4.38 9.14 -17.20
N GLY D 335 -4.44 9.44 -18.50
CA GLY D 335 -5.72 9.66 -19.14
C GLY D 335 -6.57 8.41 -19.18
N HIS D 336 -5.96 7.27 -19.42
CA HIS D 336 -6.72 6.02 -19.41
C HIS D 336 -7.21 5.70 -18.00
N THR D 337 -6.42 6.02 -16.99
CA THR D 337 -6.84 5.79 -15.61
C THR D 337 -8.01 6.68 -15.23
N LEU D 338 -7.93 7.97 -15.55
CA LEU D 338 -8.95 8.93 -15.17
C LEU D 338 -10.31 8.67 -15.83
N ARG D 339 -10.39 7.66 -16.68
CA ARG D 339 -11.65 7.28 -17.29
C ARG D 339 -12.00 5.82 -17.16
N ALA D 340 -11.06 4.95 -16.79
CA ALA D 340 -11.41 3.58 -16.43
C ALA D 340 -11.82 3.47 -14.96
N SER D 341 -11.74 4.55 -14.20
CA SER D 341 -12.05 4.58 -12.78
C SER D 341 -12.92 5.78 -12.46
N THR D 342 -14.00 5.96 -13.22
CA THR D 342 -14.86 7.11 -13.08
C THR D 342 -15.96 6.92 -12.03
N ASN D 343 -16.04 5.75 -11.41
CA ASN D 343 -16.94 5.55 -10.29
C ASN D 343 -16.30 5.94 -8.97
N GLU D 344 -15.01 5.63 -8.82
CA GLU D 344 -14.26 5.97 -7.61
C GLU D 344 -13.99 7.46 -7.49
N PHE D 345 -14.52 8.29 -8.38
CA PHE D 345 -14.54 9.73 -8.19
C PHE D 345 -15.87 10.21 -7.64
N LEU D 346 -16.98 9.68 -8.16
CA LEU D 346 -18.27 9.92 -7.52
C LEU D 346 -18.24 9.44 -6.07
N LEU D 347 -17.64 8.29 -5.84
CA LEU D 347 -17.55 7.74 -4.49
C LEU D 347 -16.79 8.70 -3.57
N LEU D 348 -15.64 9.19 -4.02
CA LEU D 348 -14.84 10.08 -3.19
C LEU D 348 -15.55 11.41 -2.96
N ILE D 349 -16.18 11.95 -4.00
CA ILE D 349 -16.88 13.23 -3.85
C ILE D 349 -18.05 13.09 -2.90
N ILE D 350 -18.74 11.95 -2.92
CA ILE D 350 -19.88 11.78 -2.02
C ILE D 350 -19.42 11.59 -0.59
N PHE D 351 -18.37 10.79 -0.38
CA PHE D 351 -17.77 10.68 0.95
C PHE D 351 -17.41 12.06 1.49
N LEU D 352 -16.70 12.84 0.69
CA LEU D 352 -16.25 14.14 1.16
C LEU D 352 -17.41 15.10 1.39
N ALA D 353 -18.47 15.02 0.59
CA ALA D 353 -19.60 15.91 0.80
C ALA D 353 -20.35 15.58 2.08
N LEU D 354 -20.57 14.28 2.33
CA LEU D 354 -21.18 13.87 3.59
C LEU D 354 -20.34 14.33 4.78
N GLY D 355 -19.03 14.08 4.72
CA GLY D 355 -18.16 14.52 5.80
C GLY D 355 -18.23 16.02 6.02
N VAL D 356 -18.16 16.79 4.93
CA VAL D 356 -18.17 18.25 5.06
C VAL D 356 -19.46 18.72 5.71
N LEU D 357 -20.60 18.18 5.28
CA LEU D 357 -21.87 18.63 5.84
C LEU D 357 -21.98 18.27 7.32
N ILE D 358 -21.72 17.00 7.65
CA ILE D 358 -21.81 16.55 9.04
C ILE D 358 -20.92 17.40 9.93
N PHE D 359 -19.64 17.52 9.59
CA PHE D 359 -18.71 18.18 10.49
C PHE D 359 -18.87 19.68 10.51
N ALA D 360 -19.36 20.29 9.43
CA ALA D 360 -19.70 21.71 9.49
C ALA D 360 -20.80 21.95 10.50
N THR D 361 -21.84 21.13 10.48
CA THR D 361 -22.91 21.31 11.48
C THR D 361 -22.40 21.06 12.89
N MET D 362 -21.65 19.97 13.08
CA MET D 362 -21.13 19.64 14.41
C MET D 362 -20.28 20.77 14.96
N ILE D 363 -19.40 21.34 14.15
CA ILE D 363 -18.49 22.35 14.66
C ILE D 363 -19.23 23.66 14.91
N TYR D 364 -20.24 23.99 14.09
CA TYR D 364 -21.04 25.17 14.38
C TYR D 364 -21.68 25.06 15.76
N TYR D 365 -22.39 23.96 16.00
CA TYR D 365 -23.10 23.84 17.27
C TYR D 365 -22.14 23.73 18.44
N ALA D 366 -21.04 22.98 18.27
CA ALA D 366 -20.04 22.85 19.32
C ALA D 366 -19.49 24.22 19.72
N GLU D 367 -18.96 24.96 18.75
CA GLU D 367 -18.48 26.31 19.04
C GLU D 367 -19.56 27.20 19.61
N ARG D 368 -20.84 26.89 19.37
N ARG D 368 -20.84 26.89 19.37
CA ARG D 368 -21.91 27.70 19.92
C ARG D 368 -22.16 27.40 21.40
N ILE D 369 -22.05 26.15 21.83
CA ILE D 369 -22.30 25.85 23.25
C ILE D 369 -21.22 26.38 24.17
N GLY D 370 -20.06 26.73 23.63
CA GLY D 370 -18.95 27.23 24.41
C GLY D 370 -18.98 28.70 24.74
N ALA D 371 -20.16 29.28 24.89
CA ALA D 371 -20.34 30.69 25.24
C ALA D 371 -19.65 31.61 24.23
N SER D 377 -24.83 37.62 22.64
CA SER D 377 -26.14 37.56 22.00
C SER D 377 -26.05 36.90 20.63
N ALA D 378 -24.82 36.74 20.14
CA ALA D 378 -24.58 36.13 18.84
C ALA D 378 -23.24 35.41 18.91
N SER D 379 -22.69 35.06 17.75
CA SER D 379 -21.40 34.39 17.64
C SER D 379 -20.39 35.42 17.13
N GLU D 380 -19.81 36.18 18.05
CA GLU D 380 -18.81 37.18 17.71
C GLU D 380 -17.45 36.86 18.30
N HIS D 381 -17.29 35.69 18.92
CA HIS D 381 -16.05 35.29 19.56
C HIS D 381 -15.35 34.16 18.83
N THR D 382 -15.75 33.89 17.59
CA THR D 382 -15.26 32.71 16.89
C THR D 382 -15.33 32.94 15.39
N HIS D 383 -14.83 31.98 14.64
CA HIS D 383 -14.79 32.06 13.19
C HIS D 383 -16.04 31.47 12.54
N PHE D 384 -16.49 30.33 13.03
CA PHE D 384 -17.64 29.62 12.48
C PHE D 384 -18.91 30.35 12.90
N LYS D 385 -19.31 31.32 12.09
CA LYS D 385 -20.56 32.03 12.34
C LYS D 385 -21.73 31.46 11.55
N ASN D 386 -21.46 30.65 10.52
CA ASN D 386 -22.50 30.07 9.69
C ASN D 386 -22.20 28.59 9.50
N ILE D 387 -23.20 27.85 9.06
CA ILE D 387 -23.00 26.48 8.62
C ILE D 387 -22.36 26.44 7.23
N PRO D 388 -22.66 27.36 6.30
CA PRO D 388 -21.94 27.33 5.03
C PRO D 388 -20.44 27.52 5.17
N ILE D 389 -19.99 28.58 5.83
CA ILE D 389 -18.57 28.88 5.93
C ILE D 389 -17.83 27.77 6.63
N GLY D 390 -18.52 26.93 7.38
CA GLY D 390 -17.89 25.77 7.97
C GLY D 390 -17.45 24.73 6.95
N PHE D 391 -17.96 24.81 5.71
CA PHE D 391 -17.54 23.86 4.69
C PHE D 391 -16.08 24.06 4.34
N TRP D 392 -15.65 25.31 4.22
CA TRP D 392 -14.24 25.60 3.93
C TRP D 392 -13.34 24.98 4.98
N TRP D 393 -13.66 25.18 6.26
CA TRP D 393 -12.86 24.59 7.33
C TRP D 393 -12.89 23.07 7.25
N ALA D 394 -14.08 22.49 7.17
CA ALA D 394 -14.17 21.04 7.19
C ALA D 394 -13.53 20.39 5.98
N VAL D 395 -13.21 21.14 4.93
CA VAL D 395 -12.49 20.56 3.80
C VAL D 395 -11.01 20.88 3.78
N VAL D 396 -10.58 21.98 4.42
CA VAL D 396 -9.15 22.16 4.62
C VAL D 396 -8.62 21.41 5.83
N THR D 397 -9.51 20.78 6.61
CA THR D 397 -9.11 19.94 7.73
C THR D 397 -9.21 18.45 7.41
N MET D 398 -10.26 18.01 6.73
CA MET D 398 -10.39 16.60 6.38
C MET D 398 -9.25 16.15 5.48
N THR D 399 -8.76 17.03 4.61
CA THR D 399 -7.64 16.73 3.73
C THR D 399 -6.30 16.91 4.40
N THR D 400 -6.28 17.15 5.70
CA THR D 400 -5.07 17.44 6.47
C THR D 400 -4.25 18.55 5.81
N LEU D 401 -4.94 19.61 5.40
CA LEU D 401 -4.29 20.80 4.87
C LEU D 401 -4.06 21.84 5.95
N GLY D 402 -5.07 22.35 6.56
CA GLY D 402 -4.86 23.25 7.69
C GLY D 402 -4.22 24.52 7.34
N TYR D 403 -4.87 25.42 6.69
CA TYR D 403 -4.25 26.72 6.48
C TYR D 403 -4.02 27.43 7.81
N GLY D 404 -5.08 27.72 8.52
CA GLY D 404 -4.94 28.44 9.77
C GLY D 404 -5.79 29.68 9.78
N ASP D 405 -6.60 29.85 8.73
CA ASP D 405 -7.52 30.99 8.69
C ASP D 405 -8.70 30.78 9.63
N MET D 406 -9.14 29.53 9.80
CA MET D 406 -10.24 29.21 10.68
C MET D 406 -9.89 27.93 11.44
N TYR D 407 -9.90 28.01 12.76
CA TYR D 407 -9.62 26.87 13.62
C TYR D 407 -10.55 26.94 14.83
N PRO D 408 -10.76 25.82 15.52
CA PRO D 408 -11.60 25.85 16.71
C PRO D 408 -10.95 26.65 17.83
N GLN D 409 -11.79 27.24 18.69
CA GLN D 409 -11.31 28.03 19.81
C GLN D 409 -12.01 27.71 21.12
N THR D 410 -12.74 26.61 21.21
CA THR D 410 -13.31 26.14 22.46
C THR D 410 -13.13 24.64 22.55
N TRP D 411 -13.14 24.11 23.78
CA TRP D 411 -12.80 22.71 24.00
C TRP D 411 -13.71 21.77 23.22
N SER D 412 -15.00 22.12 23.08
CA SER D 412 -15.90 21.32 22.26
C SER D 412 -15.52 21.42 20.80
N GLY D 413 -15.20 22.63 20.34
CA GLY D 413 -14.69 22.77 19.00
C GLY D 413 -13.42 21.96 18.78
N MET D 414 -12.57 21.89 19.80
CA MET D 414 -11.32 21.15 19.66
C MET D 414 -11.57 19.66 19.55
N LEU D 415 -12.50 19.12 20.34
CA LEU D 415 -12.84 17.72 20.20
C LEU D 415 -13.42 17.43 18.82
N VAL D 416 -14.30 18.30 18.32
CA VAL D 416 -14.90 18.05 17.01
C VAL D 416 -13.85 18.14 15.90
N GLY D 417 -12.89 19.06 16.03
CA GLY D 417 -11.83 19.14 15.03
C GLY D 417 -10.91 17.93 15.07
N ALA D 418 -10.61 17.43 16.27
CA ALA D 418 -9.80 16.22 16.37
C ALA D 418 -10.52 15.02 15.82
N LEU D 419 -11.85 15.03 15.83
CA LEU D 419 -12.60 13.98 15.14
C LEU D 419 -12.57 14.18 13.63
N CYS D 420 -12.65 15.44 13.19
CA CYS D 420 -12.74 15.74 11.76
C CYS D 420 -11.46 15.34 11.04
N ALA D 421 -10.30 15.64 11.63
CA ALA D 421 -9.04 15.31 10.97
C ALA D 421 -8.94 13.81 10.67
N LEU D 422 -9.29 12.98 11.66
CA LEU D 422 -9.20 11.53 11.48
C LEU D 422 -10.25 11.01 10.52
N ALA D 423 -11.50 11.46 10.66
CA ALA D 423 -12.53 11.01 9.72
C ALA D 423 -12.16 11.40 8.30
N GLY D 424 -11.51 12.55 8.12
CA GLY D 424 -11.09 12.95 6.79
C GLY D 424 -9.99 12.06 6.25
N VAL D 425 -8.97 11.80 7.07
CA VAL D 425 -7.91 10.88 6.66
C VAL D 425 -8.51 9.55 6.20
N LEU D 426 -9.50 9.04 6.94
CA LEU D 426 -10.04 7.73 6.61
C LEU D 426 -10.90 7.77 5.35
N THR D 427 -11.83 8.72 5.27
CA THR D 427 -12.72 8.77 4.11
C THR D 427 -12.02 9.28 2.87
N ILE D 428 -10.79 9.74 2.97
CA ILE D 428 -10.01 9.99 1.77
C ILE D 428 -9.15 8.77 1.42
N ALA D 429 -8.53 8.14 2.42
CA ALA D 429 -7.69 7.01 2.14
C ALA D 429 -8.46 5.73 1.84
N MET D 430 -9.78 5.76 1.89
CA MET D 430 -10.46 4.50 1.55
C MET D 430 -10.59 4.25 0.04
N PRO D 431 -11.03 5.20 -0.79
CA PRO D 431 -11.12 4.92 -2.23
C PRO D 431 -9.89 5.31 -3.07
N VAL D 432 -8.98 6.10 -2.52
CA VAL D 432 -7.79 6.52 -3.26
C VAL D 432 -6.90 5.32 -3.58
N PRO D 433 -6.74 4.32 -2.71
CA PRO D 433 -5.99 3.13 -3.12
C PRO D 433 -6.63 2.39 -4.28
N VAL D 434 -7.95 2.36 -4.35
CA VAL D 434 -8.62 1.75 -5.49
C VAL D 434 -8.31 2.54 -6.75
N ILE D 435 -8.27 3.86 -6.65
CA ILE D 435 -7.90 4.68 -7.79
C ILE D 435 -6.45 4.42 -8.20
N VAL D 436 -5.58 4.20 -7.21
CA VAL D 436 -4.14 4.14 -7.46
C VAL D 436 -3.71 2.80 -8.05
N ASN D 437 -4.35 1.71 -7.63
CA ASN D 437 -4.00 0.41 -8.20
C ASN D 437 -4.23 0.37 -9.71
N ASN D 438 -5.23 1.10 -10.20
CA ASN D 438 -5.46 1.16 -11.64
C ASN D 438 -4.28 1.76 -12.37
N PHE D 439 -3.80 2.91 -11.89
CA PHE D 439 -2.63 3.51 -12.52
C PHE D 439 -1.43 2.60 -12.41
N GLY D 440 -1.25 1.95 -11.26
CA GLY D 440 -0.15 1.02 -11.13
C GLY D 440 -0.17 -0.05 -12.21
N MET D 441 -1.32 -0.69 -12.38
CA MET D 441 -1.44 -1.76 -13.36
C MET D 441 -1.26 -1.26 -14.79
N TYR D 442 -1.93 -0.16 -15.14
CA TYR D 442 -1.85 0.33 -16.50
C TYR D 442 -0.44 0.80 -16.83
N TYR D 443 0.24 1.44 -15.88
CA TYR D 443 1.60 1.90 -16.13
C TYR D 443 2.56 0.73 -16.24
N SER D 444 2.40 -0.29 -15.38
CA SER D 444 3.20 -1.49 -15.54
C SER D 444 3.03 -2.09 -16.92
N LEU D 445 1.79 -2.15 -17.42
CA LEU D 445 1.56 -2.72 -18.73
C LEU D 445 2.17 -1.86 -19.83
N ALA D 446 2.03 -0.54 -19.73
CA ALA D 446 2.60 0.33 -20.75
C ALA D 446 4.13 0.21 -20.79
N MET D 447 4.76 0.13 -19.62
CA MET D 447 6.22 -0.01 -19.60
C MET D 447 6.66 -1.38 -20.11
N ALA D 448 5.93 -2.43 -19.77
CA ALA D 448 6.26 -3.75 -20.28
C ALA D 448 6.12 -3.80 -21.80
N LYS D 449 5.13 -3.10 -22.35
N LYS D 449 5.12 -3.11 -22.34
CA LYS D 449 4.97 -3.05 -23.79
CA LYS D 449 4.98 -3.06 -23.80
C LYS D 449 6.04 -2.18 -24.43
C LYS D 449 6.06 -2.19 -24.43
N GLN D 450 6.53 -1.17 -23.72
CA GLN D 450 7.60 -0.33 -24.26
C GLN D 450 8.93 -1.06 -24.27
N LYS D 451 9.17 -1.92 -23.28
CA LYS D 451 10.45 -2.61 -23.12
C LYS D 451 10.52 -3.93 -23.89
N LEU D 452 9.55 -4.21 -24.75
CA LEU D 452 9.54 -5.43 -25.53
C LEU D 452 9.31 -5.11 -27.00
N PRO D 453 9.94 -5.87 -27.91
CA PRO D 453 9.80 -5.66 -29.35
C PRO D 453 8.39 -5.96 -29.86
#